data_8QRH
#
_entry.id   8QRH
#
_cell.length_a   1.00
_cell.length_b   1.00
_cell.length_c   1.00
_cell.angle_alpha   90.00
_cell.angle_beta   90.00
_cell.angle_gamma   90.00
#
_symmetry.space_group_name_H-M   'P 1'
#
loop_
_entity.id
_entity.type
_entity.pdbx_description
1 polymer 'Genome polyprotein'
2 polymer 'Small envelope protein M'
3 non-polymer 2-acetamido-2-deoxy-beta-D-glucopyranose
#
loop_
_entity_poly.entity_id
_entity_poly.type
_entity_poly.pdbx_seq_one_letter_code
_entity_poly.pdbx_strand_id
1 'polypeptide(L)'
;SRCTHLENRDFVTGTQGTTRVTLVLELGGCVTITAEGKPSMDVWLDSIYQENPAKTREYCLHAKLSDTKVAARCPTMGPA
TLAEEHQSGTVCKRDQSDRGWGNHCGLFGKGSIVTCVKASCEAKKKATGHVYDANKIVYTVKVEPHTGDYVAANETHSGR
KTASFTVSSEKTILTMGDYGDVSLLCRVASGVDLAQTVILELDKTSEHLPTAWQVHRDWFNDLALPWKHEGAQNWNNAER
LVEFGAPHAVKMDVYNLGDHTGVLLKSLAGVPVAHIDGTKYHLKSGHVTCEVGLEKLKMKGLTYTMCDKTKFTWKRIPTD
SGHDTVVMEVAFSGTKPCRIPVRAVAHGSPDVNVAMLITPNPIIENNGGGFIEMQLPPGDNIIYVGELSHQWFQKGSSIG
RVFQKTRKGIERLTVIGEHAWDFGSAGGFLTSVGKALHTVLGGAFNSLFGGVGFLPKILVGVVLAWLGLNMRNPTMSMSF
LLAGGLVLAMTL
;
A,B,C
2 'polypeptide(L)' VLIPSHAQGELTGRGHKWLEGDSLRTHLTRVEGWVWKNRLLALAMVTVVWLTLESVVTRVAVLVVLLCLAP D,E,F
#
loop_
_chem_comp.id
_chem_comp.type
_chem_comp.name
_chem_comp.formula
NAG D-saccharide, beta linking 2-acetamido-2-deoxy-beta-D-glucopyranose 'C8 H15 N O6'
#
# COMPACT_ATOMS: atom_id res chain seq x y z
N SER A 1 36.40 43.75 30.75
CA SER A 1 35.69 44.03 29.51
C SER A 1 35.34 42.74 28.78
N ARG A 2 34.31 42.03 29.27
CA ARG A 2 34.00 40.71 28.75
C ARG A 2 33.89 40.68 27.23
N CYS A 3 33.25 41.70 26.64
CA CYS A 3 32.91 41.62 25.22
C CYS A 3 34.12 41.49 24.31
N THR A 4 35.32 41.83 24.78
CA THR A 4 36.54 41.57 24.02
C THR A 4 36.80 40.08 23.80
N HIS A 5 36.25 39.21 24.63
CA HIS A 5 36.43 37.78 24.48
C HIS A 5 35.64 37.21 23.32
N LEU A 6 34.61 37.91 22.86
CA LEU A 6 33.77 37.40 21.78
C LEU A 6 34.19 37.99 20.44
N GLU A 7 33.80 37.29 19.38
CA GLU A 7 33.78 37.89 18.05
C GLU A 7 32.70 38.96 17.94
N ASN A 8 31.45 38.59 18.24
CA ASN A 8 30.28 39.41 17.92
C ASN A 8 29.98 40.44 19.02
N ARG A 9 30.93 41.35 19.23
CA ARG A 9 30.67 42.47 20.11
C ARG A 9 29.70 43.44 19.43
N ASP A 10 28.90 44.13 20.26
CA ASP A 10 28.16 45.31 19.82
C ASP A 10 28.47 46.50 20.70
N PHE A 11 28.34 47.70 20.13
CA PHE A 11 28.43 48.94 20.88
C PHE A 11 27.08 49.66 20.87
N VAL A 12 26.74 50.27 21.99
CA VAL A 12 25.61 51.19 22.09
C VAL A 12 26.09 52.46 22.78
N THR A 13 25.61 53.61 22.32
CA THR A 13 26.15 54.90 22.73
C THR A 13 25.02 55.83 23.16
N GLY A 14 25.26 56.56 24.25
CA GLY A 14 24.29 57.51 24.76
C GLY A 14 24.86 58.89 24.95
N THR A 15 24.16 59.92 24.47
CA THR A 15 24.46 61.29 24.85
C THR A 15 24.21 61.50 26.34
N GLN A 16 24.63 62.66 26.83
CA GLN A 16 24.04 63.22 28.05
C GLN A 16 22.53 63.24 27.94
N GLY A 17 21.87 63.02 29.07
CA GLY A 17 20.41 62.92 29.07
C GLY A 17 19.89 61.68 28.39
N THR A 18 20.72 60.64 28.26
CA THR A 18 20.25 59.30 27.97
C THR A 18 19.76 58.65 29.26
N THR A 19 18.68 57.88 29.15
CA THR A 19 18.03 57.33 30.33
C THR A 19 17.87 55.82 30.19
N ARG A 20 16.67 55.36 29.82
CA ARG A 20 16.41 53.93 29.71
C ARG A 20 16.73 53.50 28.28
N VAL A 21 17.94 52.98 28.07
CA VAL A 21 18.33 52.44 26.78
C VAL A 21 17.56 51.15 26.52
N THR A 22 17.16 50.92 25.28
CA THR A 22 16.60 49.63 24.89
C THR A 22 17.68 48.79 24.22
N LEU A 23 17.74 47.52 24.58
CA LEU A 23 18.66 46.55 24.01
C LEU A 23 17.88 45.33 23.53
N VAL A 24 18.47 44.62 22.58
CA VAL A 24 18.10 43.23 22.31
C VAL A 24 19.32 42.38 22.62
N LEU A 25 19.37 41.84 23.83
CA LEU A 25 20.46 40.95 24.21
C LEU A 25 20.32 39.63 23.49
N GLU A 26 21.44 39.12 22.99
CA GLU A 26 21.45 37.89 22.21
C GLU A 26 22.48 36.92 22.75
N LEU A 27 22.10 35.64 22.81
CA LEU A 27 22.93 34.60 23.37
C LEU A 27 24.15 34.38 22.47
N GLY A 28 25.35 34.50 23.04
CA GLY A 28 26.55 34.53 22.25
C GLY A 28 26.95 35.89 21.74
N GLY A 29 26.27 36.95 22.18
CA GLY A 29 26.67 38.31 21.92
C GLY A 29 26.84 39.08 23.22
N CYS A 30 27.29 40.33 23.08
CA CYS A 30 27.68 41.12 24.24
C CYS A 30 27.68 42.58 23.84
N VAL A 31 27.00 43.42 24.62
CA VAL A 31 26.74 44.81 24.29
C VAL A 31 27.54 45.70 25.24
N THR A 32 28.42 46.53 24.68
CA THR A 32 29.05 47.59 25.46
C THR A 32 28.15 48.82 25.38
N ILE A 33 27.45 49.11 26.47
CA ILE A 33 26.78 50.40 26.63
C ILE A 33 27.80 51.45 27.03
N THR A 34 27.78 52.60 26.35
CA THR A 34 28.61 53.75 26.64
C THR A 34 27.71 54.97 26.77
N ALA A 35 28.07 55.89 27.66
CA ALA A 35 27.34 57.14 27.73
C ALA A 35 28.24 58.23 28.29
N GLU A 36 27.95 59.47 27.89
CA GLU A 36 28.71 60.63 28.34
C GLU A 36 28.59 60.80 29.85
N GLY A 37 29.73 60.96 30.52
CA GLY A 37 29.74 61.19 31.95
C GLY A 37 29.37 60.00 32.80
N LYS A 38 29.35 58.80 32.23
CA LYS A 38 28.99 57.59 32.96
C LYS A 38 30.03 56.51 32.71
N PRO A 39 30.18 55.57 33.64
CA PRO A 39 30.93 54.35 33.35
C PRO A 39 30.25 53.50 32.30
N SER A 40 31.06 52.87 31.44
CA SER A 40 30.56 51.96 30.43
C SER A 40 30.22 50.61 31.08
N MET A 41 29.26 49.92 30.48
CA MET A 41 28.84 48.60 30.97
C MET A 41 28.95 47.56 29.86
N ASP A 42 29.45 46.37 30.18
CA ASP A 42 29.16 45.21 29.36
C ASP A 42 27.89 44.52 29.86
N VAL A 43 27.04 44.12 28.92
CA VAL A 43 25.77 43.47 29.23
C VAL A 43 25.59 42.29 28.30
N TRP A 44 25.18 41.14 28.85
CA TRP A 44 24.92 40.02 27.96
C TRP A 44 23.89 39.06 28.56
N LEU A 45 23.23 38.32 27.68
CA LEU A 45 22.39 37.19 28.09
C LEU A 45 23.28 35.96 28.26
N ASP A 46 23.54 35.57 29.51
CA ASP A 46 24.46 34.47 29.76
C ASP A 46 23.87 33.13 29.33
N SER A 47 22.67 32.78 29.80
CA SER A 47 22.12 31.48 29.45
C SER A 47 20.60 31.47 29.58
N ILE A 48 19.99 30.51 28.89
CA ILE A 48 18.57 30.20 28.99
C ILE A 48 18.43 28.71 29.27
N TYR A 49 17.64 28.36 30.28
CA TYR A 49 17.52 26.96 30.69
C TYR A 49 16.22 26.75 31.45
N GLN A 50 15.88 25.47 31.63
CA GLN A 50 14.81 25.11 32.55
C GLN A 50 15.18 23.81 33.27
N GLU A 51 14.75 23.68 34.52
CA GLU A 51 14.93 22.43 35.27
C GLU A 51 13.81 21.44 34.99
N ASN A 52 14.20 20.24 34.56
CA ASN A 52 13.29 19.13 34.32
C ASN A 52 12.04 19.46 33.50
N PRO A 53 12.21 19.87 32.24
CA PRO A 53 11.05 20.02 31.36
C PRO A 53 10.26 18.73 31.23
N ALA A 54 8.99 18.88 30.84
CA ALA A 54 8.10 17.74 30.68
C ALA A 54 8.46 16.95 29.42
N LYS A 55 8.48 15.62 29.53
CA LYS A 55 8.77 14.78 28.38
C LYS A 55 7.56 14.72 27.45
N THR A 56 7.76 15.07 26.18
CA THR A 56 6.67 15.08 25.22
C THR A 56 6.43 13.70 24.61
N ARG A 57 7.49 13.03 24.16
CA ARG A 57 7.39 11.68 23.62
C ARG A 57 8.73 10.97 23.76
N GLU A 58 8.66 9.65 23.73
CA GLU A 58 9.78 8.80 23.37
C GLU A 58 9.55 8.20 21.98
N TYR A 59 10.62 8.16 21.18
CA TYR A 59 10.68 7.39 19.95
C TYR A 59 11.69 6.26 20.10
N CYS A 60 11.41 5.14 19.44
CA CYS A 60 12.26 3.96 19.49
C CYS A 60 13.13 3.88 18.24
N LEU A 61 14.40 3.52 18.43
CA LEU A 61 15.36 3.51 17.34
C LEU A 61 15.82 2.11 16.92
N HIS A 62 15.54 1.07 17.71
CA HIS A 62 15.96 -0.27 17.32
C HIS A 62 15.04 -1.27 18.01
N ALA A 63 14.15 -1.90 17.23
CA ALA A 63 13.24 -2.89 17.80
C ALA A 63 13.91 -4.24 17.98
N LYS A 64 13.80 -4.81 19.18
CA LYS A 64 13.97 -6.23 19.42
C LYS A 64 12.68 -6.96 19.03
N LEU A 65 12.84 -8.08 18.33
CA LEU A 65 11.71 -8.93 17.95
C LEU A 65 11.94 -10.32 18.51
N SER A 66 10.86 -10.98 18.93
CA SER A 66 10.99 -12.34 19.47
C SER A 66 9.65 -13.05 19.46
N ASP A 67 9.72 -14.37 19.73
CA ASP A 67 8.56 -15.25 19.83
C ASP A 67 7.69 -15.25 18.56
N THR A 68 8.34 -15.38 17.40
CA THR A 68 7.60 -15.47 16.15
C THR A 68 6.67 -16.69 16.18
N LYS A 69 5.40 -16.47 15.86
CA LYS A 69 4.46 -17.57 15.70
C LYS A 69 3.61 -17.37 14.45
N VAL A 70 3.08 -18.48 13.93
CA VAL A 70 2.35 -18.52 12.67
C VAL A 70 1.15 -19.44 12.82
N ALA A 71 0.05 -19.09 12.15
CA ALA A 71 -1.08 -20.00 11.98
C ALA A 71 -1.62 -19.87 10.56
N ALA A 72 -2.08 -21.00 10.00
CA ALA A 72 -2.58 -21.01 8.63
C ALA A 72 -3.75 -21.98 8.49
N ARG A 73 -4.59 -21.70 7.48
CA ARG A 73 -5.80 -22.45 7.21
C ARG A 73 -5.90 -22.75 5.72
N CYS A 74 -6.31 -23.98 5.40
CA CYS A 74 -6.56 -24.43 4.04
C CYS A 74 -7.67 -23.60 3.37
N PRO A 75 -7.75 -23.64 2.03
CA PRO A 75 -8.38 -22.54 1.29
C PRO A 75 -9.81 -22.22 1.67
N THR A 76 -10.58 -23.17 2.19
CA THR A 76 -11.96 -22.91 2.59
C THR A 76 -12.19 -22.94 4.09
N MET A 77 -11.16 -23.16 4.91
CA MET A 77 -11.32 -23.25 6.35
C MET A 77 -11.27 -21.89 7.04
N GLY A 78 -11.58 -20.83 6.30
CA GLY A 78 -11.77 -19.50 6.86
C GLY A 78 -10.51 -18.87 7.41
N PRO A 79 -10.66 -17.70 8.02
CA PRO A 79 -9.49 -16.98 8.57
C PRO A 79 -8.78 -17.75 9.66
N ALA A 80 -7.47 -17.92 9.49
CA ALA A 80 -6.62 -18.38 10.59
C ALA A 80 -6.45 -17.27 11.60
N THR A 81 -6.39 -17.63 12.88
CA THR A 81 -6.33 -16.63 13.94
C THR A 81 -5.43 -17.12 15.08
N LEU A 82 -4.87 -16.15 15.79
CA LEU A 82 -3.99 -16.40 16.93
C LEU A 82 -4.41 -15.52 18.11
N ALA A 83 -4.28 -16.07 19.32
CA ALA A 83 -4.46 -15.30 20.54
C ALA A 83 -3.51 -14.11 20.63
N GLU A 84 -2.37 -14.15 19.92
CA GLU A 84 -1.43 -13.04 19.92
C GLU A 84 -1.96 -11.80 19.22
N GLU A 85 -3.01 -11.92 18.40
CA GLU A 85 -3.48 -10.78 17.62
C GLU A 85 -4.03 -9.67 18.51
N HIS A 86 -4.49 -10.01 19.71
CA HIS A 86 -5.10 -9.04 20.61
C HIS A 86 -4.15 -8.47 21.66
N GLN A 87 -3.16 -9.24 22.09
CA GLN A 87 -2.33 -8.83 23.22
C GLN A 87 -1.62 -7.51 22.94
N SER A 88 -1.22 -6.86 24.03
CA SER A 88 -0.35 -5.68 23.95
C SER A 88 1.06 -6.05 23.54
N GLY A 89 1.68 -5.18 22.73
CA GLY A 89 3.07 -5.37 22.35
C GLY A 89 3.32 -6.41 21.28
N THR A 90 2.28 -6.93 20.64
CA THR A 90 2.46 -7.82 19.50
C THR A 90 2.25 -7.06 18.19
N VAL A 91 3.13 -7.35 17.23
CA VAL A 91 2.97 -6.92 15.84
C VAL A 91 2.55 -8.15 15.04
N CYS A 92 1.49 -7.99 14.25
CA CYS A 92 0.95 -9.12 13.49
C CYS A 92 0.69 -8.70 12.04
N LYS A 93 0.68 -9.69 11.16
CA LYS A 93 0.24 -9.49 9.79
C LYS A 93 -0.58 -10.67 9.31
N ARG A 94 -1.61 -10.37 8.52
CA ARG A 94 -2.48 -11.34 7.87
C ARG A 94 -2.25 -11.31 6.36
N ASP A 95 -2.24 -12.48 5.73
CA ASP A 95 -2.00 -12.58 4.30
C ASP A 95 -2.61 -13.88 3.78
N GLN A 96 -2.30 -14.22 2.53
CA GLN A 96 -2.69 -15.49 1.93
C GLN A 96 -1.48 -16.16 1.29
N SER A 97 -1.50 -17.49 1.31
CA SER A 97 -0.45 -18.30 0.70
C SER A 97 -1.07 -19.29 -0.28
N ASP A 98 -0.34 -19.61 -1.35
CA ASP A 98 -0.83 -20.66 -2.24
C ASP A 98 -0.66 -22.02 -1.59
N ARG A 99 -1.74 -22.80 -1.53
CA ARG A 99 -1.76 -24.10 -0.89
C ARG A 99 -2.48 -25.11 -1.79
N GLY A 100 -2.22 -26.39 -1.51
CA GLY A 100 -2.89 -27.44 -2.24
C GLY A 100 -2.44 -28.79 -1.74
N TRP A 101 -2.66 -29.82 -2.57
CA TRP A 101 -2.26 -31.17 -2.21
C TRP A 101 -0.75 -31.30 -2.00
N GLY A 102 0.03 -30.31 -2.44
CA GLY A 102 1.45 -30.29 -2.13
C GLY A 102 1.73 -30.12 -0.66
N ASN A 103 0.80 -29.48 0.07
CA ASN A 103 0.93 -29.28 1.51
C ASN A 103 -0.34 -29.73 2.22
N HIS A 104 -0.86 -30.88 1.80
CA HIS A 104 -1.84 -31.69 2.53
C HIS A 104 -3.22 -31.04 2.70
N CYS A 105 -3.50 -29.92 2.05
CA CYS A 105 -4.88 -29.50 1.96
C CYS A 105 -5.64 -30.39 0.99
N GLY A 106 -6.96 -30.30 1.04
CA GLY A 106 -7.80 -30.97 0.05
C GLY A 106 -8.06 -30.17 -1.21
N LEU A 107 -8.07 -28.84 -1.09
CA LEU A 107 -8.36 -27.95 -2.19
C LEU A 107 -7.11 -27.20 -2.61
N PHE A 108 -6.91 -27.06 -3.91
CA PHE A 108 -5.96 -26.09 -4.43
C PHE A 108 -6.55 -24.70 -4.35
N GLY A 109 -5.77 -23.76 -3.81
CA GLY A 109 -6.23 -22.39 -3.73
C GLY A 109 -5.45 -21.61 -2.69
N LYS A 110 -5.94 -20.41 -2.40
CA LYS A 110 -5.26 -19.51 -1.47
C LYS A 110 -5.71 -19.79 -0.04
N GLY A 111 -4.79 -20.32 0.77
CA GLY A 111 -5.02 -20.44 2.19
C GLY A 111 -4.84 -19.11 2.91
N SER A 112 -5.47 -19.01 4.08
CA SER A 112 -5.28 -17.86 4.96
C SER A 112 -4.10 -18.09 5.89
N ILE A 113 -3.33 -17.04 6.15
CA ILE A 113 -2.18 -17.15 7.03
C ILE A 113 -2.06 -15.88 7.87
N VAL A 114 -1.58 -16.04 9.11
CA VAL A 114 -1.35 -14.93 10.02
C VAL A 114 -0.07 -15.24 10.80
N THR A 115 0.68 -14.19 11.12
CA THR A 115 1.89 -14.33 11.92
C THR A 115 2.02 -13.16 12.89
N CYS A 116 2.67 -13.41 14.03
CA CYS A 116 2.84 -12.41 15.05
C CYS A 116 4.20 -12.53 15.72
N VAL A 117 4.75 -11.39 16.14
CA VAL A 117 5.96 -11.33 16.95
C VAL A 117 5.74 -10.38 18.13
N LYS A 118 6.44 -10.63 19.23
CA LYS A 118 6.65 -9.60 20.23
C LYS A 118 7.66 -8.58 19.71
N ALA A 119 7.37 -7.30 19.92
CA ALA A 119 8.25 -6.20 19.55
C ALA A 119 8.45 -5.25 20.71
N SER A 120 9.71 -5.00 21.08
CA SER A 120 10.05 -4.22 22.26
C SER A 120 11.26 -3.35 21.93
N CYS A 121 11.34 -2.16 22.50
CA CYS A 121 12.48 -1.30 22.19
C CYS A 121 13.75 -1.76 22.89
N GLU A 122 14.84 -1.82 22.13
CA GLU A 122 16.10 -2.35 22.62
C GLU A 122 16.80 -1.33 23.51
N ALA A 123 17.04 -1.72 24.77
CA ALA A 123 17.94 -1.03 25.70
C ALA A 123 17.82 0.49 25.73
N LYS A 124 18.86 1.17 25.26
CA LYS A 124 18.98 2.63 25.32
C LYS A 124 18.55 3.33 24.04
N LYS A 125 17.99 2.60 23.07
CA LYS A 125 17.76 3.14 21.73
C LYS A 125 16.47 3.97 21.67
N LYS A 126 16.42 5.03 22.49
CA LYS A 126 15.28 5.92 22.51
C LYS A 126 15.71 7.36 22.34
N ALA A 127 14.84 8.13 21.67
CA ALA A 127 14.93 9.58 21.60
C ALA A 127 13.82 10.21 22.44
N THR A 128 14.19 11.12 23.34
CA THR A 128 13.24 11.76 24.24
C THR A 128 13.09 13.23 23.88
N GLY A 129 11.84 13.67 23.71
CA GLY A 129 11.53 15.07 23.50
C GLY A 129 11.08 15.77 24.77
N HIS A 130 11.60 16.97 24.98
CA HIS A 130 11.23 17.81 26.12
C HIS A 130 10.76 19.19 25.66
N VAL A 131 9.81 19.75 26.42
CA VAL A 131 9.16 21.02 26.11
C VAL A 131 9.32 21.96 27.29
N TYR A 132 9.67 23.22 27.00
CA TYR A 132 9.84 24.25 28.01
C TYR A 132 8.49 24.78 28.51
N ASP A 133 8.52 25.40 29.68
CA ASP A 133 7.35 26.02 30.30
C ASP A 133 7.64 27.50 30.52
N ALA A 134 6.82 28.36 29.91
CA ALA A 134 6.99 29.81 30.00
C ALA A 134 7.00 30.32 31.43
N ASN A 135 6.33 29.63 32.36
CA ASN A 135 6.28 30.08 33.74
C ASN A 135 7.53 29.76 34.53
N LYS A 136 8.41 28.92 34.01
CA LYS A 136 9.52 28.36 34.78
C LYS A 136 10.88 28.54 34.12
N ILE A 137 10.95 28.77 32.81
CA ILE A 137 12.23 29.03 32.15
C ILE A 137 12.84 30.32 32.68
N VAL A 138 14.14 30.27 32.96
CA VAL A 138 14.87 31.36 33.61
C VAL A 138 15.83 31.97 32.60
N TYR A 139 15.74 33.29 32.40
CA TYR A 139 16.71 34.02 31.60
C TYR A 139 17.72 34.70 32.51
N THR A 140 18.99 34.34 32.39
CA THR A 140 20.03 34.92 33.23
C THR A 140 20.77 36.00 32.45
N VAL A 141 20.63 37.25 32.87
CA VAL A 141 21.32 38.39 32.29
C VAL A 141 22.47 38.77 33.21
N LYS A 142 23.64 39.01 32.64
CA LYS A 142 24.78 39.44 33.44
C LYS A 142 25.24 40.82 33.00
N VAL A 143 25.85 41.54 33.93
CA VAL A 143 26.33 42.90 33.73
C VAL A 143 27.70 43.03 34.39
N GLU A 144 28.59 43.79 33.76
CA GLU A 144 29.94 43.98 34.29
C GLU A 144 30.44 45.40 33.99
N PRO A 145 30.82 46.17 35.02
CA PRO A 145 31.34 47.51 34.76
C PRO A 145 32.72 47.47 34.14
N HIS A 146 32.99 48.48 33.31
CA HIS A 146 34.32 48.72 32.78
C HIS A 146 35.23 49.32 33.85
N THR A 147 35.62 48.50 34.82
CA THR A 147 36.45 48.98 35.92
C THR A 147 37.93 49.09 35.53
N GLY A 148 38.33 48.54 34.41
CA GLY A 148 39.66 48.73 33.90
C GLY A 148 40.71 47.82 34.50
N ASP A 149 40.30 46.69 35.08
CA ASP A 149 41.21 45.63 35.47
C ASP A 149 40.88 44.41 34.63
N TYR A 150 41.86 43.93 33.87
CA TYR A 150 41.61 42.89 32.88
C TYR A 150 41.55 41.50 33.51
N VAL A 151 40.80 40.61 32.86
CA VAL A 151 40.63 39.25 33.33
C VAL A 151 40.41 38.36 32.11
N ALA A 152 40.94 37.15 32.16
CA ALA A 152 40.79 36.19 31.08
C ALA A 152 39.41 35.52 31.12
N ALA A 153 39.08 34.84 30.02
CA ALA A 153 37.83 34.10 29.93
C ALA A 153 37.82 32.92 30.88
N ASN A 154 39.00 32.52 31.37
CA ASN A 154 39.20 31.38 32.24
C ASN A 154 39.18 31.78 33.71
N GLU A 155 38.78 33.01 34.00
CA GLU A 155 38.85 33.56 35.35
C GLU A 155 37.63 34.46 35.54
N THR A 156 37.20 34.59 36.79
CA THR A 156 35.95 35.28 37.10
C THR A 156 36.23 36.68 37.61
N HIS A 157 35.59 37.66 36.97
CA HIS A 157 35.79 39.07 37.30
C HIS A 157 35.31 39.38 38.71
N SER A 158 35.97 40.36 39.34
CA SER A 158 35.69 40.73 40.72
C SER A 158 34.32 41.38 40.91
N GLY A 159 33.72 41.89 39.84
CA GLY A 159 32.52 42.69 39.93
C GLY A 159 31.39 42.28 39.01
N ARG A 160 31.48 41.09 38.42
CA ARG A 160 30.40 40.58 37.60
C ARG A 160 29.13 40.41 38.42
N LYS A 161 28.00 40.81 37.85
CA LYS A 161 26.72 40.75 38.55
C LYS A 161 25.70 39.98 37.72
N THR A 162 24.92 39.14 38.40
CA THR A 162 23.92 38.29 37.77
C THR A 162 22.53 38.72 38.21
N ALA A 163 21.63 38.94 37.25
CA ALA A 163 20.20 39.00 37.48
C ALA A 163 19.52 37.82 36.80
N SER A 164 18.66 37.13 37.53
CA SER A 164 17.86 36.05 36.95
C SER A 164 16.43 36.56 36.77
N PHE A 165 15.88 36.34 35.57
CA PHE A 165 14.57 36.82 35.19
C PHE A 165 13.61 35.68 34.94
N THR A 166 12.36 35.89 35.36
CA THR A 166 11.23 34.98 35.22
C THR A 166 9.98 35.84 35.26
N VAL A 167 8.83 35.24 34.97
CA VAL A 167 7.59 36.00 34.98
C VAL A 167 7.33 36.66 36.33
N SER A 168 7.90 36.11 37.40
CA SER A 168 7.80 36.70 38.73
C SER A 168 8.60 37.99 38.88
N SER A 169 9.37 38.38 37.88
CA SER A 169 10.35 39.45 38.04
C SER A 169 9.78 40.83 37.68
N GLU A 170 10.57 41.85 37.99
CA GLU A 170 10.18 43.25 37.91
C GLU A 170 11.40 44.03 37.45
N LYS A 171 11.30 45.36 37.42
CA LYS A 171 12.49 46.18 37.35
C LYS A 171 13.48 45.76 38.44
N THR A 172 14.61 45.19 38.02
CA THR A 172 15.59 44.62 38.93
C THR A 172 16.74 45.61 39.07
N ILE A 173 17.04 45.98 40.32
CA ILE A 173 18.09 46.95 40.61
C ILE A 173 19.35 46.19 40.98
N LEU A 174 20.43 46.44 40.25
CA LEU A 174 21.72 45.83 40.51
C LEU A 174 22.67 46.90 41.02
N THR A 175 23.25 46.68 42.18
CA THR A 175 24.15 47.66 42.80
C THR A 175 25.59 47.24 42.52
N MET A 176 26.31 48.09 41.79
CA MET A 176 27.65 47.81 41.32
C MET A 176 28.69 48.62 42.08
N GLY A 177 28.55 48.67 43.40
CA GLY A 177 29.45 49.44 44.24
C GLY A 177 29.50 50.91 43.86
N ASP A 178 30.72 51.45 43.79
CA ASP A 178 30.90 52.87 43.50
C ASP A 178 30.55 53.26 42.08
N TYR A 179 30.25 52.30 41.21
CA TYR A 179 29.68 52.60 39.90
C TYR A 179 28.17 52.81 39.93
N GLY A 180 27.54 52.69 41.10
CA GLY A 180 26.12 52.97 41.23
C GLY A 180 25.23 51.82 40.81
N ASP A 181 23.93 52.12 40.82
CA ASP A 181 22.90 51.14 40.47
C ASP A 181 22.60 51.17 38.98
N VAL A 182 22.07 50.04 38.50
CA VAL A 182 21.55 49.93 37.14
C VAL A 182 20.25 49.16 37.17
N SER A 183 19.32 49.50 36.27
CA SER A 183 17.96 48.95 36.30
C SER A 183 17.72 48.09 35.08
N LEU A 184 17.41 46.82 35.28
CA LEU A 184 17.07 45.94 34.15
C LEU A 184 15.59 45.59 34.19
N LEU A 185 14.90 45.81 33.07
CA LEU A 185 13.58 45.19 32.88
C LEU A 185 13.61 44.36 31.61
N CYS A 186 13.31 43.07 31.72
CA CYS A 186 13.41 42.16 30.58
C CYS A 186 12.10 41.39 30.41
N ARG A 187 11.61 41.34 29.18
CA ARG A 187 10.27 40.82 28.90
C ARG A 187 10.38 39.33 28.61
N VAL A 188 10.03 38.50 29.59
CA VAL A 188 10.07 37.04 29.40
C VAL A 188 9.21 36.63 28.21
N ALA A 189 8.04 37.26 28.05
CA ALA A 189 7.16 37.02 26.91
C ALA A 189 7.73 37.50 25.58
N SER A 190 8.84 38.22 25.59
CA SER A 190 9.51 38.61 24.35
C SER A 190 10.61 37.65 23.94
N GLY A 191 10.89 36.62 24.72
CA GLY A 191 11.94 35.68 24.40
C GLY A 191 11.62 34.74 23.26
N VAL A 192 12.37 33.63 23.17
CA VAL A 192 12.12 32.61 22.18
C VAL A 192 10.70 32.04 22.28
N ASP A 193 10.23 31.50 21.16
CA ASP A 193 8.95 30.81 21.12
C ASP A 193 9.12 29.43 21.72
N LEU A 194 8.51 29.21 22.89
CA LEU A 194 8.64 27.98 23.65
C LEU A 194 7.69 26.88 23.18
N ALA A 195 6.71 27.21 22.35
CA ALA A 195 5.89 26.19 21.70
C ALA A 195 6.60 25.54 20.53
N GLN A 196 7.25 26.32 19.69
CA GLN A 196 7.88 25.80 18.47
C GLN A 196 9.12 24.96 18.76
N THR A 197 9.64 24.98 19.98
CA THR A 197 10.93 24.36 20.31
C THR A 197 10.71 23.05 21.04
N VAL A 198 11.47 22.02 20.65
CA VAL A 198 11.56 20.78 21.41
C VAL A 198 13.04 20.42 21.55
N ILE A 199 13.45 20.05 22.76
CA ILE A 199 14.77 19.45 22.95
C ILE A 199 14.68 17.96 22.66
N LEU A 200 15.49 17.49 21.73
CA LEU A 200 15.62 16.07 21.41
C LEU A 200 16.90 15.57 22.06
N GLU A 201 16.82 14.48 22.82
CA GLU A 201 18.01 13.83 23.33
C GLU A 201 18.03 12.35 22.98
N LEU A 202 19.22 11.83 22.71
CA LEU A 202 19.43 10.38 22.62
C LEU A 202 19.97 9.85 23.93
N ASP A 203 20.75 8.77 23.87
CA ASP A 203 21.56 8.35 25.01
C ASP A 203 22.61 9.41 25.28
N LYS A 204 22.41 10.18 26.34
CA LYS A 204 23.36 11.22 26.73
C LYS A 204 24.79 10.70 26.92
N THR A 205 24.93 9.42 27.25
CA THR A 205 26.25 8.85 27.50
C THR A 205 27.04 8.56 26.23
N SER A 206 26.43 8.70 25.06
CA SER A 206 27.14 8.48 23.81
C SER A 206 28.38 9.35 23.74
N GLU A 207 29.55 8.70 23.69
CA GLU A 207 30.81 9.39 23.91
C GLU A 207 31.05 10.48 22.86
N HIS A 208 30.71 10.19 21.60
CA HIS A 208 31.03 11.07 20.50
C HIS A 208 29.78 11.67 19.86
N LEU A 209 28.86 12.19 20.67
CA LEU A 209 27.73 12.97 20.18
C LEU A 209 27.43 14.10 21.15
N PRO A 210 26.83 15.19 20.65
CA PRO A 210 26.23 16.17 21.56
C PRO A 210 25.07 15.57 22.34
N THR A 211 24.81 16.16 23.51
CA THR A 211 23.77 15.65 24.40
C THR A 211 22.37 15.83 23.80
N ALA A 212 22.13 16.93 23.09
CA ALA A 212 20.77 17.19 22.62
C ALA A 212 20.79 18.15 21.43
N TRP A 213 19.63 18.24 20.77
CA TRP A 213 19.42 19.11 19.62
C TRP A 213 18.14 19.92 19.83
N GLN A 214 18.17 21.19 19.44
CA GLN A 214 16.99 22.06 19.53
C GLN A 214 16.19 21.96 18.24
N VAL A 215 15.33 20.94 18.16
CA VAL A 215 14.56 20.69 16.96
C VAL A 215 13.25 21.46 16.99
N HIS A 216 12.61 21.55 15.81
CA HIS A 216 11.32 22.19 15.64
C HIS A 216 10.21 21.20 16.00
N ARG A 217 9.12 21.75 16.55
CA ARG A 217 8.05 20.90 17.08
C ARG A 217 7.35 20.08 16.00
N ASP A 218 7.01 20.71 14.87
CA ASP A 218 6.27 20.00 13.82
C ASP A 218 7.09 18.87 13.20
N TRP A 219 8.39 19.08 13.00
CA TRP A 219 9.25 18.01 12.50
C TRP A 219 9.27 16.83 13.46
N PHE A 220 9.49 17.10 14.75
CA PHE A 220 9.53 16.02 15.74
C PHE A 220 8.19 15.30 15.85
N ASN A 221 7.09 16.05 15.74
CA ASN A 221 5.77 15.44 15.77
C ASN A 221 5.50 14.59 14.53
N ASP A 222 6.13 14.92 13.40
CA ASP A 222 5.96 14.16 12.17
C ASP A 222 7.01 13.09 11.96
N LEU A 223 7.90 12.85 12.92
CA LEU A 223 8.79 11.70 12.85
C LEU A 223 7.99 10.40 12.68
N ALA A 224 8.59 9.46 11.95
CA ALA A 224 7.92 8.24 11.53
C ALA A 224 8.04 7.09 12.53
N LEU A 225 9.06 7.10 13.38
CA LEU A 225 9.42 5.94 14.20
C LEU A 225 8.31 5.52 15.17
N PRO A 226 8.39 4.31 15.75
CA PRO A 226 7.50 3.94 16.85
C PRO A 226 7.66 4.88 18.03
N TRP A 227 6.54 5.13 18.72
CA TRP A 227 6.47 6.20 19.68
C TRP A 227 5.56 5.82 20.85
N LYS A 228 5.79 6.47 21.98
CA LYS A 228 4.87 6.40 23.10
C LYS A 228 5.12 7.63 23.98
N HIS A 229 4.14 7.94 24.80
CA HIS A 229 4.32 8.90 25.88
C HIS A 229 5.04 8.26 27.05
N GLU A 230 5.52 9.11 27.95
CA GLU A 230 6.21 8.63 29.15
C GLU A 230 5.33 7.63 29.89
N GLY A 231 5.97 6.62 30.49
CA GLY A 231 5.31 5.70 31.39
C GLY A 231 4.43 4.66 30.72
N ALA A 232 3.94 4.92 29.51
CA ALA A 232 3.21 3.90 28.77
C ALA A 232 4.11 2.70 28.49
N GLN A 233 3.51 1.51 28.58
CA GLN A 233 4.29 0.27 28.52
C GLN A 233 4.45 -0.29 27.12
N ASN A 234 3.62 0.14 26.16
CA ASN A 234 3.52 -0.55 24.88
C ASN A 234 3.68 0.42 23.72
N TRP A 235 4.53 0.06 22.76
CA TRP A 235 4.92 0.94 21.67
C TRP A 235 3.81 1.00 20.61
N ASN A 236 3.34 2.20 20.33
CA ASN A 236 2.49 2.43 19.17
C ASN A 236 3.28 2.39 17.86
N ASN A 237 2.64 1.88 16.82
CA ASN A 237 3.23 1.71 15.48
C ASN A 237 4.53 0.91 15.50
N ALA A 238 4.64 -0.06 16.42
CA ALA A 238 5.84 -0.90 16.50
C ALA A 238 6.12 -1.65 15.20
N GLU A 239 5.12 -1.83 14.33
CA GLU A 239 5.33 -2.48 13.04
C GLU A 239 6.26 -1.71 12.10
N ARG A 240 6.49 -0.41 12.35
CA ARG A 240 7.25 0.40 11.41
C ARG A 240 8.73 0.06 11.37
N LEU A 241 9.24 -0.68 12.36
CA LEU A 241 10.60 -1.20 12.33
C LEU A 241 10.66 -2.66 11.91
N VAL A 242 9.52 -3.22 11.50
CA VAL A 242 9.38 -4.64 11.20
C VAL A 242 8.85 -4.77 9.77
N GLU A 243 9.26 -5.84 9.09
CA GLU A 243 8.62 -6.14 7.82
C GLU A 243 8.52 -7.64 7.61
N PHE A 244 7.45 -8.07 6.95
CA PHE A 244 7.21 -9.48 6.70
C PHE A 244 7.48 -9.82 5.23
N GLY A 245 8.23 -10.89 5.02
CA GLY A 245 8.46 -11.39 3.68
C GLY A 245 7.20 -11.95 3.05
N ALA A 246 7.30 -12.26 1.76
CA ALA A 246 6.18 -12.85 1.06
C ALA A 246 5.82 -14.20 1.67
N PRO A 247 4.53 -14.54 1.70
CA PRO A 247 4.12 -15.85 2.21
C PRO A 247 4.67 -16.99 1.36
N HIS A 248 5.38 -17.90 2.01
CA HIS A 248 5.52 -19.25 1.49
C HIS A 248 4.25 -20.03 1.84
N ALA A 249 4.24 -21.33 1.54
CA ALA A 249 3.02 -22.14 1.69
C ALA A 249 2.45 -22.05 3.10
N VAL A 250 3.29 -22.26 4.11
CA VAL A 250 2.83 -22.29 5.50
C VAL A 250 3.70 -21.39 6.38
N LYS A 251 4.47 -20.49 5.77
CA LYS A 251 5.40 -19.66 6.53
C LYS A 251 5.43 -18.25 5.98
N MET A 252 5.59 -17.28 6.88
CA MET A 252 6.02 -15.93 6.56
C MET A 252 7.24 -15.60 7.39
N ASP A 253 8.29 -15.09 6.74
CA ASP A 253 9.46 -14.62 7.44
C ASP A 253 9.27 -13.19 7.95
N VAL A 254 9.92 -12.90 9.07
CA VAL A 254 9.85 -11.58 9.70
C VAL A 254 11.25 -11.01 9.83
N TYR A 255 11.41 -9.74 9.45
CA TYR A 255 12.70 -9.07 9.36
C TYR A 255 12.71 -7.80 10.19
N ASN A 256 13.88 -7.53 10.77
CA ASN A 256 14.13 -6.34 11.58
C ASN A 256 14.92 -5.35 10.73
N LEU A 257 14.35 -4.16 10.50
CA LEU A 257 14.99 -3.12 9.70
C LEU A 257 16.15 -2.41 10.38
N GLY A 258 16.54 -2.83 11.58
CA GLY A 258 17.81 -2.41 12.16
C GLY A 258 17.81 -0.99 12.70
N ASP A 259 18.97 -0.60 13.24
CA ASP A 259 19.15 0.66 13.94
C ASP A 259 18.96 1.87 13.01
N HIS A 260 17.87 2.61 13.22
CA HIS A 260 17.53 3.86 12.53
C HIS A 260 18.38 5.06 12.92
N THR A 261 19.19 4.97 13.99
CA THR A 261 19.86 6.15 14.55
C THR A 261 20.66 6.94 13.52
N GLY A 262 21.39 6.25 12.65
CA GLY A 262 22.13 6.95 11.60
C GLY A 262 21.25 7.78 10.68
N VAL A 263 20.04 7.30 10.40
CA VAL A 263 19.10 8.09 9.61
C VAL A 263 18.71 9.35 10.36
N LEU A 264 18.38 9.22 11.65
CA LEU A 264 17.97 10.39 12.42
C LEU A 264 19.09 11.41 12.48
N LEU A 265 20.29 10.97 12.84
CA LEU A 265 21.45 11.86 12.92
C LEU A 265 21.69 12.57 11.59
N LYS A 266 21.52 11.87 10.47
CA LYS A 266 21.65 12.54 9.18
C LYS A 266 20.54 13.57 8.96
N SER A 267 19.31 13.23 9.32
CA SER A 267 18.18 14.14 9.12
C SER A 267 18.32 15.41 9.97
N LEU A 268 18.99 15.30 11.11
CA LEU A 268 19.21 16.45 11.98
C LEU A 268 19.92 17.61 11.29
N ALA A 269 20.62 17.34 10.19
CA ALA A 269 21.72 18.19 9.71
C ALA A 269 21.39 19.68 9.69
N GLY A 270 20.12 20.06 9.60
CA GLY A 270 19.79 21.47 9.75
C GLY A 270 19.93 22.06 11.16
N VAL A 271 20.08 21.25 12.20
CA VAL A 271 19.61 21.69 13.51
C VAL A 271 20.71 22.32 14.37
N PRO A 272 20.40 23.41 15.10
CA PRO A 272 21.29 23.89 16.16
C PRO A 272 21.34 22.92 17.33
N VAL A 273 22.54 22.62 17.82
CA VAL A 273 22.65 21.77 19.01
C VAL A 273 22.08 22.48 20.23
N ALA A 274 21.82 21.68 21.28
CA ALA A 274 21.39 22.15 22.59
C ALA A 274 22.30 21.59 23.68
N HIS A 275 21.94 21.78 24.95
CA HIS A 275 22.86 21.31 26.00
C HIS A 275 22.08 20.91 27.24
N ILE A 276 22.65 19.95 27.98
CA ILE A 276 22.05 19.45 29.21
C ILE A 276 23.13 19.42 30.29
N ASP A 277 22.85 20.01 31.45
CA ASP A 277 23.79 20.11 32.55
C ASP A 277 23.10 19.53 33.79
N GLY A 278 23.20 18.21 33.96
CA GLY A 278 22.41 17.53 34.95
C GLY A 278 20.92 17.71 34.74
N THR A 279 20.27 18.38 35.68
CA THR A 279 18.85 18.68 35.57
C THR A 279 18.57 19.89 34.67
N LYS A 280 19.54 20.77 34.46
CA LYS A 280 19.29 22.04 33.78
C LYS A 280 19.39 21.82 32.26
N TYR A 281 18.26 21.95 31.57
CA TYR A 281 18.20 21.80 30.13
C TYR A 281 18.40 23.16 29.47
N HIS A 282 19.60 23.38 28.93
CA HIS A 282 20.01 24.67 28.39
C HIS A 282 19.72 24.72 26.88
N LEU A 283 19.25 25.88 26.43
CA LEU A 283 19.27 26.28 25.03
C LEU A 283 20.64 26.86 24.66
N LYS A 284 20.94 26.84 23.37
CA LYS A 284 22.11 27.52 22.84
C LYS A 284 21.79 28.56 21.77
N SER A 285 20.51 28.88 21.56
CA SER A 285 20.12 29.98 20.68
C SER A 285 18.96 30.75 21.29
N GLY A 286 18.95 32.05 21.08
CA GLY A 286 17.85 32.88 21.56
C GLY A 286 18.31 34.25 21.99
N HIS A 287 17.32 35.06 22.36
CA HIS A 287 17.51 36.47 22.66
C HIS A 287 16.39 36.92 23.59
N VAL A 288 16.63 38.03 24.29
CA VAL A 288 15.56 38.78 24.94
C VAL A 288 15.75 40.28 24.74
N THR A 289 14.65 41.00 24.62
CA THR A 289 14.68 42.45 24.68
C THR A 289 14.71 42.90 26.14
N CYS A 290 15.44 43.98 26.40
CA CYS A 290 15.55 44.51 27.75
C CYS A 290 15.62 46.03 27.70
N GLU A 291 15.19 46.68 28.77
CA GLU A 291 15.38 48.11 28.97
C GLU A 291 16.30 48.34 30.16
N VAL A 292 17.46 48.91 29.88
CA VAL A 292 18.51 49.18 30.86
C VAL A 292 18.44 50.64 31.29
N GLY A 293 17.93 50.89 32.49
CA GLY A 293 17.91 52.21 33.08
C GLY A 293 19.27 52.60 33.62
N LEU A 294 19.97 53.48 32.90
CA LEU A 294 21.27 54.04 33.25
C LEU A 294 21.23 55.12 34.32
N GLU A 295 20.06 55.65 34.66
CA GLU A 295 19.96 56.98 35.25
C GLU A 295 20.71 57.15 36.57
N LYS A 296 21.01 56.07 37.28
CA LYS A 296 21.69 56.17 38.57
C LYS A 296 23.14 55.66 38.55
N LEU A 297 23.69 55.39 37.37
CA LEU A 297 25.13 55.14 37.28
C LEU A 297 25.91 56.36 37.77
N LYS A 298 27.11 56.10 38.30
CA LYS A 298 27.91 57.13 38.96
C LYS A 298 29.37 56.98 38.55
N MET A 299 30.01 58.10 38.20
CA MET A 299 31.44 58.11 37.93
C MET A 299 32.25 57.96 39.20
N LYS A 300 33.18 57.00 39.20
CA LYS A 300 34.13 56.81 40.29
C LYS A 300 35.35 57.73 40.12
N GLY A 301 35.88 58.19 41.25
CA GLY A 301 37.26 58.67 41.28
C GLY A 301 37.55 60.00 40.62
N LEU A 302 36.52 60.77 40.27
CA LEU A 302 36.75 62.11 39.73
C LEU A 302 37.48 63.03 40.69
N THR A 303 37.49 62.71 41.99
CA THR A 303 38.26 63.47 42.96
C THR A 303 39.73 63.08 43.06
N TYR A 304 40.14 61.97 42.45
CA TYR A 304 41.51 61.50 42.63
C TYR A 304 42.51 62.42 41.93
N THR A 305 43.74 62.39 42.43
CA THR A 305 44.87 63.09 41.83
C THR A 305 45.29 62.46 40.50
N MET A 306 45.95 63.26 39.67
CA MET A 306 46.59 62.77 38.46
C MET A 306 47.82 61.93 38.80
N CYS A 307 48.01 60.83 38.05
CA CYS A 307 49.24 60.05 38.17
C CYS A 307 50.45 60.83 37.68
N ASP A 308 51.62 60.51 38.25
CA ASP A 308 52.88 61.06 37.77
C ASP A 308 53.18 60.50 36.39
N LYS A 309 53.34 61.39 35.41
CA LYS A 309 53.67 60.98 34.03
C LYS A 309 54.92 60.11 33.96
N THR A 310 55.84 60.27 34.89
CA THR A 310 57.16 59.63 34.81
C THR A 310 57.14 58.12 34.97
N LYS A 311 56.10 57.54 35.58
CA LYS A 311 56.25 56.26 36.27
C LYS A 311 55.47 55.12 35.65
N PHE A 312 54.92 55.29 34.45
CA PHE A 312 54.24 54.19 33.78
C PHE A 312 55.24 53.30 33.04
N THR A 313 54.87 52.02 32.90
CA THR A 313 55.53 51.07 32.01
C THR A 313 54.49 50.09 31.48
N TRP A 314 54.74 49.55 30.29
CA TRP A 314 53.80 48.62 29.68
C TRP A 314 53.79 47.27 30.37
N LYS A 315 52.62 46.86 30.86
CA LYS A 315 52.37 45.46 31.17
C LYS A 315 51.89 44.68 29.96
N ARG A 316 51.26 45.38 29.01
CA ARG A 316 50.82 44.78 27.75
C ARG A 316 50.74 45.91 26.74
N ILE A 317 51.60 45.86 25.72
CA ILE A 317 51.70 46.89 24.69
C ILE A 317 50.42 46.95 23.86
N PRO A 318 50.16 48.07 23.16
CA PRO A 318 48.93 48.18 22.37
C PRO A 318 48.81 47.07 21.34
N THR A 319 47.57 46.67 21.07
CA THR A 319 47.28 45.79 19.95
C THR A 319 45.87 46.07 19.47
N ASP A 320 45.63 45.79 18.19
CA ASP A 320 44.26 45.67 17.70
C ASP A 320 43.52 44.54 18.40
N SER A 321 42.19 44.65 18.38
CA SER A 321 41.29 43.65 18.94
C SER A 321 40.43 42.98 17.89
N GLY A 322 40.42 43.50 16.66
CA GLY A 322 39.49 43.08 15.64
C GLY A 322 38.14 43.76 15.73
N HIS A 323 37.87 44.47 16.83
CA HIS A 323 36.79 45.44 16.93
C HIS A 323 37.22 46.84 16.52
N ASP A 324 38.18 46.95 15.59
CA ASP A 324 38.74 48.23 15.17
C ASP A 324 39.19 49.07 16.38
N THR A 325 39.71 48.41 17.41
CA THR A 325 39.85 49.02 18.72
C THR A 325 41.17 48.57 19.34
N VAL A 326 41.86 49.51 19.99
CA VAL A 326 43.17 49.27 20.60
C VAL A 326 43.01 49.06 22.10
N VAL A 327 43.65 48.01 22.61
CA VAL A 327 43.62 47.65 24.02
C VAL A 327 45.05 47.56 24.54
N MET A 328 45.23 47.84 25.83
CA MET A 328 46.58 47.88 26.40
C MET A 328 46.46 47.74 27.92
N GLU A 329 47.60 47.51 28.56
CA GLU A 329 47.69 47.57 30.01
C GLU A 329 49.01 48.17 30.45
N VAL A 330 48.96 49.04 31.45
CA VAL A 330 50.15 49.69 31.99
C VAL A 330 50.32 49.29 33.46
N ALA A 331 51.57 49.18 33.88
CA ALA A 331 51.93 49.18 35.29
C ALA A 331 52.21 50.60 35.76
N PHE A 332 52.28 50.77 37.08
CA PHE A 332 52.63 52.06 37.66
C PHE A 332 53.31 51.84 39.00
N SER A 333 54.19 52.78 39.37
CA SER A 333 55.05 52.61 40.53
C SER A 333 55.11 53.83 41.44
N GLY A 334 54.29 54.84 41.20
CA GLY A 334 54.12 55.94 42.12
C GLY A 334 53.15 55.62 43.24
N THR A 335 52.87 56.65 44.04
CA THR A 335 51.78 56.57 45.00
C THR A 335 50.44 56.55 44.26
N LYS A 336 49.46 55.89 44.87
CA LYS A 336 48.19 55.59 44.23
C LYS A 336 47.13 55.45 45.31
N PRO A 337 45.84 55.62 44.97
CA PRO A 337 45.17 55.82 43.68
C PRO A 337 45.53 57.11 42.93
N CYS A 338 45.35 57.07 41.61
CA CYS A 338 45.56 58.22 40.75
C CYS A 338 44.83 58.00 39.44
N ARG A 339 44.71 59.06 38.64
CA ARG A 339 44.10 59.00 37.31
C ARG A 339 45.15 58.96 36.21
N ILE A 340 44.99 58.05 35.27
CA ILE A 340 45.98 57.83 34.22
C ILE A 340 45.87 58.93 33.18
N PRO A 341 46.96 59.64 32.87
CA PRO A 341 46.99 60.54 31.71
C PRO A 341 47.11 59.78 30.39
N VAL A 342 45.99 59.46 29.75
CA VAL A 342 45.97 58.80 28.45
C VAL A 342 45.63 59.81 27.37
N ARG A 343 46.40 59.81 26.27
CA ARG A 343 46.06 60.66 25.14
C ARG A 343 46.64 60.08 23.86
N ALA A 344 46.09 60.52 22.73
CA ALA A 344 46.60 60.15 21.42
C ALA A 344 46.54 61.35 20.48
N VAL A 345 47.55 61.51 19.62
CA VAL A 345 47.81 62.83 19.04
C VAL A 345 47.89 62.78 17.52
N ALA A 346 47.25 61.77 16.93
CA ALA A 346 47.40 61.45 15.50
C ALA A 346 48.89 61.45 15.16
N HIS A 347 49.32 62.15 14.10
CA HIS A 347 50.73 62.38 13.85
C HIS A 347 50.90 63.75 13.23
N GLY A 348 52.04 64.37 13.51
CA GLY A 348 52.34 65.71 13.05
C GLY A 348 51.26 66.72 13.38
N SER A 349 50.61 66.54 14.54
CA SER A 349 49.45 67.34 14.89
C SER A 349 49.28 67.38 16.41
N PRO A 350 50.23 67.98 17.14
CA PRO A 350 50.45 67.57 18.54
C PRO A 350 49.34 67.99 19.49
N ASP A 351 48.51 68.96 19.12
CA ASP A 351 47.57 69.59 20.05
C ASP A 351 46.14 69.06 19.95
N VAL A 352 45.79 68.30 18.92
CA VAL A 352 44.47 67.72 18.79
C VAL A 352 44.50 66.28 19.28
N ASN A 353 43.82 66.01 20.39
CA ASN A 353 43.65 64.66 20.90
C ASN A 353 42.62 63.90 20.06
N VAL A 354 42.87 62.60 19.86
CA VAL A 354 41.96 61.76 19.09
C VAL A 354 41.58 60.50 19.86
N ALA A 355 41.99 60.41 21.12
CA ALA A 355 41.71 59.23 21.94
C ALA A 355 40.24 59.19 22.35
N MET A 356 39.44 58.39 21.65
CA MET A 356 38.06 58.13 22.06
C MET A 356 38.07 57.00 23.08
N LEU A 357 38.22 57.37 24.35
CA LEU A 357 38.36 56.36 25.41
C LEU A 357 37.05 55.63 25.66
N ILE A 358 37.11 54.31 25.67
CA ILE A 358 35.94 53.48 25.95
C ILE A 358 35.90 53.07 27.42
N THR A 359 37.06 52.83 28.03
CA THR A 359 37.21 52.73 29.47
C THR A 359 37.32 54.12 30.07
N PRO A 360 36.25 54.64 30.68
CA PRO A 360 36.23 56.05 31.05
C PRO A 360 37.07 56.32 32.29
N ASN A 361 37.46 57.60 32.43
CA ASN A 361 38.22 58.16 33.55
C ASN A 361 39.23 57.17 34.12
N PRO A 362 40.25 56.79 33.37
CA PRO A 362 41.07 55.65 33.76
C PRO A 362 41.81 55.92 35.07
N ILE A 363 41.88 54.89 35.91
CA ILE A 363 42.42 55.00 37.26
C ILE A 363 43.26 53.77 37.56
N ILE A 364 44.13 53.92 38.55
CA ILE A 364 44.93 52.83 39.08
C ILE A 364 44.75 52.77 40.59
N GLU A 365 44.61 51.57 41.12
CA GLU A 365 44.22 51.35 42.50
C GLU A 365 45.03 50.20 43.07
N ASN A 366 44.99 50.06 44.40
CA ASN A 366 45.59 48.92 45.06
C ASN A 366 45.00 47.62 44.54
N ASN A 367 45.83 46.82 43.86
CA ASN A 367 45.39 45.62 43.14
C ASN A 367 44.18 45.91 42.25
N GLY A 368 44.29 46.94 41.43
CA GLY A 368 43.26 47.18 40.43
C GLY A 368 43.69 48.21 39.41
N GLY A 369 42.91 48.25 38.32
CA GLY A 369 43.13 49.22 37.26
C GLY A 369 44.30 48.88 36.38
N GLY A 370 44.51 49.74 35.37
CA GLY A 370 45.66 49.66 34.49
C GLY A 370 45.37 49.23 33.07
N PHE A 371 44.19 48.69 32.79
CA PHE A 371 43.81 48.27 31.45
C PHE A 371 43.00 49.36 30.76
N ILE A 372 43.35 49.65 29.51
CA ILE A 372 42.83 50.80 28.78
C ILE A 372 42.36 50.33 27.41
N GLU A 373 41.24 50.89 26.95
CA GLU A 373 40.66 50.59 25.65
C GLU A 373 40.26 51.87 24.94
N MET A 374 40.63 52.02 23.67
CA MET A 374 40.32 53.24 22.93
C MET A 374 40.13 52.91 21.45
N GLN A 375 39.46 53.83 20.75
CA GLN A 375 39.29 53.77 19.30
C GLN A 375 39.99 54.97 18.69
N LEU A 376 40.58 54.80 17.51
CA LEU A 376 41.48 55.78 16.96
C LEU A 376 41.16 56.05 15.50
N PRO A 377 41.54 57.22 14.99
CA PRO A 377 41.32 57.53 13.57
C PRO A 377 42.27 56.75 12.68
N PRO A 378 41.80 56.33 11.50
CA PRO A 378 42.67 55.57 10.58
C PRO A 378 43.92 56.35 10.20
N GLY A 379 45.02 55.61 10.05
CA GLY A 379 46.32 56.18 9.75
C GLY A 379 47.26 56.21 10.94
N ASP A 380 48.37 56.91 10.73
CA ASP A 380 49.42 57.01 11.74
C ASP A 380 48.92 57.67 13.01
N ASN A 381 49.39 57.15 14.15
CA ASN A 381 49.05 57.68 15.46
C ASN A 381 50.29 57.63 16.35
N ILE A 382 50.29 58.45 17.40
CA ILE A 382 51.16 58.22 18.55
C ILE A 382 50.29 58.15 19.80
N ILE A 383 50.40 57.05 20.52
CA ILE A 383 49.67 56.88 21.78
C ILE A 383 50.59 57.26 22.94
N TYR A 384 50.06 58.06 23.88
CA TYR A 384 50.78 58.44 25.08
C TYR A 384 50.02 57.95 26.30
N VAL A 385 50.79 57.61 27.33
CA VAL A 385 50.35 57.40 28.70
C VAL A 385 51.39 58.04 29.61
N GLY A 386 51.13 59.26 30.04
CA GLY A 386 52.20 60.05 30.63
C GLY A 386 53.31 60.25 29.63
N GLU A 387 54.55 60.02 30.08
CA GLU A 387 55.72 60.08 29.22
C GLU A 387 55.91 58.82 28.39
N LEU A 388 55.21 57.74 28.72
CA LEU A 388 55.28 56.53 27.91
C LEU A 388 54.56 56.73 26.58
N SER A 389 55.17 56.24 25.49
CA SER A 389 54.56 56.44 24.18
C SER A 389 54.85 55.25 23.27
N HIS A 390 53.91 55.02 22.35
CA HIS A 390 54.00 53.92 21.39
C HIS A 390 53.42 54.37 20.06
N GLN A 391 54.13 54.06 18.97
CA GLN A 391 53.81 54.59 17.65
C GLN A 391 52.80 53.71 16.89
N TRP A 392 51.59 53.60 17.43
CA TRP A 392 50.56 52.77 16.81
C TRP A 392 50.25 53.25 15.40
N PHE A 393 50.07 52.31 14.48
CA PHE A 393 49.52 52.58 13.15
C PHE A 393 48.13 51.95 13.07
N GLN A 394 47.11 52.79 12.86
CA GLN A 394 45.73 52.32 12.78
C GLN A 394 45.40 51.93 11.34
N LYS A 395 45.42 50.62 11.05
CA LYS A 395 44.94 50.08 9.80
C LYS A 395 43.43 50.28 9.66
N GLY A 396 42.93 49.95 8.46
CA GLY A 396 41.57 50.21 8.06
C GLY A 396 41.42 51.47 7.22
N SER A 397 40.17 51.89 7.03
CA SER A 397 39.90 53.08 6.24
C SER A 397 38.59 53.72 6.68
N SER A 398 38.46 55.00 6.33
CA SER A 398 37.35 55.82 6.80
C SER A 398 35.99 55.27 6.35
N ILE A 399 35.84 55.06 5.03
CA ILE A 399 34.63 54.43 4.49
C ILE A 399 34.53 52.96 4.86
N GLY A 400 35.66 52.26 4.98
CA GLY A 400 35.62 50.85 5.31
C GLY A 400 34.89 50.54 6.61
N ARG A 401 35.14 51.35 7.65
CA ARG A 401 34.42 51.19 8.92
C ARG A 401 32.92 51.43 8.79
N VAL A 402 32.52 52.46 8.04
CA VAL A 402 31.10 52.71 7.79
C VAL A 402 30.46 51.53 7.08
N PHE A 403 31.14 51.00 6.05
CA PHE A 403 30.64 49.82 5.35
C PHE A 403 30.51 48.63 6.30
N GLN A 404 31.54 48.36 7.09
CA GLN A 404 31.51 47.23 8.02
C GLN A 404 30.35 47.36 9.00
N LYS A 405 30.17 48.55 9.57
CA LYS A 405 29.08 48.80 10.50
C LYS A 405 27.72 48.56 9.85
N THR A 406 27.52 49.09 8.63
CA THR A 406 26.23 48.89 7.99
C THR A 406 26.03 47.43 7.59
N ARG A 407 27.10 46.71 7.26
CA ARG A 407 26.99 45.29 6.98
C ARG A 407 26.54 44.53 8.22
N LYS A 408 27.09 44.88 9.38
CA LYS A 408 26.63 44.27 10.62
C LYS A 408 25.14 44.49 10.82
N GLY A 409 24.63 45.65 10.43
CA GLY A 409 23.19 45.88 10.47
C GLY A 409 22.40 44.88 9.66
N ILE A 410 22.92 44.50 8.49
CA ILE A 410 22.29 43.48 7.66
C ILE A 410 22.37 42.11 8.30
N GLU A 411 23.51 41.78 8.89
CA GLU A 411 23.61 40.52 9.64
C GLU A 411 22.61 40.48 10.80
N ARG A 412 22.49 41.57 11.55
CA ARG A 412 21.50 41.67 12.61
C ARG A 412 20.08 41.47 12.09
N LEU A 413 19.72 42.18 11.01
CA LEU A 413 18.41 41.97 10.41
C LEU A 413 18.20 40.52 9.99
N THR A 414 19.27 39.87 9.52
CA THR A 414 19.17 38.50 9.05
C THR A 414 18.92 37.51 10.19
N VAL A 415 19.64 37.67 11.29
CA VAL A 415 19.54 36.66 12.35
C VAL A 415 18.44 37.01 13.36
N ILE A 416 18.23 38.28 13.67
CA ILE A 416 17.13 38.66 14.55
C ILE A 416 15.76 38.52 13.88
N GLY A 417 15.66 38.76 12.56
CA GLY A 417 14.36 38.99 11.98
C GLY A 417 13.76 40.32 12.41
N GLU A 418 12.51 40.28 12.87
CA GLU A 418 11.75 41.50 13.10
C GLU A 418 12.38 42.40 14.16
N HIS A 419 12.82 41.82 15.28
CA HIS A 419 13.12 42.60 16.48
C HIS A 419 14.33 43.52 16.33
N ALA A 420 15.07 43.45 15.23
CA ALA A 420 16.29 44.25 15.08
C ALA A 420 16.03 45.75 15.18
N TRP A 421 14.81 46.19 14.89
CA TRP A 421 14.45 47.59 15.09
C TRP A 421 14.55 48.03 16.54
N ASP A 422 14.31 47.13 17.49
CA ASP A 422 14.37 47.52 18.90
C ASP A 422 15.78 47.87 19.36
N PHE A 423 16.80 47.24 18.78
CA PHE A 423 18.16 47.41 19.29
C PHE A 423 18.57 48.88 19.24
N GLY A 424 18.98 49.42 20.37
CA GLY A 424 19.33 50.83 20.44
C GLY A 424 18.17 51.80 20.35
N SER A 425 16.92 51.31 20.26
CA SER A 425 15.79 52.17 19.94
C SER A 425 15.50 53.11 21.11
N ALA A 426 15.71 54.40 20.88
CA ALA A 426 14.99 55.46 21.56
C ALA A 426 13.89 55.95 20.63
N GLY A 427 12.65 55.96 21.11
CA GLY A 427 11.50 55.86 20.23
C GLY A 427 11.51 56.94 19.15
N GLY A 428 11.17 56.53 17.93
CA GLY A 428 11.13 57.43 16.80
C GLY A 428 10.17 56.98 15.71
N PHE A 429 9.45 57.94 15.15
CA PHE A 429 8.36 57.64 14.23
C PHE A 429 8.84 56.82 13.03
N LEU A 430 10.02 57.16 12.50
CA LEU A 430 10.57 56.42 11.37
C LEU A 430 10.85 54.96 11.75
N THR A 431 11.34 54.72 12.97
CA THR A 431 11.56 53.36 13.43
C THR A 431 10.25 52.59 13.57
N SER A 432 9.21 53.23 14.10
CA SER A 432 7.88 52.61 14.14
C SER A 432 7.38 52.25 12.75
N VAL A 433 7.56 53.13 11.77
CA VAL A 433 7.18 52.82 10.40
C VAL A 433 7.98 51.64 9.86
N GLY A 434 9.28 51.63 10.12
CA GLY A 434 10.12 50.51 9.70
C GLY A 434 9.66 49.19 10.28
N LYS A 435 9.35 49.18 11.58
CA LYS A 435 8.82 47.99 12.23
C LYS A 435 7.46 47.57 11.67
N ALA A 436 6.60 48.53 11.34
CA ALA A 436 5.33 48.18 10.70
C ALA A 436 5.53 47.52 9.35
N LEU A 437 6.37 48.12 8.50
CA LEU A 437 6.65 47.54 7.19
C LEU A 437 7.27 46.16 7.31
N HIS A 438 8.24 46.02 8.21
CA HIS A 438 8.91 44.74 8.36
C HIS A 438 7.97 43.68 8.92
N THR A 439 7.12 44.03 9.89
CA THR A 439 6.13 43.08 10.40
C THR A 439 5.16 42.61 9.33
N VAL A 440 4.66 43.52 8.49
CA VAL A 440 3.73 43.08 7.46
C VAL A 440 4.42 42.23 6.39
N LEU A 441 5.62 42.63 5.96
CA LEU A 441 6.34 41.83 4.97
C LEU A 441 6.73 40.46 5.53
N GLY A 442 7.25 40.43 6.77
CA GLY A 442 7.60 39.17 7.38
C GLY A 442 6.41 38.26 7.61
N GLY A 443 5.26 38.82 8.01
CA GLY A 443 4.07 38.01 8.14
C GLY A 443 3.63 37.40 6.82
N ALA A 444 3.68 38.19 5.73
CA ALA A 444 3.33 37.66 4.43
C ALA A 444 4.30 36.55 4.00
N PHE A 445 5.60 36.83 4.07
CA PHE A 445 6.58 35.86 3.59
C PHE A 445 6.71 34.64 4.49
N ASN A 446 6.46 34.77 5.79
CA ASN A 446 6.41 33.58 6.64
C ASN A 446 5.16 32.74 6.38
N SER A 447 4.03 33.38 6.08
CA SER A 447 2.85 32.60 5.72
C SER A 447 2.98 32.02 4.31
N LEU A 448 3.30 32.88 3.35
CA LEU A 448 3.46 32.47 1.96
C LEU A 448 4.82 31.82 1.74
N PHE A 449 4.83 30.54 1.33
CA PHE A 449 6.04 29.73 1.20
C PHE A 449 6.73 29.44 2.54
N GLY A 450 5.97 29.40 3.63
CA GLY A 450 6.53 29.04 4.92
C GLY A 450 7.05 27.63 4.97
N GLY A 451 8.28 27.44 5.45
CA GLY A 451 8.89 26.14 5.55
C GLY A 451 9.29 25.49 4.24
N VAL A 452 9.16 26.21 3.13
CA VAL A 452 9.41 25.65 1.80
C VAL A 452 10.88 25.32 1.60
N GLY A 453 11.79 26.02 2.28
CA GLY A 453 13.21 25.79 2.13
C GLY A 453 13.79 26.39 0.86
N PHE A 454 15.11 26.59 0.90
CA PHE A 454 15.74 27.53 -0.03
C PHE A 454 15.70 27.03 -1.48
N LEU A 455 15.99 25.75 -1.72
CA LEU A 455 15.95 25.26 -3.10
C LEU A 455 14.54 25.26 -3.68
N PRO A 456 13.51 24.76 -3.00
CA PRO A 456 12.14 24.93 -3.52
C PRO A 456 11.69 26.38 -3.60
N LYS A 457 12.20 27.26 -2.74
CA LYS A 457 11.86 28.67 -2.84
C LYS A 457 12.51 29.32 -4.06
N ILE A 458 13.76 28.94 -4.37
CA ILE A 458 14.38 29.31 -5.64
C ILE A 458 13.53 28.82 -6.81
N LEU A 459 13.09 27.57 -6.73
CA LEU A 459 12.21 27.01 -7.76
C LEU A 459 10.97 27.86 -7.98
N VAL A 460 10.22 28.14 -6.90
CA VAL A 460 8.99 28.94 -7.03
C VAL A 460 9.29 30.35 -7.51
N GLY A 461 10.35 30.97 -7.00
CA GLY A 461 10.72 32.31 -7.44
C GLY A 461 11.04 32.40 -8.92
N VAL A 462 11.84 31.46 -9.42
CA VAL A 462 12.17 31.44 -10.85
C VAL A 462 10.95 31.06 -11.68
N VAL A 463 10.10 30.16 -11.18
CA VAL A 463 8.83 29.88 -11.89
C VAL A 463 7.98 31.13 -12.02
N LEU A 464 7.86 31.91 -10.93
CA LEU A 464 7.13 33.17 -10.97
C LEU A 464 7.77 34.18 -11.93
N ALA A 465 9.10 34.18 -12.02
CA ALA A 465 9.76 35.02 -13.03
C ALA A 465 9.44 34.55 -14.44
N TRP A 466 9.53 33.24 -14.68
CA TRP A 466 9.24 32.68 -16.00
C TRP A 466 7.81 32.99 -16.43
N LEU A 467 6.85 32.83 -15.53
CA LEU A 467 5.45 33.15 -15.77
C LEU A 467 5.20 34.62 -16.10
N GLY A 468 6.24 35.44 -16.07
CA GLY A 468 6.05 36.85 -16.38
C GLY A 468 6.94 37.36 -17.50
N LEU A 469 7.61 36.44 -18.19
CA LEU A 469 8.64 36.85 -19.15
C LEU A 469 8.07 37.64 -20.32
N ASN A 470 6.91 37.23 -20.84
CA ASN A 470 6.33 37.88 -22.01
C ASN A 470 4.83 37.62 -22.02
N MET A 471 4.04 38.63 -21.64
CA MET A 471 2.69 38.44 -21.11
C MET A 471 1.73 39.41 -21.75
N ARG A 472 0.43 39.10 -21.59
CA ARG A 472 -0.61 39.80 -22.31
C ARG A 472 -0.82 41.22 -21.80
N ASN A 473 -0.66 41.45 -20.50
CA ASN A 473 -0.94 42.79 -19.99
C ASN A 473 -0.01 43.14 -18.84
N PRO A 474 0.28 44.42 -18.65
CA PRO A 474 1.05 44.88 -17.48
C PRO A 474 0.29 44.84 -16.16
N THR A 475 -1.00 44.49 -16.17
CA THR A 475 -1.83 44.69 -14.98
C THR A 475 -1.34 43.93 -13.75
N MET A 476 -0.59 42.85 -13.91
CA MET A 476 0.02 42.17 -12.76
C MET A 476 1.54 42.17 -12.82
N SER A 477 2.14 43.11 -13.56
CA SER A 477 3.59 43.17 -13.70
C SER A 477 4.33 43.34 -12.37
N MET A 478 3.65 43.81 -11.31
CA MET A 478 4.29 43.84 -10.00
C MET A 478 4.82 42.46 -9.62
N SER A 479 4.18 41.41 -10.12
CA SER A 479 4.57 40.05 -9.78
C SER A 479 6.05 39.79 -10.06
N PHE A 480 6.62 40.40 -11.11
CA PHE A 480 8.04 40.13 -11.34
C PHE A 480 8.93 40.77 -10.29
N LEU A 481 8.64 42.02 -9.89
CA LEU A 481 9.45 42.62 -8.84
C LEU A 481 9.19 41.99 -7.49
N LEU A 482 7.97 41.52 -7.26
CA LEU A 482 7.70 40.74 -6.06
C LEU A 482 8.56 39.47 -6.07
N ALA A 483 8.66 38.82 -7.23
CA ALA A 483 9.56 37.68 -7.35
C ALA A 483 10.98 38.09 -7.06
N GLY A 484 11.41 39.25 -7.58
CA GLY A 484 12.74 39.73 -7.24
C GLY A 484 12.90 39.90 -5.74
N GLY A 485 11.92 40.51 -5.10
CA GLY A 485 11.95 40.62 -3.65
C GLY A 485 11.95 39.25 -2.98
N LEU A 486 11.16 38.33 -3.52
CA LEU A 486 11.16 36.97 -3.02
C LEU A 486 12.56 36.36 -3.16
N VAL A 487 13.20 36.59 -4.30
CA VAL A 487 14.56 36.08 -4.47
C VAL A 487 15.45 36.69 -3.40
N LEU A 488 15.39 38.01 -3.22
CA LEU A 488 16.20 38.63 -2.19
C LEU A 488 15.85 38.05 -0.81
N ALA A 489 14.55 37.88 -0.55
CA ALA A 489 14.14 37.27 0.71
C ALA A 489 14.61 35.83 0.79
N MET A 490 14.68 35.15 -0.35
CA MET A 490 15.22 33.80 -0.35
C MET A 490 16.72 33.83 -0.09
N THR A 491 17.43 34.77 -0.71
CA THR A 491 18.89 34.72 -0.72
C THR A 491 19.46 34.67 0.69
N LEU A 492 18.83 35.36 1.64
CA LEU A 492 19.35 35.41 3.00
C LEU A 492 18.40 34.76 3.99
N SER B 1 4.29 -36.80 -9.36
CA SER B 1 4.52 -35.49 -9.93
C SER B 1 5.14 -34.55 -8.90
N ARG B 2 6.17 -33.82 -9.32
CA ARG B 2 6.52 -32.58 -8.62
C ARG B 2 5.69 -31.40 -9.11
N CYS B 3 5.58 -31.23 -10.42
CA CYS B 3 5.20 -29.92 -10.97
C CYS B 3 3.83 -29.50 -10.49
N THR B 4 2.99 -30.45 -10.08
CA THR B 4 1.73 -30.14 -9.40
C THR B 4 1.93 -29.16 -8.26
N HIS B 5 3.08 -29.24 -7.57
CA HIS B 5 3.29 -28.41 -6.38
C HIS B 5 3.44 -26.93 -6.71
N LEU B 6 3.70 -26.59 -7.97
CA LEU B 6 4.16 -25.27 -8.33
C LEU B 6 3.12 -24.55 -9.18
N GLU B 7 2.88 -23.29 -8.87
CA GLU B 7 2.00 -22.41 -9.65
C GLU B 7 2.56 -22.04 -11.02
N ASN B 8 3.64 -22.65 -11.52
CA ASN B 8 4.33 -22.16 -12.72
C ASN B 8 5.01 -23.36 -13.40
N ARG B 9 4.21 -24.14 -14.12
CA ARG B 9 4.70 -25.28 -14.87
C ARG B 9 4.33 -25.13 -16.35
N ASP B 10 5.22 -25.59 -17.22
CA ASP B 10 5.05 -25.49 -18.67
C ASP B 10 4.95 -26.87 -19.27
N PHE B 11 3.88 -27.12 -20.02
CA PHE B 11 3.63 -28.41 -20.66
C PHE B 11 4.28 -28.47 -22.05
N VAL B 12 5.61 -28.50 -22.06
CA VAL B 12 6.33 -28.79 -23.29
C VAL B 12 5.91 -30.15 -23.80
N THR B 13 5.78 -30.27 -25.12
CA THR B 13 5.38 -31.54 -25.73
C THR B 13 6.05 -31.71 -27.07
N GLY B 14 6.14 -32.96 -27.50
CA GLY B 14 6.71 -33.31 -28.79
C GLY B 14 5.90 -34.39 -29.48
N THR B 15 5.76 -34.28 -30.81
CA THR B 15 5.08 -35.29 -31.59
C THR B 15 5.86 -36.59 -31.62
N GLN B 16 5.21 -37.64 -32.11
CA GLN B 16 5.93 -38.84 -32.54
C GLN B 16 7.08 -38.47 -33.48
N GLY B 17 8.18 -39.21 -33.37
CA GLY B 17 9.42 -38.90 -34.05
C GLY B 17 10.24 -37.78 -33.45
N THR B 18 9.72 -37.03 -32.48
CA THR B 18 10.50 -35.97 -31.84
C THR B 18 11.50 -36.56 -30.86
N THR B 19 12.72 -36.03 -30.88
CA THR B 19 13.76 -36.38 -29.91
C THR B 19 14.61 -35.14 -29.65
N ARG B 20 15.42 -35.23 -28.60
CA ARG B 20 16.35 -34.16 -28.20
C ARG B 20 15.64 -32.80 -28.20
N VAL B 21 14.62 -32.70 -27.36
CA VAL B 21 13.85 -31.47 -27.21
C VAL B 21 14.65 -30.47 -26.39
N THR B 22 14.42 -29.18 -26.61
CA THR B 22 15.21 -28.14 -25.97
C THR B 22 14.36 -27.38 -24.97
N LEU B 23 14.89 -27.22 -23.76
CA LEU B 23 14.24 -26.53 -22.66
C LEU B 23 15.13 -25.39 -22.16
N VAL B 24 14.50 -24.46 -21.45
CA VAL B 24 15.21 -23.35 -20.80
C VAL B 24 14.71 -23.30 -19.36
N LEU B 25 15.40 -24.00 -18.47
CA LEU B 25 14.87 -24.42 -17.17
C LEU B 25 14.97 -23.27 -16.18
N GLU B 26 13.97 -22.39 -16.22
CA GLU B 26 13.94 -21.27 -15.28
C GLU B 26 13.84 -21.78 -13.85
N LEU B 27 14.66 -21.19 -12.97
CA LEU B 27 14.61 -21.50 -11.55
C LEU B 27 13.33 -20.96 -10.94
N GLY B 28 12.67 -21.77 -10.12
CA GLY B 28 11.32 -21.45 -9.71
C GLY B 28 10.26 -21.80 -10.73
N GLY B 29 10.44 -22.92 -11.43
CA GLY B 29 9.51 -23.38 -12.45
C GLY B 29 9.75 -24.84 -12.75
N CYS B 30 8.88 -25.41 -13.58
CA CYS B 30 8.88 -26.84 -13.79
C CYS B 30 8.40 -27.12 -15.21
N VAL B 31 8.83 -28.26 -15.76
CA VAL B 31 8.50 -28.65 -17.12
C VAL B 31 7.91 -30.06 -17.10
N THR B 32 6.71 -30.22 -17.66
CA THR B 32 6.11 -31.54 -17.80
C THR B 32 6.23 -31.97 -19.26
N ILE B 33 7.33 -32.65 -19.58
CA ILE B 33 7.67 -32.98 -20.96
C ILE B 33 6.99 -34.30 -21.32
N THR B 34 5.99 -34.24 -22.19
CA THR B 34 5.16 -35.38 -22.55
C THR B 34 5.41 -35.74 -24.01
N ALA B 35 5.62 -37.03 -24.28
CA ALA B 35 5.96 -37.47 -25.63
C ALA B 35 5.10 -38.67 -26.01
N GLU B 36 4.57 -38.65 -27.22
CA GLU B 36 3.71 -39.72 -27.69
C GLU B 36 4.45 -41.06 -27.67
N GLY B 37 3.78 -42.08 -27.13
CA GLY B 37 4.39 -43.39 -27.05
C GLY B 37 5.64 -43.45 -26.19
N LYS B 38 5.85 -42.49 -25.31
CA LYS B 38 6.97 -42.51 -24.39
C LYS B 38 6.49 -42.13 -23.00
N PRO B 39 7.24 -42.50 -21.96
CA PRO B 39 6.93 -42.00 -20.62
C PRO B 39 7.04 -40.49 -20.54
N SER B 40 6.09 -39.87 -19.84
CA SER B 40 6.21 -38.46 -19.53
C SER B 40 7.23 -38.26 -18.41
N MET B 41 7.87 -37.10 -18.43
CA MET B 41 8.82 -36.74 -17.37
C MET B 41 8.44 -35.38 -16.81
N ASP B 42 8.71 -35.18 -15.53
CA ASP B 42 8.88 -33.85 -14.98
C ASP B 42 10.37 -33.53 -14.87
N VAL B 43 10.75 -32.34 -15.32
CA VAL B 43 12.14 -31.89 -15.32
C VAL B 43 12.17 -30.48 -14.76
N TRP B 44 13.18 -30.20 -13.93
CA TRP B 44 13.34 -28.84 -13.43
C TRP B 44 14.77 -28.62 -12.95
N LEU B 45 15.09 -27.35 -12.75
CA LEU B 45 16.37 -26.93 -12.19
C LEU B 45 16.15 -26.67 -10.71
N ASP B 46 16.91 -27.34 -9.85
CA ASP B 46 16.66 -27.15 -8.42
C ASP B 46 17.61 -26.18 -7.73
N SER B 47 18.87 -26.06 -8.18
CA SER B 47 19.76 -25.14 -7.49
C SER B 47 20.77 -24.54 -8.45
N ILE B 48 21.18 -23.32 -8.14
CA ILE B 48 22.30 -22.63 -8.77
C ILE B 48 23.17 -22.08 -7.64
N TYR B 49 24.38 -22.62 -7.49
CA TYR B 49 25.21 -22.26 -6.36
C TYR B 49 26.67 -22.37 -6.75
N GLN B 50 27.52 -21.73 -5.96
CA GLN B 50 28.95 -21.97 -6.04
C GLN B 50 29.54 -22.12 -4.64
N GLU B 51 30.47 -23.05 -4.50
CA GLU B 51 31.18 -23.25 -3.25
C GLU B 51 32.28 -22.21 -3.07
N ASN B 52 32.21 -21.43 -2.00
CA ASN B 52 33.24 -20.48 -1.61
C ASN B 52 33.69 -19.53 -2.73
N PRO B 53 32.77 -18.77 -3.33
CA PRO B 53 33.19 -17.81 -4.36
C PRO B 53 34.12 -16.74 -3.78
N ALA B 54 35.09 -16.34 -4.59
CA ALA B 54 36.06 -15.33 -4.17
C ALA B 54 35.38 -13.99 -3.92
N LYS B 55 36.07 -13.12 -3.19
CA LYS B 55 35.49 -11.89 -2.69
C LYS B 55 36.23 -10.67 -3.24
N THR B 56 35.49 -9.56 -3.38
CA THR B 56 35.99 -8.34 -4.00
C THR B 56 36.51 -7.33 -2.99
N ARG B 57 35.64 -6.82 -2.12
CA ARG B 57 36.01 -5.81 -1.15
C ARG B 57 35.00 -5.80 -0.02
N GLU B 58 35.35 -5.10 1.06
CA GLU B 58 34.51 -4.98 2.23
C GLU B 58 34.22 -3.51 2.56
N TYR B 59 33.03 -3.27 3.10
CA TYR B 59 32.67 -1.99 3.69
C TYR B 59 32.48 -2.14 5.19
N CYS B 60 32.58 -1.03 5.91
CA CYS B 60 32.21 -0.98 7.32
C CYS B 60 30.98 -0.11 7.52
N LEU B 61 30.13 -0.52 8.46
CA LEU B 61 28.85 0.15 8.72
C LEU B 61 28.75 0.84 10.07
N HIS B 62 29.75 0.71 10.95
CA HIS B 62 29.69 1.41 12.24
C HIS B 62 31.11 1.59 12.76
N ALA B 63 31.56 2.84 12.82
CA ALA B 63 32.93 3.13 13.25
C ALA B 63 33.06 3.14 14.78
N LYS B 64 34.19 2.61 15.24
CA LYS B 64 34.68 2.72 16.61
C LYS B 64 35.83 3.72 16.60
N LEU B 65 35.75 4.73 17.47
CA LEU B 65 36.71 5.82 17.47
C LEU B 65 37.40 5.88 18.82
N SER B 66 38.67 6.31 18.81
CA SER B 66 39.43 6.37 20.06
C SER B 66 40.63 7.29 19.90
N ASP B 67 41.24 7.60 21.04
CA ASP B 67 42.44 8.45 21.14
C ASP B 67 42.31 9.77 20.38
N THR B 68 41.23 10.50 20.66
CA THR B 68 41.10 11.83 20.10
C THR B 68 42.19 12.73 20.67
N LYS B 69 42.96 13.38 19.79
CA LYS B 69 43.99 14.31 20.21
C LYS B 69 43.93 15.57 19.37
N VAL B 70 44.27 16.69 20.01
CA VAL B 70 44.11 18.03 19.44
C VAL B 70 45.35 18.85 19.77
N ALA B 71 45.74 19.74 18.86
CA ALA B 71 46.75 20.75 19.15
C ALA B 71 46.40 22.05 18.45
N ALA B 72 46.84 23.17 19.02
CA ALA B 72 46.56 24.47 18.44
C ALA B 72 47.65 25.46 18.84
N ARG B 73 47.83 26.49 18.00
CA ARG B 73 48.90 27.46 18.15
C ARG B 73 48.34 28.85 17.85
N CYS B 74 48.96 29.87 18.45
CA CYS B 74 48.47 31.24 18.31
C CYS B 74 48.59 31.73 16.87
N PRO B 75 47.76 32.72 16.49
CA PRO B 75 47.57 33.05 15.06
C PRO B 75 48.83 33.41 14.28
N THR B 76 49.79 34.10 14.89
CA THR B 76 51.03 34.44 14.20
C THR B 76 52.10 33.36 14.26
N MET B 77 51.83 32.22 14.89
CA MET B 77 52.91 31.29 15.19
C MET B 77 53.18 30.38 13.99
N GLY B 78 52.17 29.66 13.53
CA GLY B 78 52.35 28.70 12.46
C GLY B 78 51.28 27.64 12.42
N PRO B 79 51.43 26.68 11.51
CA PRO B 79 50.46 25.57 11.44
C PRO B 79 50.63 24.59 12.59
N ALA B 80 49.49 24.04 13.02
CA ALA B 80 49.49 22.98 14.01
C ALA B 80 49.81 21.64 13.35
N THR B 81 50.41 20.74 14.12
CA THR B 81 50.86 19.46 13.58
C THR B 81 50.66 18.35 14.61
N LEU B 82 50.40 17.15 14.10
CA LEU B 82 50.37 15.94 14.92
C LEU B 82 51.06 14.81 14.17
N ALA B 83 51.74 13.94 14.92
CA ALA B 83 52.27 12.71 14.34
C ALA B 83 51.15 11.79 13.87
N GLU B 84 49.99 11.85 14.53
CA GLU B 84 48.79 11.11 14.14
C GLU B 84 48.25 11.50 12.78
N GLU B 85 48.86 12.49 12.13
CA GLU B 85 48.58 12.74 10.72
C GLU B 85 49.28 11.73 9.81
N HIS B 86 50.48 11.29 10.18
CA HIS B 86 51.26 10.37 9.36
C HIS B 86 51.01 8.92 9.71
N GLN B 87 50.75 8.61 10.99
CA GLN B 87 50.45 7.25 11.41
C GLN B 87 49.13 6.82 10.79
N SER B 88 49.21 6.09 9.67
CA SER B 88 48.05 5.79 8.86
C SER B 88 47.04 4.93 9.61
N GLY B 89 45.78 5.06 9.20
CA GLY B 89 44.65 4.50 9.92
C GLY B 89 43.93 5.47 10.82
N THR B 90 44.36 6.72 10.88
CA THR B 90 43.65 7.78 11.58
C THR B 90 42.74 8.56 10.63
N VAL B 91 41.87 9.35 11.23
CA VAL B 91 41.12 10.41 10.56
C VAL B 91 41.54 11.73 11.18
N CYS B 92 41.76 12.75 10.35
CA CYS B 92 42.26 14.01 10.89
C CYS B 92 41.61 15.18 10.17
N LYS B 93 41.64 16.33 10.84
CA LYS B 93 41.20 17.58 10.24
C LYS B 93 42.05 18.74 10.75
N ARG B 94 42.36 19.67 9.84
CA ARG B 94 42.95 20.96 10.18
C ARG B 94 41.93 22.08 9.95
N ASP B 95 41.90 23.03 10.89
CA ASP B 95 40.94 24.12 10.86
C ASP B 95 41.54 25.31 11.59
N GLN B 96 40.76 26.38 11.76
CA GLN B 96 41.24 27.58 12.42
C GLN B 96 40.27 28.03 13.50
N SER B 97 40.82 28.60 14.57
CA SER B 97 40.08 28.97 15.76
C SER B 97 40.33 30.44 16.07
N ASP B 98 39.31 31.13 16.55
CA ASP B 98 39.51 32.48 17.05
C ASP B 98 40.28 32.45 18.37
N ARG B 99 41.32 33.28 18.46
CA ARG B 99 42.17 33.36 19.63
C ARG B 99 42.46 34.81 19.97
N GLY B 100 42.86 35.02 21.22
CA GLY B 100 43.28 36.33 21.67
C GLY B 100 43.64 36.26 23.14
N TRP B 101 43.69 37.42 23.79
CA TRP B 101 43.90 37.43 25.22
C TRP B 101 42.74 36.82 25.99
N GLY B 102 41.66 36.43 25.31
CA GLY B 102 40.66 35.59 25.92
C GLY B 102 41.17 34.18 26.16
N ASN B 103 42.15 33.74 25.37
CA ASN B 103 42.66 32.37 25.41
C ASN B 103 44.17 32.39 25.53
N HIS B 104 44.71 33.38 26.25
CA HIS B 104 46.10 33.52 26.64
C HIS B 104 47.08 33.62 25.47
N CYS B 105 46.61 33.88 24.26
CA CYS B 105 47.53 34.30 23.22
C CYS B 105 47.93 35.76 23.43
N GLY B 106 49.02 36.15 22.79
CA GLY B 106 49.44 37.54 22.79
C GLY B 106 48.72 38.44 21.81
N LEU B 107 48.16 37.87 20.75
CA LEU B 107 47.60 38.66 19.65
C LEU B 107 46.30 38.05 19.19
N PHE B 108 45.32 38.91 18.93
CA PHE B 108 44.00 38.50 18.46
C PHE B 108 44.07 38.07 17.00
N GLY B 109 43.25 37.09 16.65
CA GLY B 109 43.18 36.59 15.28
C GLY B 109 42.89 35.11 15.25
N LYS B 110 42.97 34.54 14.04
CA LYS B 110 42.65 33.13 13.85
C LYS B 110 43.91 32.28 13.75
N GLY B 111 43.99 31.26 14.60
CA GLY B 111 45.17 30.43 14.72
C GLY B 111 44.87 28.97 14.39
N SER B 112 45.89 28.27 13.92
CA SER B 112 45.71 26.93 13.38
C SER B 112 45.41 25.92 14.49
N ILE B 113 44.54 24.96 14.19
CA ILE B 113 44.24 23.85 15.08
C ILE B 113 44.15 22.57 14.26
N VAL B 114 44.59 21.46 14.86
CA VAL B 114 44.52 20.15 14.22
C VAL B 114 43.93 19.15 15.21
N THR B 115 43.17 18.19 14.68
CA THR B 115 42.58 17.09 15.45
C THR B 115 42.81 15.78 14.70
N CYS B 116 43.08 14.71 15.46
CA CYS B 116 43.11 13.37 14.88
C CYS B 116 42.46 12.36 15.82
N VAL B 117 41.88 11.31 15.23
CA VAL B 117 41.34 10.17 15.97
C VAL B 117 41.79 8.87 15.29
N LYS B 118 41.95 7.82 16.09
CA LYS B 118 41.98 6.46 15.56
C LYS B 118 40.57 5.97 15.24
N ALA B 119 40.45 5.19 14.17
CA ALA B 119 39.18 4.63 13.73
C ALA B 119 39.34 3.17 13.35
N SER B 120 38.27 2.39 13.58
CA SER B 120 38.24 0.97 13.23
C SER B 120 36.77 0.58 13.08
N CYS B 121 36.52 -0.59 12.48
CA CYS B 121 35.14 -1.06 12.35
C CYS B 121 34.65 -1.74 13.63
N GLU B 122 33.39 -1.48 13.98
CA GLU B 122 32.72 -2.21 15.03
C GLU B 122 32.66 -3.71 14.72
N ALA B 123 32.73 -4.51 15.78
CA ALA B 123 32.70 -5.96 15.67
C ALA B 123 31.49 -6.47 14.89
N LYS B 124 31.74 -7.31 13.89
CA LYS B 124 30.71 -7.94 13.05
C LYS B 124 29.87 -6.94 12.25
N LYS B 125 30.33 -5.70 12.10
CA LYS B 125 29.62 -4.70 11.32
C LYS B 125 30.20 -4.52 9.91
N LYS B 126 30.84 -5.55 9.37
CA LYS B 126 31.33 -5.50 8.00
C LYS B 126 30.23 -5.89 7.02
N ALA B 127 30.44 -5.50 5.76
CA ALA B 127 29.72 -6.03 4.60
C ALA B 127 30.73 -6.49 3.56
N THR B 128 30.38 -7.55 2.82
CA THR B 128 31.35 -8.21 1.96
C THR B 128 30.74 -8.59 0.62
N GLY B 129 31.53 -8.44 -0.45
CA GLY B 129 31.12 -8.78 -1.81
C GLY B 129 31.84 -10.00 -2.32
N HIS B 130 31.07 -10.94 -2.87
CA HIS B 130 31.58 -12.15 -3.53
C HIS B 130 31.20 -12.15 -5.00
N VAL B 131 32.05 -12.76 -5.84
CA VAL B 131 31.79 -12.85 -7.27
C VAL B 131 31.98 -14.28 -7.76
N TYR B 132 31.05 -14.74 -8.59
CA TYR B 132 31.06 -16.08 -9.15
C TYR B 132 32.19 -16.28 -10.15
N ASP B 133 32.68 -17.52 -10.24
CA ASP B 133 33.70 -17.92 -11.20
C ASP B 133 33.02 -18.80 -12.24
N ALA B 134 33.01 -18.33 -13.49
CA ALA B 134 32.34 -19.02 -14.59
C ALA B 134 32.82 -20.44 -14.83
N ASN B 135 33.96 -20.83 -14.26
CA ASN B 135 34.46 -22.20 -14.37
C ASN B 135 34.31 -23.00 -13.08
N LYS B 136 33.69 -22.42 -12.05
CA LYS B 136 33.37 -23.15 -10.83
C LYS B 136 31.90 -23.15 -10.47
N ILE B 137 31.08 -22.27 -11.08
CA ILE B 137 29.63 -22.35 -10.92
C ILE B 137 29.15 -23.77 -11.19
N VAL B 138 28.15 -24.20 -10.42
CA VAL B 138 27.55 -25.53 -10.54
C VAL B 138 26.05 -25.37 -10.74
N TYR B 139 25.48 -26.21 -11.60
CA TYR B 139 24.04 -26.25 -11.83
C TYR B 139 23.55 -27.65 -11.44
N THR B 140 22.30 -27.75 -10.97
CA THR B 140 21.72 -29.07 -10.79
C THR B 140 20.29 -29.14 -11.32
N VAL B 141 20.01 -30.25 -11.98
CA VAL B 141 18.76 -30.48 -12.70
C VAL B 141 18.21 -31.85 -12.30
N LYS B 142 16.94 -31.88 -11.91
CA LYS B 142 16.32 -33.12 -11.44
C LYS B 142 15.23 -33.53 -12.40
N VAL B 143 15.11 -34.85 -12.61
CA VAL B 143 14.07 -35.47 -13.40
C VAL B 143 13.30 -36.46 -12.52
N GLU B 144 12.01 -36.59 -12.81
CA GLU B 144 11.16 -37.56 -12.11
C GLU B 144 10.12 -38.14 -13.05
N PRO B 145 9.98 -39.46 -13.11
CA PRO B 145 8.96 -40.06 -13.98
C PRO B 145 7.56 -39.80 -13.46
N HIS B 146 6.60 -39.79 -14.39
CA HIS B 146 5.19 -39.91 -14.04
C HIS B 146 4.90 -41.40 -13.82
N THR B 147 5.14 -41.87 -12.60
CA THR B 147 4.84 -43.27 -12.28
C THR B 147 3.38 -43.48 -11.90
N GLY B 148 2.60 -42.42 -11.73
CA GLY B 148 1.27 -42.54 -11.19
C GLY B 148 1.27 -42.77 -9.69
N ASP B 149 2.33 -42.34 -9.00
CA ASP B 149 2.36 -42.26 -7.55
C ASP B 149 2.49 -40.80 -7.13
N TYR B 150 1.58 -40.34 -6.29
CA TYR B 150 1.69 -39.00 -5.74
C TYR B 150 2.56 -39.01 -4.50
N VAL B 151 3.25 -37.89 -4.28
CA VAL B 151 4.25 -37.74 -3.22
C VAL B 151 4.24 -36.28 -2.78
N ALA B 152 3.92 -36.03 -1.52
CA ALA B 152 3.84 -34.67 -1.03
C ALA B 152 5.21 -34.00 -1.02
N ALA B 153 5.22 -32.68 -0.88
CA ALA B 153 6.43 -31.89 -1.01
C ALA B 153 7.44 -32.14 0.09
N ASN B 154 7.04 -32.78 1.20
CA ASN B 154 7.95 -33.14 2.28
C ASN B 154 8.31 -34.62 2.26
N GLU B 155 8.26 -35.23 1.08
CA GLU B 155 8.66 -36.61 0.85
C GLU B 155 9.49 -36.63 -0.42
N THR B 156 10.16 -37.76 -0.68
CA THR B 156 11.01 -37.87 -1.86
C THR B 156 10.60 -39.09 -2.69
N HIS B 157 10.24 -38.83 -3.95
CA HIS B 157 9.87 -39.88 -4.89
C HIS B 157 11.07 -40.78 -5.18
N SER B 158 10.81 -42.08 -5.29
CA SER B 158 11.87 -43.06 -5.49
C SER B 158 12.56 -42.95 -6.85
N GLY B 159 11.97 -42.22 -7.80
CA GLY B 159 12.54 -42.00 -9.11
C GLY B 159 13.11 -40.63 -9.36
N ARG B 160 13.25 -39.80 -8.33
CA ARG B 160 13.87 -38.48 -8.44
C ARG B 160 15.36 -38.62 -8.67
N LYS B 161 15.78 -38.41 -9.92
CA LYS B 161 17.19 -38.53 -10.30
C LYS B 161 17.79 -37.14 -10.45
N THR B 162 19.01 -36.98 -9.96
CA THR B 162 19.71 -35.70 -9.96
C THR B 162 20.90 -35.76 -10.91
N ALA B 163 20.99 -34.78 -11.80
CA ALA B 163 22.20 -34.50 -12.57
C ALA B 163 22.84 -33.22 -12.05
N SER B 164 24.17 -33.23 -11.95
CA SER B 164 24.93 -32.02 -11.67
C SER B 164 25.72 -31.65 -12.92
N PHE B 165 25.58 -30.40 -13.34
CA PHE B 165 26.24 -29.87 -14.53
C PHE B 165 27.32 -28.87 -14.17
N THR B 166 28.53 -29.13 -14.63
CA THR B 166 29.63 -28.19 -14.66
C THR B 166 30.07 -28.07 -16.12
N VAL B 167 30.57 -26.90 -16.49
CA VAL B 167 30.83 -26.64 -17.92
C VAL B 167 31.82 -27.65 -18.49
N SER B 168 32.68 -28.22 -17.65
CA SER B 168 33.58 -29.29 -18.07
C SER B 168 32.88 -30.63 -18.28
N SER B 169 31.60 -30.74 -17.98
CA SER B 169 30.90 -32.02 -17.99
C SER B 169 30.07 -32.19 -19.26
N GLU B 170 30.28 -33.31 -19.95
CA GLU B 170 29.60 -33.62 -21.19
C GLU B 170 28.23 -34.26 -20.90
N LYS B 171 27.63 -34.85 -21.93
CA LYS B 171 26.29 -35.44 -21.83
C LYS B 171 26.19 -36.45 -20.69
N THR B 172 25.12 -36.34 -19.92
CA THR B 172 24.86 -37.18 -18.75
C THR B 172 23.70 -38.11 -19.04
N ILE B 173 23.89 -39.41 -18.78
CA ILE B 173 22.84 -40.40 -18.98
C ILE B 173 22.31 -40.86 -17.63
N LEU B 174 20.99 -40.77 -17.46
CA LEU B 174 20.30 -41.15 -16.23
C LEU B 174 19.36 -42.29 -16.54
N THR B 175 19.55 -43.42 -15.85
CA THR B 175 18.66 -44.57 -16.01
C THR B 175 17.42 -44.37 -15.14
N MET B 176 16.28 -44.19 -15.78
CA MET B 176 15.00 -43.97 -15.09
C MET B 176 14.33 -45.29 -14.68
N GLY B 177 15.11 -46.23 -14.16
CA GLY B 177 14.59 -47.55 -13.85
C GLY B 177 13.99 -48.25 -15.05
N ASP B 178 12.78 -48.78 -14.85
CA ASP B 178 12.11 -49.57 -15.89
C ASP B 178 11.87 -48.78 -17.16
N TYR B 179 11.67 -47.46 -17.05
CA TYR B 179 11.38 -46.63 -18.20
C TYR B 179 12.59 -46.41 -19.12
N GLY B 180 13.76 -46.90 -18.75
CA GLY B 180 14.94 -46.72 -19.57
C GLY B 180 15.72 -45.46 -19.26
N ASP B 181 16.59 -45.10 -20.21
CA ASP B 181 17.60 -44.07 -19.97
C ASP B 181 17.20 -42.77 -20.66
N VAL B 182 17.04 -41.72 -19.87
CA VAL B 182 17.00 -40.34 -20.37
C VAL B 182 18.42 -39.81 -20.45
N SER B 183 18.64 -38.76 -21.24
CA SER B 183 19.94 -38.13 -21.25
C SER B 183 19.80 -36.62 -21.31
N LEU B 184 20.81 -35.91 -20.81
CA LEU B 184 20.78 -34.46 -20.72
C LEU B 184 22.10 -33.87 -21.22
N LEU B 185 22.00 -32.66 -21.78
CA LEU B 185 23.10 -31.71 -21.86
C LEU B 185 22.58 -30.33 -21.44
N CYS B 186 23.32 -29.63 -20.59
CA CYS B 186 22.83 -28.36 -20.04
C CYS B 186 23.95 -27.32 -19.99
N ARG B 187 24.51 -27.01 -21.15
CA ARG B 187 25.76 -26.25 -21.28
C ARG B 187 25.71 -24.92 -20.52
N VAL B 188 26.60 -24.80 -19.54
CA VAL B 188 26.56 -23.73 -18.54
C VAL B 188 26.76 -22.34 -19.15
N ALA B 189 27.36 -22.27 -20.35
CA ALA B 189 27.60 -21.01 -21.03
C ALA B 189 26.35 -20.19 -21.31
N SER B 190 25.16 -20.78 -21.21
CA SER B 190 23.92 -20.03 -21.35
C SER B 190 23.41 -19.46 -20.04
N GLY B 191 24.18 -19.56 -18.96
CA GLY B 191 23.74 -19.11 -17.66
C GLY B 191 23.58 -17.60 -17.54
N VAL B 192 23.38 -17.17 -16.29
CA VAL B 192 23.27 -15.75 -15.98
C VAL B 192 24.60 -15.03 -16.21
N ASP B 193 24.51 -13.71 -16.41
CA ASP B 193 25.66 -12.85 -16.70
C ASP B 193 26.41 -12.56 -15.41
N LEU B 194 27.32 -13.47 -15.06
CA LEU B 194 28.03 -13.42 -13.78
C LEU B 194 28.80 -12.11 -13.59
N ALA B 195 29.26 -11.50 -14.67
CA ALA B 195 29.98 -10.23 -14.57
C ALA B 195 29.14 -9.12 -13.95
N GLN B 196 27.83 -9.13 -14.15
CA GLN B 196 26.97 -8.11 -13.54
C GLN B 196 26.80 -8.28 -12.04
N THR B 197 27.16 -9.43 -11.46
CA THR B 197 26.55 -9.92 -10.24
C THR B 197 27.57 -9.94 -9.10
N VAL B 198 27.19 -9.35 -7.97
CA VAL B 198 27.92 -9.43 -6.72
C VAL B 198 26.97 -9.95 -5.66
N ILE B 199 27.47 -10.81 -4.77
CA ILE B 199 26.72 -11.24 -3.60
C ILE B 199 27.17 -10.43 -2.40
N LEU B 200 26.21 -9.82 -1.70
CA LEU B 200 26.46 -9.00 -0.53
C LEU B 200 26.12 -9.81 0.71
N GLU B 201 27.13 -10.10 1.52
CA GLU B 201 26.95 -10.55 2.90
C GLU B 201 26.95 -9.36 3.85
N LEU B 202 26.13 -9.48 4.90
CA LEU B 202 26.34 -8.79 6.16
C LEU B 202 26.87 -9.76 7.20
N ASP B 203 27.91 -9.35 7.92
CA ASP B 203 28.76 -10.31 8.63
C ASP B 203 27.99 -11.06 9.72
N LYS B 204 27.02 -10.41 10.35
CA LYS B 204 26.23 -11.08 11.38
C LYS B 204 25.37 -12.18 10.79
N THR B 205 25.23 -13.26 11.56
CA THR B 205 24.22 -14.30 11.32
C THR B 205 22.89 -13.85 11.96
N SER B 206 22.32 -12.82 11.36
CA SER B 206 21.13 -12.19 11.94
C SER B 206 19.94 -13.14 11.90
N GLU B 207 19.18 -13.17 13.00
CA GLU B 207 18.05 -14.08 13.11
C GLU B 207 16.86 -13.64 12.27
N HIS B 208 16.81 -12.38 11.87
CA HIS B 208 15.65 -11.82 11.18
C HIS B 208 16.08 -11.00 9.96
N LEU B 209 16.98 -11.56 9.16
CA LEU B 209 17.29 -10.96 7.87
C LEU B 209 17.61 -12.07 6.87
N PRO B 210 17.42 -11.82 5.58
CA PRO B 210 18.04 -12.68 4.57
C PRO B 210 19.56 -12.73 4.76
N THR B 211 20.13 -13.89 4.49
CA THR B 211 21.55 -14.09 4.78
C THR B 211 22.46 -13.40 3.77
N ALA B 212 21.98 -13.17 2.54
CA ALA B 212 22.74 -12.39 1.57
C ALA B 212 21.80 -11.84 0.51
N TRP B 213 22.29 -10.82 -0.20
CA TRP B 213 21.57 -10.24 -1.33
C TRP B 213 22.40 -10.35 -2.60
N GLN B 214 21.71 -10.27 -3.75
CA GLN B 214 22.37 -10.23 -5.06
C GLN B 214 22.20 -8.84 -5.64
N VAL B 215 23.30 -8.19 -6.01
CA VAL B 215 23.28 -6.80 -6.44
C VAL B 215 24.20 -6.57 -7.63
N HIS B 216 23.91 -5.50 -8.37
CA HIS B 216 24.66 -5.17 -9.57
C HIS B 216 26.05 -4.65 -9.22
N ARG B 217 27.04 -5.05 -10.01
CA ARG B 217 28.44 -4.68 -9.76
C ARG B 217 28.61 -3.17 -9.57
N ASP B 218 27.91 -2.36 -10.38
CA ASP B 218 28.04 -0.92 -10.31
C ASP B 218 27.59 -0.37 -8.96
N TRP B 219 26.36 -0.69 -8.55
CA TRP B 219 25.84 -0.19 -7.29
C TRP B 219 26.76 -0.55 -6.12
N PHE B 220 27.19 -1.81 -6.06
CA PHE B 220 28.06 -2.23 -4.97
C PHE B 220 29.41 -1.51 -5.00
N ASN B 221 29.97 -1.30 -6.18
CA ASN B 221 31.23 -0.56 -6.27
C ASN B 221 31.07 0.94 -6.01
N ASP B 222 29.85 1.47 -6.08
CA ASP B 222 29.63 2.90 -5.92
C ASP B 222 29.41 3.36 -4.49
N LEU B 223 29.15 2.44 -3.55
CA LEU B 223 28.71 2.82 -2.20
C LEU B 223 29.65 3.83 -1.55
N ALA B 224 29.05 4.90 -1.01
CA ALA B 224 29.77 5.97 -0.32
C ALA B 224 30.10 5.61 1.12
N LEU B 225 30.76 4.48 1.33
CA LEU B 225 31.12 4.02 2.66
C LEU B 225 32.61 3.73 2.73
N PRO B 226 33.20 3.77 3.93
CA PRO B 226 34.61 3.39 4.05
C PRO B 226 34.80 1.92 3.73
N TRP B 227 35.93 1.62 3.09
CA TRP B 227 36.13 0.33 2.46
C TRP B 227 37.58 -0.10 2.56
N LYS B 228 37.81 -1.39 2.36
CA LYS B 228 39.15 -1.95 2.31
C LYS B 228 39.11 -3.24 1.52
N HIS B 229 40.29 -3.69 1.11
CA HIS B 229 40.47 -5.04 0.61
C HIS B 229 40.65 -6.02 1.77
N GLU B 230 40.30 -7.28 1.54
CA GLU B 230 40.46 -8.30 2.56
C GLU B 230 41.90 -8.34 3.03
N GLY B 231 42.08 -8.43 4.35
CA GLY B 231 43.38 -8.58 4.96
C GLY B 231 44.26 -7.35 4.93
N ALA B 232 43.85 -6.28 4.25
CA ALA B 232 44.42 -4.98 4.50
C ALA B 232 44.01 -4.52 5.89
N GLN B 233 44.97 -3.98 6.65
CA GLN B 233 44.74 -3.83 8.08
C GLN B 233 43.84 -2.66 8.43
N ASN B 234 43.73 -1.65 7.56
CA ASN B 234 43.02 -0.43 7.93
C ASN B 234 42.05 -0.03 6.82
N TRP B 235 41.07 0.78 7.21
CA TRP B 235 40.03 1.22 6.30
C TRP B 235 40.46 2.47 5.52
N ASN B 236 40.12 2.50 4.24
CA ASN B 236 40.21 3.72 3.46
C ASN B 236 38.96 4.58 3.62
N ASN B 237 39.17 5.90 3.54
CA ASN B 237 38.12 6.91 3.62
C ASN B 237 37.28 6.82 4.90
N ALA B 238 37.92 6.44 6.02
CA ALA B 238 37.19 6.25 7.27
C ALA B 238 36.43 7.51 7.68
N GLU B 239 36.92 8.68 7.27
CA GLU B 239 36.25 9.96 7.53
C GLU B 239 34.78 9.97 7.12
N ARG B 240 34.36 9.06 6.25
CA ARG B 240 32.97 9.04 5.82
C ARG B 240 32.02 8.74 6.98
N LEU B 241 32.54 8.20 8.09
CA LEU B 241 31.71 7.95 9.28
C LEU B 241 31.96 8.94 10.41
N VAL B 242 32.91 9.85 10.25
CA VAL B 242 33.37 10.73 11.31
C VAL B 242 33.14 12.17 10.87
N GLU B 243 32.40 12.95 11.66
CA GLU B 243 32.19 14.36 11.37
C GLU B 243 32.77 15.20 12.50
N PHE B 244 33.69 16.09 12.15
CA PHE B 244 34.29 16.98 13.15
C PHE B 244 33.34 18.11 13.52
N GLY B 245 33.42 18.51 14.78
CA GLY B 245 32.74 19.72 15.22
C GLY B 245 33.44 20.98 14.76
N ALA B 246 32.71 22.09 14.82
CA ALA B 246 33.30 23.38 14.52
C ALA B 246 34.29 23.77 15.62
N PRO B 247 35.37 24.45 15.25
CA PRO B 247 36.36 24.86 16.26
C PRO B 247 35.77 25.76 17.32
N HIS B 248 36.32 25.66 18.52
CA HIS B 248 35.93 26.54 19.62
C HIS B 248 37.09 26.62 20.59
N ALA B 249 37.60 27.83 20.81
CA ALA B 249 38.76 28.10 21.68
C ALA B 249 39.90 27.17 21.27
N VAL B 250 40.51 26.44 22.19
CA VAL B 250 41.56 25.46 21.90
C VAL B 250 41.01 24.07 21.61
N LYS B 251 39.70 23.96 21.35
CA LYS B 251 39.04 22.66 21.33
C LYS B 251 38.28 22.45 20.04
N MET B 252 38.24 21.20 19.59
CA MET B 252 37.28 20.70 18.63
C MET B 252 36.69 19.39 19.13
N ASP B 253 35.40 19.20 18.92
CA ASP B 253 34.76 17.91 19.15
C ASP B 253 34.86 17.02 17.91
N VAL B 254 34.80 15.71 18.14
CA VAL B 254 34.60 14.70 17.10
C VAL B 254 33.28 13.98 17.33
N TYR B 255 32.39 14.02 16.34
CA TYR B 255 31.09 13.36 16.41
C TYR B 255 31.06 12.14 15.51
N ASN B 256 30.44 11.07 16.00
CA ASN B 256 30.37 9.78 15.31
C ASN B 256 28.95 9.58 14.82
N LEU B 257 28.79 9.42 13.50
CA LEU B 257 27.48 9.31 12.86
C LEU B 257 26.77 7.99 13.14
N GLY B 258 27.37 7.07 13.88
CA GLY B 258 26.72 5.86 14.36
C GLY B 258 26.44 4.84 13.26
N ASP B 259 25.63 3.85 13.64
CA ASP B 259 25.40 2.68 12.80
C ASP B 259 24.56 3.04 11.57
N HIS B 260 25.16 2.88 10.39
CA HIS B 260 24.51 3.04 9.08
C HIS B 260 23.61 1.88 8.66
N THR B 261 23.61 0.75 9.39
CA THR B 261 23.04 -0.49 8.88
C THR B 261 21.60 -0.33 8.40
N GLY B 262 20.77 0.38 9.17
CA GLY B 262 19.41 0.64 8.72
C GLY B 262 19.34 1.39 7.40
N VAL B 263 20.30 2.27 7.14
CA VAL B 263 20.35 2.98 5.87
C VAL B 263 20.60 1.99 4.74
N LEU B 264 21.61 1.15 4.89
CA LEU B 264 21.97 0.20 3.85
C LEU B 264 20.80 -0.75 3.57
N LEU B 265 20.25 -1.34 4.63
CA LEU B 265 19.11 -2.24 4.49
C LEU B 265 17.92 -1.56 3.80
N LYS B 266 17.69 -0.28 4.05
CA LYS B 266 16.61 0.40 3.34
C LYS B 266 16.96 0.68 1.88
N SER B 267 18.22 1.03 1.61
CA SER B 267 18.67 1.29 0.25
C SER B 267 18.67 0.05 -0.62
N LEU B 268 18.89 -1.12 -0.01
CA LEU B 268 18.76 -2.40 -0.70
C LEU B 268 17.37 -2.64 -1.26
N ALA B 269 16.34 -1.95 -0.78
CA ALA B 269 14.96 -2.28 -1.12
C ALA B 269 14.76 -2.35 -2.64
N GLY B 270 14.13 -3.44 -3.10
CA GLY B 270 14.02 -3.78 -4.51
C GLY B 270 14.95 -4.87 -4.97
N VAL B 271 15.97 -5.21 -4.20
CA VAL B 271 17.02 -6.13 -4.62
C VAL B 271 16.59 -7.59 -4.49
N PRO B 272 17.05 -8.48 -5.38
CA PRO B 272 16.82 -9.92 -5.19
C PRO B 272 17.60 -10.47 -4.01
N VAL B 273 16.95 -11.33 -3.23
CA VAL B 273 17.64 -12.08 -2.18
C VAL B 273 18.45 -13.23 -2.77
N ALA B 274 19.33 -13.81 -1.94
CA ALA B 274 20.08 -15.02 -2.27
C ALA B 274 20.04 -15.92 -1.05
N HIS B 275 20.85 -16.97 -1.04
CA HIS B 275 20.92 -17.80 0.16
C HIS B 275 22.33 -18.33 0.36
N ILE B 276 22.67 -18.59 1.62
CA ILE B 276 23.95 -19.17 2.02
C ILE B 276 23.67 -20.42 2.84
N ASP B 277 24.29 -21.54 2.45
CA ASP B 277 24.07 -22.84 3.08
C ASP B 277 25.42 -23.43 3.42
N GLY B 278 25.91 -23.11 4.63
CA GLY B 278 27.28 -23.39 5.00
C GLY B 278 28.30 -22.72 4.12
N THR B 279 28.98 -23.52 3.31
CA THR B 279 29.97 -23.04 2.36
C THR B 279 29.38 -22.71 0.99
N LYS B 280 28.14 -23.07 0.73
CA LYS B 280 27.58 -22.97 -0.62
C LYS B 280 26.73 -21.72 -0.76
N TYR B 281 27.02 -20.90 -1.77
CA TYR B 281 26.33 -19.64 -1.98
C TYR B 281 25.38 -19.81 -3.16
N HIS B 282 24.08 -19.85 -2.86
CA HIS B 282 23.04 -20.16 -3.83
C HIS B 282 22.44 -18.87 -4.36
N LEU B 283 22.30 -18.79 -5.67
CA LEU B 283 21.42 -17.83 -6.31
C LEU B 283 19.96 -18.26 -6.17
N LYS B 284 19.06 -17.32 -6.44
CA LYS B 284 17.62 -17.63 -6.47
C LYS B 284 16.97 -17.16 -7.76
N SER B 285 17.77 -16.89 -8.80
CA SER B 285 17.24 -16.61 -10.12
C SER B 285 18.22 -17.11 -11.19
N GLY B 286 17.68 -17.50 -12.32
CA GLY B 286 18.49 -17.87 -13.46
C GLY B 286 17.82 -18.93 -14.31
N HIS B 287 18.59 -19.44 -15.27
CA HIS B 287 18.11 -20.47 -16.20
C HIS B 287 19.31 -21.12 -16.86
N VAL B 288 19.05 -22.23 -17.54
CA VAL B 288 20.04 -22.85 -18.43
C VAL B 288 19.29 -23.56 -19.55
N THR B 289 19.96 -23.70 -20.69
CA THR B 289 19.38 -24.36 -21.87
C THR B 289 19.80 -25.81 -21.87
N CYS B 290 18.84 -26.71 -21.70
CA CYS B 290 19.08 -28.15 -21.71
C CYS B 290 18.56 -28.77 -23.01
N GLU B 291 19.44 -29.51 -23.71
CA GLU B 291 19.00 -30.57 -24.61
C GLU B 291 18.58 -31.79 -23.80
N VAL B 292 17.41 -32.33 -24.11
CA VAL B 292 16.86 -33.52 -23.45
C VAL B 292 16.73 -34.64 -24.46
N GLY B 293 17.48 -35.73 -24.23
CA GLY B 293 17.52 -36.91 -25.07
C GLY B 293 16.54 -37.96 -24.59
N LEU B 294 15.33 -37.92 -25.18
CA LEU B 294 14.22 -38.83 -24.90
C LEU B 294 14.32 -40.17 -25.62
N GLU B 295 15.21 -40.29 -26.61
CA GLU B 295 15.20 -41.38 -27.60
C GLU B 295 15.31 -42.78 -27.03
N LYS B 296 15.60 -42.96 -25.74
CA LYS B 296 15.71 -44.30 -25.18
C LYS B 296 14.68 -44.64 -24.10
N LEU B 297 13.73 -43.75 -23.82
CA LEU B 297 12.65 -44.09 -22.90
C LEU B 297 11.62 -45.00 -23.58
N LYS B 298 11.04 -45.91 -22.80
CA LYS B 298 10.07 -46.87 -23.30
C LYS B 298 8.87 -46.95 -22.37
N MET B 299 7.70 -47.21 -22.95
CA MET B 299 6.51 -47.52 -22.17
C MET B 299 6.72 -48.72 -21.26
N LYS B 300 5.99 -48.73 -20.15
CA LYS B 300 5.95 -49.85 -19.21
C LYS B 300 4.58 -50.52 -19.24
N GLY B 301 4.55 -51.82 -19.50
CA GLY B 301 3.36 -52.60 -19.25
C GLY B 301 2.27 -52.56 -20.30
N LEU B 302 2.61 -52.24 -21.55
CA LEU B 302 1.65 -52.32 -22.65
C LEU B 302 1.07 -53.72 -22.83
N THR B 303 1.70 -54.75 -22.27
CA THR B 303 1.25 -56.13 -22.43
C THR B 303 0.41 -56.65 -21.27
N TYR B 304 0.15 -55.86 -20.23
CA TYR B 304 -0.72 -56.32 -19.16
C TYR B 304 -2.19 -56.33 -19.59
N THR B 305 -2.96 -57.19 -18.94
CA THR B 305 -4.41 -57.22 -19.05
C THR B 305 -5.04 -56.01 -18.37
N MET B 306 -6.24 -55.66 -18.80
CA MET B 306 -7.06 -54.69 -18.10
C MET B 306 -7.38 -55.17 -16.69
N CYS B 307 -7.60 -54.21 -15.79
CA CYS B 307 -8.21 -54.50 -14.49
C CYS B 307 -9.68 -54.90 -14.65
N ASP B 308 -10.22 -55.52 -13.59
CA ASP B 308 -11.66 -55.67 -13.47
C ASP B 308 -12.30 -54.30 -13.24
N LYS B 309 -13.23 -53.92 -14.12
CA LYS B 309 -13.91 -52.63 -14.02
C LYS B 309 -14.63 -52.42 -12.69
N THR B 310 -14.94 -53.49 -11.95
CA THR B 310 -15.82 -53.38 -10.79
C THR B 310 -15.15 -52.74 -9.56
N LYS B 311 -13.86 -52.96 -9.36
CA LYS B 311 -13.28 -52.87 -8.02
C LYS B 311 -12.67 -51.52 -7.68
N PHE B 312 -12.75 -50.53 -8.56
CA PHE B 312 -12.17 -49.23 -8.28
C PHE B 312 -13.02 -48.43 -7.29
N THR B 313 -12.33 -47.66 -6.45
CA THR B 313 -12.93 -46.76 -5.47
C THR B 313 -12.16 -45.45 -5.47
N TRP B 314 -12.87 -44.33 -5.30
CA TRP B 314 -12.21 -43.04 -5.19
C TRP B 314 -11.49 -42.90 -3.86
N LYS B 315 -10.15 -43.01 -3.89
CA LYS B 315 -9.37 -42.55 -2.75
C LYS B 315 -9.38 -41.03 -2.65
N ARG B 316 -9.43 -40.35 -3.79
CA ARG B 316 -9.42 -38.90 -3.85
C ARG B 316 -10.10 -38.49 -5.15
N ILE B 317 -11.28 -37.89 -5.05
CA ILE B 317 -12.11 -37.61 -6.20
C ILE B 317 -11.48 -36.56 -7.12
N PRO B 318 -11.84 -36.54 -8.40
CA PRO B 318 -11.31 -35.52 -9.32
C PRO B 318 -11.49 -34.10 -8.80
N THR B 319 -10.43 -33.31 -8.90
CA THR B 319 -10.48 -31.92 -8.45
C THR B 319 -9.59 -31.07 -9.34
N ASP B 320 -9.94 -29.78 -9.42
CA ASP B 320 -9.20 -28.83 -10.24
C ASP B 320 -7.81 -28.58 -9.68
N SER B 321 -6.80 -28.69 -10.53
CA SER B 321 -5.43 -28.45 -10.12
C SER B 321 -5.04 -26.98 -10.13
N GLY B 322 -5.83 -26.12 -10.76
CA GLY B 322 -5.40 -24.77 -11.08
C GLY B 322 -4.54 -24.64 -12.32
N HIS B 323 -4.04 -25.75 -12.86
CA HIS B 323 -3.30 -25.77 -14.12
C HIS B 323 -4.18 -26.16 -15.31
N ASP B 324 -5.50 -26.06 -15.15
CA ASP B 324 -6.46 -26.62 -16.11
C ASP B 324 -6.17 -28.10 -16.38
N THR B 325 -5.88 -28.84 -15.31
CA THR B 325 -5.89 -30.29 -15.34
C THR B 325 -6.76 -30.81 -14.20
N VAL B 326 -7.26 -32.02 -14.39
CA VAL B 326 -8.05 -32.75 -13.40
C VAL B 326 -7.16 -33.82 -12.77
N VAL B 327 -7.12 -33.83 -11.44
CA VAL B 327 -6.19 -34.63 -10.66
C VAL B 327 -7.00 -35.52 -9.72
N MET B 328 -6.64 -36.81 -9.66
CA MET B 328 -7.51 -37.78 -9.01
C MET B 328 -6.67 -38.97 -8.56
N GLU B 329 -7.22 -39.74 -7.63
CA GLU B 329 -6.56 -40.97 -7.20
C GLU B 329 -7.60 -42.04 -6.90
N VAL B 330 -7.37 -43.23 -7.44
CA VAL B 330 -8.21 -44.41 -7.21
C VAL B 330 -7.41 -45.47 -6.48
N ALA B 331 -8.11 -46.32 -5.76
CA ALA B 331 -7.52 -47.48 -5.11
C ALA B 331 -8.26 -48.74 -5.57
N PHE B 332 -7.51 -49.84 -5.67
CA PHE B 332 -8.01 -51.02 -6.36
C PHE B 332 -7.68 -52.27 -5.55
N SER B 333 -8.67 -53.14 -5.39
CA SER B 333 -8.58 -54.27 -4.48
C SER B 333 -8.40 -55.62 -5.17
N GLY B 334 -8.28 -55.64 -6.50
CA GLY B 334 -8.13 -56.88 -7.23
C GLY B 334 -6.69 -57.36 -7.28
N THR B 335 -6.47 -58.35 -8.14
CA THR B 335 -5.14 -58.88 -8.38
C THR B 335 -4.30 -57.92 -9.23
N LYS B 336 -3.00 -57.97 -9.02
CA LYS B 336 -2.04 -57.03 -9.55
C LYS B 336 -0.94 -57.78 -10.28
N PRO B 337 -0.31 -57.15 -11.30
CA PRO B 337 -0.62 -55.85 -11.90
C PRO B 337 -1.74 -55.89 -12.94
N CYS B 338 -2.33 -54.74 -13.22
CA CYS B 338 -3.33 -54.60 -14.27
C CYS B 338 -3.38 -53.15 -14.72
N ARG B 339 -3.89 -52.95 -15.95
CA ARG B 339 -4.02 -51.61 -16.52
C ARG B 339 -5.34 -50.96 -16.11
N ILE B 340 -5.25 -49.69 -15.74
CA ILE B 340 -6.43 -48.93 -15.29
C ILE B 340 -7.29 -48.56 -16.49
N PRO B 341 -8.58 -48.89 -16.49
CA PRO B 341 -9.51 -48.56 -17.58
C PRO B 341 -10.06 -47.14 -17.52
N VAL B 342 -9.17 -46.15 -17.64
CA VAL B 342 -9.60 -44.75 -17.60
C VAL B 342 -10.34 -44.40 -18.88
N ARG B 343 -11.40 -43.60 -18.75
CA ARG B 343 -12.08 -42.98 -19.88
C ARG B 343 -12.61 -41.61 -19.44
N ALA B 344 -12.80 -40.72 -20.41
CA ALA B 344 -13.65 -39.56 -20.18
C ALA B 344 -14.54 -39.33 -21.38
N VAL B 345 -15.81 -39.06 -21.13
CA VAL B 345 -16.83 -38.98 -22.18
C VAL B 345 -17.41 -37.58 -22.17
N ALA B 346 -17.38 -36.92 -23.32
CA ALA B 346 -18.05 -35.63 -23.46
C ALA B 346 -19.55 -35.81 -23.56
N HIS B 347 -20.28 -34.81 -23.06
CA HIS B 347 -21.74 -34.85 -23.14
C HIS B 347 -22.20 -34.95 -24.59
N GLY B 348 -21.49 -34.28 -25.50
CA GLY B 348 -21.88 -34.22 -26.91
C GLY B 348 -21.63 -35.50 -27.69
N SER B 349 -20.82 -36.42 -27.17
CA SER B 349 -20.34 -37.56 -27.96
C SER B 349 -20.21 -38.79 -27.06
N PRO B 350 -21.34 -39.41 -26.68
CA PRO B 350 -21.32 -40.43 -25.62
C PRO B 350 -20.42 -41.63 -25.90
N ASP B 351 -19.86 -41.75 -27.11
CA ASP B 351 -19.01 -42.88 -27.45
C ASP B 351 -17.53 -42.54 -27.60
N VAL B 352 -17.12 -41.32 -27.31
CA VAL B 352 -15.76 -40.85 -27.58
C VAL B 352 -15.01 -40.73 -26.26
N ASN B 353 -13.81 -41.32 -26.20
CA ASN B 353 -12.93 -41.18 -25.04
C ASN B 353 -12.10 -39.93 -25.22
N VAL B 354 -12.60 -38.82 -24.67
CA VAL B 354 -11.98 -37.51 -24.83
C VAL B 354 -10.79 -37.29 -23.89
N ALA B 355 -10.54 -38.21 -22.97
CA ALA B 355 -9.52 -38.00 -21.95
C ALA B 355 -8.14 -37.93 -22.57
N MET B 356 -7.49 -36.76 -22.45
CA MET B 356 -6.08 -36.58 -22.82
C MET B 356 -5.24 -36.74 -21.56
N LEU B 357 -4.80 -37.96 -21.30
CA LEU B 357 -4.03 -38.23 -20.10
C LEU B 357 -2.65 -37.60 -20.19
N ILE B 358 -2.21 -36.98 -19.10
CA ILE B 358 -0.79 -36.66 -18.96
C ILE B 358 -0.01 -37.88 -18.48
N THR B 359 -0.61 -38.67 -17.58
CA THR B 359 0.05 -39.86 -17.07
C THR B 359 0.11 -40.93 -18.17
N PRO B 360 1.26 -41.53 -18.42
CA PRO B 360 1.33 -42.60 -19.43
C PRO B 360 0.76 -43.90 -18.89
N ASN B 361 -0.04 -44.56 -19.74
CA ASN B 361 -0.56 -45.92 -19.60
C ASN B 361 -0.82 -46.32 -18.15
N PRO B 362 -1.74 -45.64 -17.47
CA PRO B 362 -1.78 -45.70 -16.00
C PRO B 362 -1.97 -47.12 -15.49
N ILE B 363 -1.10 -47.52 -14.56
CA ILE B 363 -0.90 -48.91 -14.18
C ILE B 363 -1.13 -49.04 -12.69
N ILE B 364 -1.62 -50.21 -12.27
CA ILE B 364 -1.60 -50.63 -10.87
C ILE B 364 -0.50 -51.67 -10.69
N GLU B 365 0.31 -51.50 -9.66
CA GLU B 365 1.34 -52.46 -9.30
C GLU B 365 1.39 -52.60 -7.78
N ASN B 366 2.09 -53.65 -7.34
CA ASN B 366 1.93 -54.19 -5.99
C ASN B 366 2.10 -53.15 -4.89
N ASN B 367 2.80 -52.04 -5.15
CA ASN B 367 2.97 -51.01 -4.14
C ASN B 367 2.68 -49.61 -4.65
N GLY B 368 1.94 -49.46 -5.74
CA GLY B 368 1.78 -48.15 -6.33
C GLY B 368 0.86 -48.17 -7.52
N GLY B 369 0.70 -46.98 -8.11
CA GLY B 369 -0.28 -46.76 -9.15
C GLY B 369 -1.61 -46.24 -8.61
N GLY B 370 -2.43 -45.75 -9.54
CA GLY B 370 -3.77 -45.30 -9.23
C GLY B 370 -3.93 -43.79 -9.15
N PHE B 371 -2.85 -43.04 -8.95
CA PHE B 371 -2.90 -41.61 -9.18
C PHE B 371 -2.98 -41.30 -10.67
N ILE B 372 -3.89 -40.41 -11.04
CA ILE B 372 -4.14 -40.05 -12.43
C ILE B 372 -4.23 -38.54 -12.55
N GLU B 373 -3.73 -38.00 -13.67
CA GLU B 373 -3.95 -36.63 -14.07
C GLU B 373 -4.35 -36.62 -15.55
N MET B 374 -5.33 -35.80 -15.88
CA MET B 374 -5.78 -35.68 -17.26
C MET B 374 -6.16 -34.24 -17.57
N GLN B 375 -6.27 -33.92 -18.86
CA GLN B 375 -6.79 -32.65 -19.31
C GLN B 375 -8.09 -32.86 -20.08
N LEU B 376 -9.03 -31.92 -19.93
CA LEU B 376 -10.33 -32.03 -20.55
C LEU B 376 -10.68 -30.76 -21.31
N PRO B 377 -11.49 -30.85 -22.35
CA PRO B 377 -11.97 -29.66 -23.04
C PRO B 377 -13.07 -28.96 -22.26
N PRO B 378 -13.22 -27.64 -22.42
CA PRO B 378 -14.19 -26.90 -21.63
C PRO B 378 -15.60 -27.42 -21.81
N GLY B 379 -16.43 -27.21 -20.78
CA GLY B 379 -17.80 -27.72 -20.78
C GLY B 379 -18.03 -28.97 -19.96
N ASP B 380 -18.92 -29.85 -20.37
CA ASP B 380 -19.48 -30.86 -19.48
C ASP B 380 -19.02 -32.25 -19.87
N ASN B 381 -18.42 -32.98 -18.93
CA ASN B 381 -17.82 -34.26 -19.19
C ASN B 381 -18.18 -35.20 -18.04
N ILE B 382 -18.14 -36.51 -18.32
CA ILE B 382 -18.20 -37.51 -17.27
C ILE B 382 -16.92 -38.32 -17.32
N ILE B 383 -16.16 -38.29 -16.23
CA ILE B 383 -14.95 -39.11 -16.10
C ILE B 383 -15.37 -40.50 -15.65
N TYR B 384 -14.68 -41.52 -16.14
CA TYR B 384 -14.93 -42.89 -15.71
C TYR B 384 -13.61 -43.60 -15.41
N VAL B 385 -13.69 -44.49 -14.44
CA VAL B 385 -12.64 -45.47 -14.16
C VAL B 385 -13.37 -46.81 -14.09
N GLY B 386 -13.53 -47.45 -15.25
CA GLY B 386 -14.41 -48.60 -15.36
C GLY B 386 -15.84 -48.26 -15.02
N GLU B 387 -16.33 -48.83 -13.92
CA GLU B 387 -17.68 -48.58 -13.47
C GLU B 387 -17.78 -47.29 -12.64
N LEU B 388 -16.68 -46.87 -12.04
CA LEU B 388 -16.68 -45.64 -11.26
C LEU B 388 -16.76 -44.42 -12.17
N SER B 389 -17.42 -43.35 -11.71
CA SER B 389 -17.57 -42.18 -12.56
C SER B 389 -17.72 -40.92 -11.72
N HIS B 390 -17.63 -39.77 -12.40
CA HIS B 390 -17.72 -38.47 -11.74
C HIS B 390 -18.02 -37.40 -12.78
N GLN B 391 -19.06 -36.61 -12.55
CA GLN B 391 -19.38 -35.47 -13.41
C GLN B 391 -18.40 -34.31 -13.22
N TRP B 392 -17.69 -33.92 -14.28
CA TRP B 392 -16.73 -32.82 -14.23
C TRP B 392 -17.11 -31.73 -15.21
N PHE B 393 -17.21 -30.49 -14.72
CA PHE B 393 -17.42 -29.33 -15.58
C PHE B 393 -16.12 -28.54 -15.71
N GLN B 394 -15.53 -28.57 -16.91
CA GLN B 394 -14.25 -27.94 -17.20
C GLN B 394 -14.44 -26.44 -17.42
N LYS B 395 -14.06 -25.64 -16.43
CA LYS B 395 -14.54 -24.28 -16.28
C LYS B 395 -14.01 -23.30 -17.32
N GLY B 396 -12.90 -23.62 -17.98
CA GLY B 396 -12.28 -22.66 -18.87
C GLY B 396 -13.02 -22.39 -20.18
N SER B 397 -12.33 -21.63 -21.04
CA SER B 397 -12.77 -21.33 -22.39
C SER B 397 -11.57 -21.35 -23.32
N SER B 398 -11.78 -21.82 -24.55
CA SER B 398 -10.67 -22.08 -25.48
C SER B 398 -9.89 -20.80 -25.78
N ILE B 399 -10.60 -19.74 -26.16
CA ILE B 399 -9.96 -18.45 -26.41
C ILE B 399 -9.31 -17.90 -25.14
N GLY B 400 -9.95 -18.10 -23.99
CA GLY B 400 -9.34 -17.69 -22.74
C GLY B 400 -8.03 -18.41 -22.45
N ARG B 401 -7.99 -19.71 -22.71
CA ARG B 401 -6.75 -20.48 -22.56
C ARG B 401 -5.66 -20.04 -23.53
N VAL B 402 -6.01 -19.82 -24.80
CA VAL B 402 -5.02 -19.31 -25.75
C VAL B 402 -4.49 -17.94 -25.31
N PHE B 403 -5.38 -17.04 -24.90
CA PHE B 403 -4.96 -15.72 -24.43
C PHE B 403 -4.05 -15.83 -23.20
N GLN B 404 -4.39 -16.71 -22.27
CA GLN B 404 -3.51 -16.97 -21.13
C GLN B 404 -2.15 -17.49 -21.57
N LYS B 405 -2.11 -18.38 -22.58
CA LYS B 405 -0.83 -18.83 -23.11
C LYS B 405 -0.02 -17.70 -23.74
N THR B 406 -0.69 -16.72 -24.37
CA THR B 406 0.00 -15.52 -24.82
C THR B 406 0.56 -14.73 -23.65
N ARG B 407 -0.22 -14.58 -22.58
CA ARG B 407 0.28 -13.90 -21.38
C ARG B 407 1.51 -14.60 -20.82
N LYS B 408 1.48 -15.92 -20.74
CA LYS B 408 2.65 -16.71 -20.32
C LYS B 408 3.84 -16.45 -21.24
N GLY B 409 3.63 -16.45 -22.55
CA GLY B 409 4.71 -16.16 -23.47
C GLY B 409 5.33 -14.79 -23.27
N ILE B 410 4.48 -13.76 -23.11
CA ILE B 410 4.95 -12.41 -22.84
C ILE B 410 5.72 -12.35 -21.52
N GLU B 411 5.23 -13.03 -20.49
CA GLU B 411 5.95 -13.10 -19.22
C GLU B 411 7.32 -13.73 -19.39
N ARG B 412 7.38 -14.88 -20.05
CA ARG B 412 8.66 -15.56 -20.29
C ARG B 412 9.63 -14.66 -21.05
N LEU B 413 9.17 -14.02 -22.11
CA LEU B 413 10.03 -13.10 -22.86
C LEU B 413 10.49 -11.92 -22.01
N THR B 414 9.65 -11.45 -21.09
CA THR B 414 10.05 -10.34 -20.23
C THR B 414 11.11 -10.76 -19.22
N VAL B 415 10.86 -11.86 -18.49
CA VAL B 415 11.77 -12.28 -17.42
C VAL B 415 13.06 -12.88 -17.97
N ILE B 416 12.95 -13.78 -18.95
CA ILE B 416 14.15 -14.39 -19.52
C ILE B 416 14.89 -13.41 -20.43
N GLY B 417 14.15 -12.63 -21.21
CA GLY B 417 14.76 -11.96 -22.35
C GLY B 417 15.02 -12.88 -23.53
N GLU B 418 16.05 -12.53 -24.31
CA GLU B 418 16.25 -13.09 -25.64
C GLU B 418 16.29 -14.62 -25.66
N HIS B 419 16.80 -15.25 -24.60
CA HIS B 419 16.83 -16.71 -24.56
C HIS B 419 15.45 -17.32 -24.72
N ALA B 420 14.40 -16.61 -24.27
CA ALA B 420 13.03 -17.11 -24.44
C ALA B 420 12.75 -17.43 -25.89
N TRP B 421 13.37 -16.70 -26.82
CA TRP B 421 13.12 -16.90 -28.24
C TRP B 421 13.38 -18.33 -28.69
N ASP B 422 14.32 -19.03 -28.06
CA ASP B 422 14.62 -20.39 -28.48
C ASP B 422 14.12 -21.43 -27.49
N PHE B 423 13.09 -21.08 -26.72
CA PHE B 423 12.35 -22.07 -25.94
C PHE B 423 11.69 -23.10 -26.85
N GLY B 424 11.59 -24.32 -26.33
CA GLY B 424 11.04 -25.43 -27.08
C GLY B 424 11.91 -26.06 -28.14
N SER B 425 12.32 -25.29 -29.15
CA SER B 425 13.10 -25.83 -30.24
C SER B 425 13.75 -24.70 -31.02
N ALA B 426 14.62 -25.07 -31.96
CA ALA B 426 15.26 -24.10 -32.84
C ALA B 426 14.26 -23.25 -33.59
N GLY B 427 13.14 -23.85 -34.01
CA GLY B 427 11.97 -23.11 -34.43
C GLY B 427 12.08 -22.40 -35.76
N GLY B 428 13.21 -22.54 -36.46
CA GLY B 428 13.36 -21.98 -37.79
C GLY B 428 13.40 -20.47 -37.85
N PHE B 429 12.73 -19.93 -38.88
CA PHE B 429 12.82 -18.50 -39.16
C PHE B 429 12.28 -17.66 -38.03
N LEU B 430 11.08 -17.98 -37.55
CA LEU B 430 10.40 -17.08 -36.61
C LEU B 430 11.23 -16.90 -35.35
N THR B 431 11.73 -18.01 -34.80
CA THR B 431 12.57 -17.98 -33.61
C THR B 431 13.92 -17.32 -33.88
N SER B 432 14.61 -17.74 -34.94
CA SER B 432 15.96 -17.21 -35.15
C SER B 432 15.96 -15.72 -35.49
N VAL B 433 15.00 -15.27 -36.30
CA VAL B 433 14.90 -13.83 -36.59
C VAL B 433 14.44 -13.06 -35.35
N GLY B 434 13.46 -13.58 -34.61
CA GLY B 434 13.06 -12.93 -33.39
C GLY B 434 14.20 -12.76 -32.39
N LYS B 435 14.99 -13.82 -32.21
CA LYS B 435 16.20 -13.74 -31.39
C LYS B 435 17.19 -12.70 -31.92
N ALA B 436 17.45 -12.71 -33.23
CA ALA B 436 18.43 -11.78 -33.78
C ALA B 436 18.02 -10.32 -33.57
N LEU B 437 16.79 -9.98 -33.95
CA LEU B 437 16.32 -8.62 -33.77
C LEU B 437 16.19 -8.25 -32.30
N HIS B 438 15.72 -9.17 -31.46
CA HIS B 438 15.55 -8.86 -30.05
C HIS B 438 16.89 -8.66 -29.37
N THR B 439 17.90 -9.46 -29.71
CA THR B 439 19.24 -9.25 -29.19
C THR B 439 19.81 -7.90 -29.61
N VAL B 440 19.72 -7.57 -30.91
CA VAL B 440 20.32 -6.32 -31.36
C VAL B 440 19.60 -5.11 -30.72
N LEU B 441 18.28 -5.09 -30.80
CA LEU B 441 17.51 -3.97 -30.23
C LEU B 441 17.68 -3.89 -28.72
N GLY B 442 17.56 -5.03 -28.02
CA GLY B 442 17.70 -5.02 -26.58
C GLY B 442 19.08 -4.61 -26.12
N GLY B 443 20.12 -5.03 -26.84
CA GLY B 443 21.46 -4.61 -26.51
C GLY B 443 21.66 -3.12 -26.66
N ALA B 444 21.24 -2.57 -27.80
CA ALA B 444 21.35 -1.12 -28.00
C ALA B 444 20.53 -0.34 -26.97
N PHE B 445 19.30 -0.80 -26.70
CA PHE B 445 18.47 -0.16 -25.69
C PHE B 445 19.10 -0.24 -24.31
N ASN B 446 19.53 -1.42 -23.87
CA ASN B 446 20.16 -1.54 -22.55
C ASN B 446 21.42 -0.69 -22.45
N SER B 447 22.18 -0.60 -23.55
CA SER B 447 23.35 0.27 -23.58
C SER B 447 22.99 1.73 -23.31
N LEU B 448 21.88 2.20 -23.90
CA LEU B 448 21.41 3.55 -23.59
C LEU B 448 20.80 3.64 -22.18
N PHE B 449 19.90 2.71 -21.87
CA PHE B 449 19.03 2.73 -20.70
C PHE B 449 19.68 2.33 -19.38
N GLY B 450 20.68 1.46 -19.39
CA GLY B 450 21.08 0.79 -18.16
C GLY B 450 21.32 1.68 -16.96
N GLY B 451 20.38 1.61 -16.00
CA GLY B 451 20.39 2.41 -14.80
C GLY B 451 19.51 3.65 -14.81
N VAL B 452 18.85 3.96 -15.92
CA VAL B 452 18.08 5.20 -16.00
C VAL B 452 16.90 5.22 -15.03
N GLY B 453 16.26 4.07 -14.80
CA GLY B 453 15.22 3.97 -13.79
C GLY B 453 13.83 4.43 -14.25
N PHE B 454 12.85 4.07 -13.43
CA PHE B 454 11.44 4.04 -13.83
C PHE B 454 10.89 5.44 -14.15
N LEU B 455 10.93 6.33 -13.17
CA LEU B 455 10.40 7.68 -13.40
C LEU B 455 11.17 8.41 -14.48
N PRO B 456 12.50 8.30 -14.58
CA PRO B 456 13.19 8.86 -15.76
C PRO B 456 12.70 8.27 -17.07
N LYS B 457 12.37 6.97 -17.10
CA LYS B 457 11.70 6.40 -18.27
C LYS B 457 10.46 7.18 -18.63
N ILE B 458 9.58 7.38 -17.65
CA ILE B 458 8.32 8.08 -17.88
C ILE B 458 8.58 9.51 -18.37
N LEU B 459 9.51 10.20 -17.70
CA LEU B 459 9.89 11.55 -18.10
C LEU B 459 10.37 11.62 -19.56
N VAL B 460 11.34 10.78 -19.92
CA VAL B 460 11.86 10.78 -21.29
C VAL B 460 10.78 10.44 -22.30
N GLY B 461 9.92 9.48 -21.98
CA GLY B 461 8.78 9.20 -22.84
C GLY B 461 7.86 10.38 -23.06
N VAL B 462 7.47 11.06 -21.98
CA VAL B 462 6.61 12.24 -22.09
C VAL B 462 7.29 13.35 -22.87
N VAL B 463 8.59 13.54 -22.64
CA VAL B 463 9.37 14.55 -23.38
C VAL B 463 9.36 14.25 -24.87
N LEU B 464 9.67 13.01 -25.24
CA LEU B 464 9.67 12.64 -26.66
C LEU B 464 8.29 12.76 -27.29
N ALA B 465 7.24 12.39 -26.56
CA ALA B 465 5.88 12.57 -27.07
C ALA B 465 5.54 14.04 -27.29
N TRP B 466 5.86 14.88 -26.31
CA TRP B 466 5.63 16.32 -26.46
C TRP B 466 6.39 16.89 -27.65
N LEU B 467 7.67 16.54 -27.80
CA LEU B 467 8.42 16.96 -28.98
C LEU B 467 7.80 16.45 -30.28
N GLY B 468 7.32 15.22 -30.29
CA GLY B 468 6.62 14.70 -31.46
C GLY B 468 5.38 15.49 -31.82
N LEU B 469 4.68 16.00 -30.81
CA LEU B 469 3.58 16.93 -31.07
C LEU B 469 4.08 18.28 -31.56
N ASN B 470 5.14 18.80 -30.93
CA ASN B 470 5.56 20.18 -31.17
C ASN B 470 6.23 20.34 -32.54
N MET B 471 7.20 19.48 -32.86
CA MET B 471 8.11 19.79 -33.94
C MET B 471 7.52 19.42 -35.30
N ARG B 472 8.13 19.97 -36.35
CA ARG B 472 7.52 20.11 -37.66
C ARG B 472 7.82 18.95 -38.62
N ASN B 473 9.09 18.58 -38.76
CA ASN B 473 9.48 17.86 -39.96
C ASN B 473 9.13 16.38 -39.88
N PRO B 474 9.06 15.70 -41.03
CA PRO B 474 8.56 14.32 -41.05
C PRO B 474 9.32 13.34 -40.18
N THR B 475 10.64 13.53 -40.04
CA THR B 475 11.45 12.69 -39.16
C THR B 475 10.92 12.66 -37.74
N MET B 476 10.25 13.72 -37.29
CA MET B 476 9.67 13.71 -35.95
C MET B 476 8.71 12.55 -35.74
N SER B 477 8.03 12.11 -36.79
CA SER B 477 7.20 10.90 -36.72
C SER B 477 7.99 9.69 -36.24
N MET B 478 9.24 9.56 -36.68
CA MET B 478 10.08 8.47 -36.20
C MET B 478 10.42 8.67 -34.74
N SER B 479 10.63 9.93 -34.33
CA SER B 479 10.83 10.20 -32.92
C SER B 479 9.61 9.78 -32.12
N PHE B 480 8.42 10.03 -32.65
CA PHE B 480 7.21 9.53 -32.01
C PHE B 480 7.20 8.02 -32.00
N LEU B 481 7.65 7.39 -33.08
CA LEU B 481 7.78 5.94 -33.08
C LEU B 481 8.68 5.49 -31.93
N LEU B 482 9.81 6.17 -31.75
CA LEU B 482 10.65 5.89 -30.59
C LEU B 482 9.91 6.16 -29.27
N ALA B 483 9.20 7.29 -29.21
CA ALA B 483 8.48 7.64 -27.98
C ALA B 483 7.47 6.58 -27.60
N GLY B 484 6.63 6.17 -28.54
CA GLY B 484 5.67 5.13 -28.22
C GLY B 484 6.36 3.81 -27.90
N GLY B 485 7.38 3.46 -28.69
CA GLY B 485 8.08 2.20 -28.46
C GLY B 485 8.67 2.10 -27.08
N LEU B 486 9.38 3.15 -26.65
CA LEU B 486 9.90 3.15 -25.30
C LEU B 486 8.77 3.13 -24.27
N VAL B 487 7.79 4.02 -24.42
CA VAL B 487 6.74 4.17 -23.41
C VAL B 487 6.01 2.85 -23.19
N LEU B 488 5.57 2.21 -24.27
CA LEU B 488 4.85 0.97 -24.07
C LEU B 488 5.77 -0.11 -23.50
N ALA B 489 6.99 -0.23 -24.06
CA ALA B 489 7.92 -1.25 -23.56
C ALA B 489 8.21 -1.07 -22.09
N MET B 490 8.43 0.17 -21.66
CA MET B 490 8.73 0.41 -20.26
C MET B 490 7.49 0.23 -19.40
N THR B 491 6.31 0.64 -19.90
CA THR B 491 5.10 0.45 -19.11
C THR B 491 4.67 -1.01 -19.05
N LEU B 492 4.90 -1.77 -20.12
CA LEU B 492 4.75 -3.21 -20.07
C LEU B 492 5.86 -3.86 -19.25
N SER C 1 -52.23 -38.97 -12.55
CA SER C 1 -51.97 -37.69 -13.21
C SER C 1 -51.69 -36.60 -12.17
N ARG C 2 -50.52 -36.69 -11.53
CA ARG C 2 -50.16 -35.76 -10.47
C ARG C 2 -50.35 -34.30 -10.87
N CYS C 3 -49.83 -33.93 -12.04
CA CYS C 3 -49.57 -32.53 -12.35
C CYS C 3 -50.83 -31.71 -12.67
N THR C 4 -52.01 -32.34 -12.70
CA THR C 4 -53.26 -31.59 -12.56
C THR C 4 -53.34 -30.79 -11.25
N HIS C 5 -52.57 -31.20 -10.24
CA HIS C 5 -52.49 -30.50 -8.96
C HIS C 5 -51.81 -29.16 -9.03
N LEU C 6 -51.25 -28.76 -10.17
CA LEU C 6 -50.14 -27.81 -10.18
C LEU C 6 -50.26 -26.89 -11.38
N GLU C 7 -50.43 -25.60 -11.09
CA GLU C 7 -50.15 -24.53 -12.05
C GLU C 7 -48.66 -24.47 -12.34
N ASN C 8 -48.31 -23.98 -13.54
CA ASN C 8 -46.97 -24.10 -14.11
C ASN C 8 -46.68 -25.54 -14.56
N ARG C 9 -47.72 -26.19 -15.09
CA ARG C 9 -47.53 -27.42 -15.84
C ARG C 9 -47.12 -27.10 -17.27
N ASP C 10 -46.23 -27.91 -17.82
CA ASP C 10 -45.81 -27.83 -19.20
C ASP C 10 -46.06 -29.14 -19.94
N PHE C 11 -46.28 -29.05 -21.24
CA PHE C 11 -46.44 -30.20 -22.11
C PHE C 11 -45.24 -30.32 -23.05
N VAL C 12 -44.80 -31.56 -23.27
CA VAL C 12 -43.74 -31.87 -24.21
C VAL C 12 -44.18 -33.07 -25.03
N THR C 13 -43.81 -33.09 -26.32
CA THR C 13 -44.31 -34.08 -27.26
C THR C 13 -43.16 -34.65 -28.07
N GLY C 14 -43.15 -35.96 -28.22
CA GLY C 14 -42.17 -36.66 -29.07
C GLY C 14 -42.87 -37.24 -30.28
N THR C 15 -42.25 -37.06 -31.45
CA THR C 15 -42.71 -37.72 -32.66
C THR C 15 -42.56 -39.25 -32.55
N GLN C 16 -43.17 -39.95 -33.49
CA GLN C 16 -42.75 -41.30 -33.81
C GLN C 16 -41.24 -41.36 -34.03
N GLY C 17 -40.61 -42.38 -33.45
CA GLY C 17 -39.17 -42.51 -33.49
C GLY C 17 -38.41 -41.61 -32.55
N THR C 18 -39.08 -40.68 -31.87
CA THR C 18 -38.43 -39.87 -30.85
C THR C 18 -38.03 -40.74 -29.68
N THR C 19 -36.74 -40.75 -29.36
CA THR C 19 -36.17 -41.67 -28.38
C THR C 19 -35.62 -40.96 -27.15
N ARG C 20 -35.05 -39.77 -27.30
CA ARG C 20 -34.42 -39.09 -26.17
C ARG C 20 -34.75 -37.61 -26.23
N VAL C 21 -35.23 -37.07 -25.11
CA VAL C 21 -35.84 -35.74 -25.04
C VAL C 21 -35.13 -34.95 -23.95
N THR C 22 -34.58 -33.79 -24.31
CA THR C 22 -34.07 -32.88 -23.30
C THR C 22 -35.21 -32.12 -22.64
N LEU C 23 -35.07 -31.89 -21.33
CA LEU C 23 -36.01 -31.10 -20.55
C LEU C 23 -35.24 -30.22 -19.59
N VAL C 24 -35.85 -29.11 -19.20
CA VAL C 24 -35.45 -28.38 -18.00
C VAL C 24 -36.54 -28.53 -16.95
N LEU C 25 -36.20 -29.19 -15.84
CA LEU C 25 -37.10 -29.36 -14.72
C LEU C 25 -36.87 -28.23 -13.72
N GLU C 26 -37.93 -27.83 -13.03
CA GLU C 26 -37.80 -26.80 -12.02
C GLU C 26 -38.78 -27.06 -10.87
N LEU C 27 -38.40 -26.55 -9.70
CA LEU C 27 -39.23 -26.67 -8.51
C LEU C 27 -40.53 -25.90 -8.70
N GLY C 28 -41.65 -26.52 -8.29
CA GLY C 28 -42.94 -25.91 -8.56
C GLY C 28 -43.32 -25.95 -10.02
N GLY C 29 -43.04 -27.07 -10.68
CA GLY C 29 -43.35 -27.23 -12.09
C GLY C 29 -43.27 -28.68 -12.47
N CYS C 30 -43.83 -29.00 -13.63
CA CYS C 30 -43.90 -30.39 -14.08
C CYS C 30 -43.98 -30.45 -15.60
N VAL C 31 -43.42 -31.53 -16.16
CA VAL C 31 -43.52 -31.79 -17.59
C VAL C 31 -44.37 -33.04 -17.77
N THR C 32 -45.45 -32.92 -18.52
CA THR C 32 -46.17 -34.10 -19.02
C THR C 32 -45.56 -34.50 -20.37
N ILE C 33 -44.76 -35.56 -20.36
CA ILE C 33 -44.17 -36.07 -21.60
C ILE C 33 -45.20 -36.97 -22.27
N THR C 34 -45.38 -36.76 -23.57
CA THR C 34 -46.19 -37.60 -24.44
C THR C 34 -45.37 -37.98 -25.65
N ALA C 35 -45.69 -39.13 -26.24
CA ALA C 35 -45.14 -39.49 -27.54
C ALA C 35 -46.05 -40.50 -28.21
N GLU C 36 -45.94 -40.57 -29.53
CA GLU C 36 -46.75 -41.49 -30.30
C GLU C 36 -46.47 -42.92 -29.89
N GLY C 37 -47.53 -43.65 -29.54
CA GLY C 37 -47.42 -45.06 -29.21
C GLY C 37 -46.76 -45.35 -27.89
N LYS C 38 -46.45 -44.32 -27.09
CA LYS C 38 -45.80 -44.50 -25.81
C LYS C 38 -46.69 -43.98 -24.68
N PRO C 39 -46.66 -44.62 -23.52
CA PRO C 39 -47.40 -44.08 -22.37
C PRO C 39 -46.83 -42.75 -21.91
N SER C 40 -47.72 -41.85 -21.48
CA SER C 40 -47.32 -40.54 -20.99
C SER C 40 -46.72 -40.64 -19.60
N MET C 41 -45.81 -39.72 -19.29
CA MET C 41 -45.20 -39.64 -17.97
C MET C 41 -45.35 -38.22 -17.43
N ASP C 42 -45.62 -38.08 -16.13
CA ASP C 42 -45.38 -36.81 -15.45
C ASP C 42 -44.02 -36.84 -14.77
N VAL C 43 -43.15 -35.90 -15.13
CA VAL C 43 -41.80 -35.81 -14.58
C VAL C 43 -41.64 -34.48 -13.85
N TRP C 44 -41.10 -34.53 -12.63
CA TRP C 44 -40.86 -33.28 -11.91
C TRP C 44 -39.66 -33.41 -10.99
N LEU C 45 -39.03 -32.27 -10.74
CA LEU C 45 -37.98 -32.12 -9.72
C LEU C 45 -38.59 -31.94 -8.35
N ASP C 46 -38.42 -32.93 -7.47
CA ASP C 46 -39.09 -32.89 -6.16
C ASP C 46 -38.38 -31.96 -5.18
N SER C 47 -37.08 -32.13 -4.97
CA SER C 47 -36.42 -31.38 -3.91
C SER C 47 -34.94 -31.25 -4.18
N ILE C 48 -34.38 -30.11 -3.75
CA ILE C 48 -32.96 -29.79 -3.84
C ILE C 48 -32.40 -29.58 -2.43
N TYR C 49 -31.65 -30.55 -1.90
CA TYR C 49 -31.29 -30.49 -0.48
C TYR C 49 -29.85 -30.98 -0.31
N GLN C 50 -29.26 -30.58 0.81
CA GLN C 50 -27.99 -31.15 1.28
C GLN C 50 -28.04 -31.45 2.77
N GLU C 51 -27.51 -32.60 3.17
CA GLU C 51 -27.29 -32.88 4.58
C GLU C 51 -26.07 -32.14 5.10
N ASN C 52 -26.23 -31.50 6.27
CA ASN C 52 -25.17 -30.84 7.05
C ASN C 52 -24.27 -29.94 6.21
N PRO C 53 -24.79 -28.85 5.63
CA PRO C 53 -23.90 -27.90 4.94
C PRO C 53 -22.79 -27.38 5.84
N ALA C 54 -21.73 -26.89 5.21
CA ALA C 54 -20.75 -26.08 5.91
C ALA C 54 -21.34 -24.71 6.23
N LYS C 55 -20.63 -23.93 7.03
CA LYS C 55 -21.10 -22.61 7.39
C LYS C 55 -19.99 -21.57 7.24
N THR C 56 -20.43 -20.32 7.06
CA THR C 56 -19.58 -19.24 6.57
C THR C 56 -19.35 -18.15 7.60
N ARG C 57 -20.41 -17.67 8.26
CA ARG C 57 -20.28 -16.66 9.29
C ARG C 57 -21.44 -16.79 10.28
N GLU C 58 -21.18 -16.34 11.50
CA GLU C 58 -22.23 -16.01 12.45
C GLU C 58 -22.27 -14.49 12.65
N TYR C 59 -23.48 -13.94 12.58
CA TYR C 59 -23.73 -12.54 12.91
C TYR C 59 -24.47 -12.45 14.22
N CYS C 60 -24.11 -11.45 15.04
CA CYS C 60 -24.80 -11.20 16.30
C CYS C 60 -25.95 -10.23 16.09
N LEU C 61 -27.09 -10.52 16.72
CA LEU C 61 -28.28 -9.68 16.60
C LEU C 61 -28.55 -8.80 17.82
N HIS C 62 -28.00 -9.12 18.99
CA HIS C 62 -28.26 -8.29 20.17
C HIS C 62 -27.08 -8.41 21.13
N ALA C 63 -26.34 -7.32 21.30
CA ALA C 63 -25.18 -7.32 22.18
C ALA C 63 -25.60 -7.26 23.64
N LYS C 64 -24.83 -7.96 24.48
CA LYS C 64 -24.80 -7.76 25.92
C LYS C 64 -23.55 -6.97 26.28
N LEU C 65 -23.71 -5.88 27.01
CA LEU C 65 -22.60 -5.03 27.38
C LEU C 65 -22.45 -5.03 28.90
N SER C 66 -21.20 -4.96 29.36
CA SER C 66 -20.96 -4.99 30.80
C SER C 66 -19.57 -4.45 31.12
N ASP C 67 -19.34 -4.22 32.41
CA ASP C 67 -18.06 -3.73 32.93
C ASP C 67 -17.56 -2.47 32.20
N THR C 68 -18.40 -1.44 32.18
CA THR C 68 -17.97 -0.15 31.67
C THR C 68 -16.89 0.42 32.57
N LYS C 69 -15.76 0.83 31.96
CA LYS C 69 -14.68 1.52 32.66
C LYS C 69 -14.27 2.75 31.88
N VAL C 70 -13.86 3.79 32.62
CA VAL C 70 -13.47 5.07 32.07
C VAL C 70 -12.15 5.50 32.71
N ALA C 71 -11.29 6.15 31.91
CA ALA C 71 -10.10 6.82 32.42
C ALA C 71 -9.96 8.17 31.73
N ALA C 72 -9.44 9.16 32.47
CA ALA C 72 -9.34 10.51 31.94
C ALA C 72 -8.07 11.19 32.45
N ARG C 73 -7.67 12.25 31.75
CA ARG C 73 -6.43 12.96 32.01
C ARG C 73 -6.68 14.46 31.93
N CYS C 74 -5.93 15.21 32.75
CA CYS C 74 -5.91 16.66 32.63
C CYS C 74 -5.24 17.10 31.33
N PRO C 75 -5.49 18.34 30.88
CA PRO C 75 -5.29 18.67 29.46
C PRO C 75 -3.88 18.48 28.93
N THR C 76 -2.85 18.57 29.76
CA THR C 76 -1.48 18.37 29.30
C THR C 76 -0.85 17.06 29.75
N MET C 77 -1.59 16.19 30.44
CA MET C 77 -1.02 14.96 30.98
C MET C 77 -1.12 13.80 30.01
N GLY C 78 -1.21 14.09 28.71
CA GLY C 78 -1.12 13.11 27.66
C GLY C 78 -2.28 12.14 27.57
N PRO C 79 -2.18 11.18 26.65
CA PRO C 79 -3.29 10.26 26.40
C PRO C 79 -3.64 9.41 27.61
N ALA C 80 -4.94 9.38 27.92
CA ALA C 80 -5.46 8.46 28.92
C ALA C 80 -5.45 7.04 28.37
N THR C 81 -5.10 6.07 29.22
CA THR C 81 -5.00 4.69 28.76
C THR C 81 -5.66 3.74 29.76
N LEU C 82 -6.33 2.73 29.23
CA LEU C 82 -6.96 1.68 30.00
C LEU C 82 -6.27 0.34 29.73
N ALA C 83 -6.13 -0.47 30.79
CA ALA C 83 -5.58 -1.80 30.63
C ALA C 83 -6.42 -2.67 29.70
N GLU C 84 -7.75 -2.52 29.76
CA GLU C 84 -8.66 -3.30 28.93
C GLU C 84 -8.57 -2.99 27.45
N GLU C 85 -7.86 -1.94 27.05
CA GLU C 85 -7.78 -1.58 25.63
C GLU C 85 -7.29 -2.73 24.76
N HIS C 86 -6.48 -3.63 25.30
CA HIS C 86 -5.91 -4.72 24.53
C HIS C 86 -6.57 -6.08 24.80
N GLN C 87 -7.55 -6.16 25.68
CA GLN C 87 -8.23 -7.42 25.92
C GLN C 87 -9.22 -7.72 24.81
N SER C 88 -9.28 -8.99 24.42
CA SER C 88 -10.23 -9.45 23.41
C SER C 88 -11.66 -9.34 23.89
N GLY C 89 -12.56 -9.07 22.95
CA GLY C 89 -13.97 -8.93 23.27
C GLY C 89 -14.33 -7.69 24.06
N THR C 90 -13.68 -6.57 23.77
CA THR C 90 -14.02 -5.28 24.35
C THR C 90 -14.19 -4.24 23.26
N VAL C 91 -15.08 -3.29 23.50
CA VAL C 91 -15.29 -2.13 22.65
C VAL C 91 -14.80 -0.90 23.38
N CYS C 92 -14.01 -0.07 22.71
CA CYS C 92 -13.44 1.12 23.33
C CYS C 92 -13.63 2.33 22.43
N LYS C 93 -13.60 3.51 23.04
CA LYS C 93 -13.49 4.76 22.31
C LYS C 93 -12.63 5.74 23.09
N ARG C 94 -11.91 6.59 22.35
CA ARG C 94 -11.09 7.66 22.92
C ARG C 94 -11.54 9.00 22.35
N ASP C 95 -11.59 10.02 23.21
CA ASP C 95 -12.15 11.32 22.85
C ASP C 95 -11.52 12.36 23.77
N GLN C 96 -11.94 13.62 23.60
CA GLN C 96 -11.48 14.72 24.45
C GLN C 96 -12.65 15.33 25.22
N SER C 97 -12.53 15.37 26.53
CA SER C 97 -13.36 16.16 27.42
C SER C 97 -12.85 17.60 27.49
N ASP C 98 -13.68 18.49 28.02
CA ASP C 98 -13.24 19.81 28.44
C ASP C 98 -12.98 19.85 29.94
N ARG C 99 -11.88 20.50 30.33
CA ARG C 99 -11.41 20.49 31.70
C ARG C 99 -11.03 21.92 32.11
N GLY C 100 -11.00 22.13 33.41
CA GLY C 100 -10.65 23.44 33.94
C GLY C 100 -10.51 23.41 35.45
N TRP C 101 -10.43 24.62 36.03
CA TRP C 101 -10.43 24.77 37.48
C TRP C 101 -11.57 23.99 38.12
N GLY C 102 -12.72 23.93 37.44
CA GLY C 102 -13.89 23.24 37.96
C GLY C 102 -13.81 21.72 37.92
N ASN C 103 -12.77 21.15 37.31
CA ASN C 103 -12.55 19.71 37.34
C ASN C 103 -11.21 19.36 37.99
N HIS C 104 -10.74 20.21 38.88
CA HIS C 104 -9.54 19.99 39.70
C HIS C 104 -8.27 19.84 38.89
N CYS C 105 -8.28 20.21 37.62
CA CYS C 105 -7.05 20.35 36.87
C CYS C 105 -6.47 21.74 37.06
N GLY C 106 -5.21 21.90 36.69
CA GLY C 106 -4.59 23.21 36.70
C GLY C 106 -5.01 24.10 35.54
N LEU C 107 -5.18 23.52 34.36
CA LEU C 107 -5.31 24.26 33.13
C LEU C 107 -6.71 24.09 32.56
N PHE C 108 -7.27 25.18 32.03
CA PHE C 108 -8.42 25.08 31.14
C PHE C 108 -7.98 24.53 29.78
N GLY C 109 -8.77 23.62 29.22
CA GLY C 109 -8.43 23.08 27.92
C GLY C 109 -9.18 21.79 27.65
N LYS C 110 -8.67 21.02 26.69
CA LYS C 110 -9.21 19.71 26.36
C LYS C 110 -8.30 18.60 26.89
N GLY C 111 -8.91 17.60 27.49
CA GLY C 111 -8.16 16.52 28.12
C GLY C 111 -8.65 15.15 27.68
N SER C 112 -7.70 14.25 27.46
CA SER C 112 -7.99 12.94 26.89
C SER C 112 -8.86 12.11 27.83
N ILE C 113 -9.77 11.32 27.23
CA ILE C 113 -10.63 10.39 27.97
C ILE C 113 -10.81 9.14 27.11
N VAL C 114 -10.89 7.99 27.78
CA VAL C 114 -11.07 6.70 27.11
C VAL C 114 -12.09 5.89 27.90
N THR C 115 -12.94 5.15 27.17
CA THR C 115 -13.96 4.30 27.75
C THR C 115 -13.90 2.93 27.09
N CYS C 116 -14.10 1.87 27.88
CA CYS C 116 -14.20 0.53 27.32
C CYS C 116 -15.28 -0.28 28.04
N VAL C 117 -15.94 -1.16 27.28
CA VAL C 117 -16.90 -2.12 27.83
C VAL C 117 -16.56 -3.52 27.33
N LYS C 118 -16.87 -4.53 28.14
CA LYS C 118 -17.01 -5.89 27.63
C LYS C 118 -18.24 -5.97 26.74
N ALA C 119 -18.12 -6.74 25.65
CA ALA C 119 -19.22 -6.98 24.72
C ALA C 119 -19.31 -8.47 24.37
N SER C 120 -20.54 -9.00 24.43
CA SER C 120 -20.84 -10.41 24.19
C SER C 120 -22.13 -10.45 23.39
N CYS C 121 -22.48 -11.63 22.87
CA CYS C 121 -23.73 -11.77 22.12
C CYS C 121 -24.80 -12.49 22.94
N GLU C 122 -26.01 -11.94 22.93
CA GLU C 122 -27.13 -12.47 23.69
C GLU C 122 -27.43 -13.91 23.31
N ALA C 123 -27.93 -14.66 24.30
CA ALA C 123 -28.30 -16.06 24.11
C ALA C 123 -29.34 -16.22 23.00
N LYS C 124 -29.07 -17.15 22.09
CA LYS C 124 -29.94 -17.44 20.94
C LYS C 124 -30.22 -16.21 20.08
N LYS C 125 -29.21 -15.34 19.92
CA LYS C 125 -29.35 -14.18 19.05
C LYS C 125 -28.30 -14.16 17.94
N LYS C 126 -28.11 -15.28 17.25
CA LYS C 126 -27.15 -15.36 16.14
C LYS C 126 -27.85 -15.76 14.85
N ALA C 127 -27.32 -15.26 13.74
CA ALA C 127 -27.63 -15.74 12.39
C ALA C 127 -26.44 -16.52 11.84
N THR C 128 -26.70 -17.70 11.30
CA THR C 128 -25.68 -18.56 10.73
C THR C 128 -25.86 -18.68 9.21
N GLY C 129 -24.78 -18.43 8.46
CA GLY C 129 -24.82 -18.63 7.02
C GLY C 129 -24.23 -19.95 6.57
N HIS C 130 -25.08 -20.86 6.07
CA HIS C 130 -24.64 -22.12 5.49
C HIS C 130 -24.43 -22.02 3.98
N VAL C 131 -23.52 -22.85 3.47
CA VAL C 131 -23.20 -22.86 2.04
C VAL C 131 -23.06 -24.29 1.55
N TYR C 132 -23.42 -24.50 0.28
CA TYR C 132 -23.49 -25.81 -0.33
C TYR C 132 -22.15 -26.29 -0.88
N ASP C 133 -22.02 -27.61 -0.97
CA ASP C 133 -20.87 -28.28 -1.57
C ASP C 133 -21.36 -29.00 -2.83
N ALA C 134 -20.80 -28.63 -3.98
CA ALA C 134 -21.27 -29.14 -5.27
C ALA C 134 -21.19 -30.66 -5.39
N ASN C 135 -20.30 -31.31 -4.63
CA ASN C 135 -20.13 -32.75 -4.74
C ASN C 135 -21.13 -33.54 -3.92
N LYS C 136 -21.91 -32.89 -3.05
CA LYS C 136 -22.76 -33.59 -2.09
C LYS C 136 -24.25 -33.26 -2.22
N ILE C 137 -24.60 -32.14 -2.85
CA ILE C 137 -26.02 -31.83 -3.06
C ILE C 137 -26.68 -32.93 -3.87
N VAL C 138 -27.94 -33.21 -3.56
CA VAL C 138 -28.71 -34.27 -4.22
C VAL C 138 -29.89 -33.65 -4.96
N TYR C 139 -30.01 -34.02 -6.24
CA TYR C 139 -31.09 -33.55 -7.11
C TYR C 139 -32.10 -34.68 -7.30
N THR C 140 -33.25 -34.57 -6.65
CA THR C 140 -34.21 -35.66 -6.60
C THR C 140 -35.27 -35.45 -7.69
N VAL C 141 -35.31 -36.36 -8.66
CA VAL C 141 -36.29 -36.31 -9.74
C VAL C 141 -37.29 -37.45 -9.57
N LYS C 142 -38.58 -37.15 -9.68
CA LYS C 142 -39.61 -38.18 -9.60
C LYS C 142 -40.39 -38.25 -10.91
N VAL C 143 -40.91 -39.44 -11.20
CA VAL C 143 -41.64 -39.72 -12.43
C VAL C 143 -42.84 -40.59 -12.08
N GLU C 144 -43.99 -40.29 -12.68
CA GLU C 144 -45.20 -41.06 -12.49
C GLU C 144 -45.81 -41.44 -13.83
N PRO C 145 -46.11 -42.71 -14.05
CA PRO C 145 -46.85 -43.09 -15.27
C PRO C 145 -48.32 -42.70 -15.19
N HIS C 146 -48.86 -42.25 -16.32
CA HIS C 146 -50.30 -42.04 -16.44
C HIS C 146 -51.05 -43.36 -16.51
N THR C 147 -51.46 -43.88 -15.36
CA THR C 147 -52.15 -45.17 -15.29
C THR C 147 -53.66 -45.03 -15.46
N GLY C 148 -54.18 -43.81 -15.46
CA GLY C 148 -55.62 -43.59 -15.49
C GLY C 148 -56.32 -43.84 -14.18
N ASP C 149 -55.59 -43.82 -13.07
CA ASP C 149 -56.16 -43.76 -11.73
C ASP C 149 -55.92 -42.37 -11.16
N TYR C 150 -56.90 -41.83 -10.47
CA TYR C 150 -56.76 -40.52 -9.84
C TYR C 150 -56.53 -40.64 -8.34
N VAL C 151 -55.64 -39.80 -7.82
CA VAL C 151 -55.26 -39.77 -6.42
C VAL C 151 -55.12 -38.31 -6.03
N ALA C 152 -55.58 -37.97 -4.81
CA ALA C 152 -55.50 -36.60 -4.36
C ALA C 152 -54.06 -36.20 -4.02
N ALA C 153 -53.89 -34.92 -3.71
CA ALA C 153 -52.58 -34.41 -3.29
C ALA C 153 -52.11 -35.04 -1.99
N ASN C 154 -53.04 -35.51 -1.15
CA ASN C 154 -52.69 -36.18 0.09
C ASN C 154 -52.83 -37.70 -0.03
N GLU C 155 -52.61 -38.22 -1.23
CA GLU C 155 -52.54 -39.64 -1.52
C GLU C 155 -51.26 -39.89 -2.32
N THR C 156 -50.76 -41.11 -2.26
CA THR C 156 -49.61 -41.50 -3.06
C THR C 156 -50.03 -42.43 -4.20
N HIS C 157 -49.65 -42.05 -5.42
CA HIS C 157 -49.85 -42.91 -6.57
C HIS C 157 -49.02 -44.19 -6.44
N SER C 158 -49.63 -45.32 -6.80
CA SER C 158 -48.99 -46.61 -6.59
C SER C 158 -47.71 -46.80 -7.40
N GLY C 159 -47.56 -46.07 -8.51
CA GLY C 159 -46.45 -46.25 -9.42
C GLY C 159 -45.42 -45.15 -9.44
N ARG C 160 -45.51 -44.17 -8.54
CA ARG C 160 -44.48 -43.14 -8.40
C ARG C 160 -43.10 -43.75 -8.24
N LYS C 161 -42.15 -43.27 -9.04
CA LYS C 161 -40.77 -43.68 -8.94
C LYS C 161 -39.88 -42.46 -8.68
N THR C 162 -38.73 -42.72 -8.06
CA THR C 162 -37.82 -41.67 -7.62
C THR C 162 -36.39 -42.04 -8.03
N ALA C 163 -35.63 -41.02 -8.44
CA ALA C 163 -34.18 -41.14 -8.63
C ALA C 163 -33.50 -39.98 -7.92
N SER C 164 -32.33 -40.24 -7.35
CA SER C 164 -31.59 -39.24 -6.58
C SER C 164 -30.24 -39.03 -7.26
N PHE C 165 -30.19 -38.02 -8.13
CA PHE C 165 -29.01 -37.72 -8.92
C PHE C 165 -27.98 -36.95 -8.12
N THR C 166 -26.71 -37.17 -8.45
CA THR C 166 -25.55 -36.61 -7.79
C THR C 166 -24.41 -36.61 -8.79
N VAL C 167 -23.31 -35.95 -8.42
CA VAL C 167 -22.12 -35.96 -9.26
C VAL C 167 -21.63 -37.37 -9.56
N SER C 168 -21.94 -38.33 -8.70
CA SER C 168 -21.56 -39.72 -8.94
C SER C 168 -22.62 -40.53 -9.68
N SER C 169 -23.68 -39.90 -10.20
CA SER C 169 -24.91 -40.64 -10.43
C SER C 169 -24.92 -41.40 -11.75
N GLU C 170 -24.14 -40.96 -12.74
CA GLU C 170 -24.14 -41.56 -14.08
C GLU C 170 -25.57 -41.52 -14.61
N LYS C 171 -26.21 -42.64 -14.91
CA LYS C 171 -27.45 -42.71 -15.65
C LYS C 171 -28.34 -43.77 -15.01
N THR C 172 -29.63 -43.46 -14.87
CA THR C 172 -30.54 -44.24 -14.06
C THR C 172 -31.59 -44.94 -14.92
N ILE C 173 -31.87 -46.19 -14.58
CA ILE C 173 -32.91 -46.99 -15.23
C ILE C 173 -34.04 -47.21 -14.23
N LEU C 174 -35.24 -46.74 -14.57
CA LEU C 174 -36.40 -46.85 -13.69
C LEU C 174 -37.39 -47.83 -14.29
N THR C 175 -37.63 -48.94 -13.56
CA THR C 175 -38.56 -49.98 -13.99
C THR C 175 -39.99 -49.57 -13.63
N MET C 176 -40.81 -49.26 -14.63
CA MET C 176 -42.14 -48.73 -14.43
C MET C 176 -43.19 -49.82 -14.25
N GLY C 177 -42.77 -51.06 -14.10
CA GLY C 177 -43.72 -52.18 -14.11
C GLY C 177 -44.20 -52.51 -15.50
N ASP C 178 -45.52 -52.68 -15.65
CA ASP C 178 -46.05 -53.14 -16.93
C ASP C 178 -45.82 -52.15 -18.07
N TYR C 179 -45.66 -50.87 -17.76
CA TYR C 179 -45.28 -49.86 -18.74
C TYR C 179 -43.82 -49.94 -19.18
N GLY C 180 -43.07 -50.97 -18.77
CA GLY C 180 -41.68 -51.11 -19.17
C GLY C 180 -40.70 -50.35 -18.32
N ASP C 181 -40.03 -49.34 -18.90
CA ASP C 181 -38.71 -48.95 -18.41
C ASP C 181 -38.37 -47.59 -18.99
N VAL C 182 -37.87 -46.67 -18.17
CA VAL C 182 -37.43 -45.37 -18.66
C VAL C 182 -35.99 -45.10 -18.24
N SER C 183 -35.20 -44.58 -19.18
CA SER C 183 -33.85 -44.12 -18.89
C SER C 183 -33.86 -42.64 -18.57
N LEU C 184 -33.09 -42.23 -17.56
CA LEU C 184 -33.12 -40.86 -17.10
C LEU C 184 -31.73 -40.41 -16.68
N LEU C 185 -31.40 -39.17 -17.01
CA LEU C 185 -30.07 -38.61 -16.82
C LEU C 185 -30.21 -37.12 -16.55
N CYS C 186 -29.40 -36.59 -15.64
CA CYS C 186 -29.49 -35.18 -15.28
C CYS C 186 -28.11 -34.66 -14.95
N ARG C 187 -27.83 -33.41 -15.35
CA ARG C 187 -26.50 -32.82 -15.25
C ARG C 187 -26.45 -31.85 -14.07
N VAL C 188 -25.88 -32.30 -12.95
CA VAL C 188 -25.82 -31.47 -11.75
C VAL C 188 -25.02 -30.21 -11.99
N ALA C 189 -23.99 -30.27 -12.83
CA ALA C 189 -23.26 -29.09 -13.28
C ALA C 189 -24.18 -28.02 -13.87
N SER C 190 -25.32 -28.42 -14.41
CA SER C 190 -26.27 -27.47 -14.99
C SER C 190 -27.28 -26.96 -13.98
N GLY C 191 -27.15 -27.32 -12.71
CA GLY C 191 -28.13 -26.95 -11.70
C GLY C 191 -28.10 -25.51 -11.25
N VAL C 192 -28.57 -25.28 -10.02
CA VAL C 192 -28.45 -23.97 -9.39
C VAL C 192 -26.98 -23.58 -9.24
N ASP C 193 -26.73 -22.27 -9.25
CA ASP C 193 -25.38 -21.74 -9.04
C ASP C 193 -25.13 -21.77 -7.54
N LEU C 194 -24.55 -22.87 -7.07
CA LEU C 194 -24.25 -23.08 -5.66
C LEU C 194 -23.33 -22.02 -5.09
N ALA C 195 -22.54 -21.34 -5.92
CA ALA C 195 -21.60 -20.34 -5.43
C ALA C 195 -22.32 -19.16 -4.79
N GLN C 196 -23.39 -18.68 -5.42
CA GLN C 196 -24.01 -17.41 -5.04
C GLN C 196 -25.13 -17.57 -4.03
N THR C 197 -25.34 -18.76 -3.48
CA THR C 197 -26.44 -19.04 -2.56
C THR C 197 -25.90 -19.22 -1.15
N VAL C 198 -26.48 -18.51 -0.19
CA VAL C 198 -26.25 -18.72 1.23
C VAL C 198 -27.59 -19.00 1.90
N ILE C 199 -27.61 -19.98 2.80
CA ILE C 199 -28.80 -20.29 3.57
C ILE C 199 -28.67 -19.62 4.93
N LEU C 200 -29.38 -18.51 5.09
CA LEU C 200 -29.37 -17.75 6.33
C LEU C 200 -30.33 -18.43 7.32
N GLU C 201 -29.81 -18.88 8.45
CA GLU C 201 -30.59 -19.53 9.49
C GLU C 201 -30.61 -18.64 10.73
N LEU C 202 -31.81 -18.35 11.22
CA LEU C 202 -31.92 -17.76 12.55
C LEU C 202 -32.04 -18.85 13.61
N ASP C 203 -31.76 -18.45 14.85
CA ASP C 203 -31.82 -19.37 15.98
C ASP C 203 -33.22 -19.96 16.17
N LYS C 204 -33.22 -21.13 16.82
CA LYS C 204 -34.26 -22.14 16.72
C LYS C 204 -35.59 -21.67 17.31
N THR C 205 -36.64 -22.44 16.99
CA THR C 205 -37.94 -22.46 17.65
C THR C 205 -38.78 -21.20 17.47
N SER C 206 -38.42 -20.29 16.58
CA SER C 206 -39.35 -19.21 16.25
C SER C 206 -40.57 -19.80 15.55
N GLU C 207 -41.75 -19.53 16.09
CA GLU C 207 -42.95 -20.24 15.64
C GLU C 207 -43.57 -19.59 14.41
N HIS C 208 -43.51 -18.26 14.34
CA HIS C 208 -44.23 -17.47 13.33
C HIS C 208 -43.30 -16.94 12.26
N LEU C 209 -42.12 -17.53 12.10
CA LEU C 209 -41.14 -17.15 11.09
C LEU C 209 -40.80 -18.34 10.21
N PRO C 210 -40.33 -18.10 8.99
CA PRO C 210 -39.64 -19.15 8.24
C PRO C 210 -38.48 -19.76 9.03
N THR C 211 -38.12 -20.99 8.68
CA THR C 211 -36.98 -21.63 9.33
C THR C 211 -35.65 -21.10 8.79
N ALA C 212 -35.57 -20.79 7.50
CA ALA C 212 -34.36 -20.24 6.92
C ALA C 212 -34.71 -19.53 5.62
N TRP C 213 -33.76 -18.72 5.14
CA TRP C 213 -33.94 -17.96 3.91
C TRP C 213 -32.78 -18.23 2.95
N GLN C 214 -33.06 -18.10 1.66
CA GLN C 214 -32.05 -18.28 0.62
C GLN C 214 -31.67 -16.91 0.10
N VAL C 215 -30.40 -16.53 0.28
CA VAL C 215 -29.96 -15.15 0.08
C VAL C 215 -28.71 -15.11 -0.77
N HIS C 216 -28.47 -13.95 -1.37
CA HIS C 216 -27.33 -13.73 -2.23
C HIS C 216 -26.05 -13.59 -1.41
N ARG C 217 -24.96 -14.16 -1.92
CA ARG C 217 -23.72 -14.26 -1.14
C ARG C 217 -23.15 -12.88 -0.82
N ASP C 218 -23.17 -11.95 -1.77
CA ASP C 218 -22.59 -10.63 -1.53
C ASP C 218 -23.45 -9.82 -0.56
N TRP C 219 -24.77 -9.89 -0.68
CA TRP C 219 -25.63 -9.25 0.30
C TRP C 219 -25.35 -9.78 1.71
N PHE C 220 -25.30 -11.11 1.86
CA PHE C 220 -25.03 -11.70 3.16
C PHE C 220 -23.66 -11.27 3.68
N ASN C 221 -22.66 -11.16 2.81
CA ASN C 221 -21.35 -10.69 3.24
C ASN C 221 -21.33 -9.20 3.56
N ASP C 222 -22.32 -8.44 3.10
CA ASP C 222 -22.39 -7.01 3.35
C ASP C 222 -23.25 -6.63 4.54
N LEU C 223 -23.74 -7.60 5.32
CA LEU C 223 -24.50 -7.27 6.52
C LEU C 223 -23.70 -6.39 7.49
N ALA C 224 -24.38 -5.39 8.03
CA ALA C 224 -23.79 -4.37 8.89
C ALA C 224 -23.86 -4.76 10.38
N LEU C 225 -23.32 -5.93 10.70
CA LEU C 225 -23.45 -6.46 12.05
C LEU C 225 -22.12 -6.98 12.55
N PRO C 226 -21.98 -7.15 13.87
CA PRO C 226 -20.83 -7.91 14.39
C PRO C 226 -20.88 -9.35 13.92
N TRP C 227 -19.69 -9.92 13.73
CA TRP C 227 -19.59 -11.24 13.10
C TRP C 227 -18.36 -11.96 13.61
N LYS C 228 -18.40 -13.29 13.47
CA LYS C 228 -17.22 -14.12 13.64
C LYS C 228 -17.39 -15.37 12.79
N HIS C 229 -16.27 -16.02 12.51
CA HIS C 229 -16.31 -17.30 11.80
C HIS C 229 -16.71 -18.41 12.77
N GLU C 230 -16.94 -19.60 12.21
CA GLU C 230 -17.31 -20.75 13.02
C GLU C 230 -16.29 -20.98 14.12
N GLY C 231 -16.79 -21.16 15.34
CA GLY C 231 -15.96 -21.55 16.46
C GLY C 231 -14.97 -20.51 16.95
N ALA C 232 -14.87 -19.36 16.29
CA ALA C 232 -14.04 -18.27 16.78
C ALA C 232 -14.56 -17.79 18.13
N GLN C 233 -13.63 -17.33 18.97
CA GLN C 233 -13.97 -17.05 20.36
C GLN C 233 -14.66 -15.72 20.56
N ASN C 234 -14.40 -14.72 19.72
CA ASN C 234 -14.88 -13.37 20.01
C ASN C 234 -15.38 -12.68 18.74
N TRP C 235 -16.21 -11.67 18.95
CA TRP C 235 -16.94 -11.00 17.87
C TRP C 235 -16.09 -9.88 17.28
N ASN C 236 -15.93 -9.90 15.96
CA ASN C 236 -15.40 -8.75 15.22
C ASN C 236 -16.44 -7.65 15.04
N ASN C 237 -15.96 -6.41 14.96
CA ASN C 237 -16.79 -5.21 14.77
C ASN C 237 -17.92 -5.09 15.80
N ALA C 238 -17.64 -5.50 17.04
CA ALA C 238 -18.66 -5.45 18.09
C ALA C 238 -19.16 -4.04 18.36
N GLU C 239 -18.39 -3.01 18.00
CA GLU C 239 -18.82 -1.62 18.13
C GLU C 239 -20.09 -1.30 17.35
N ARG C 240 -20.45 -2.10 16.34
CA ARG C 240 -21.58 -1.78 15.48
C ARG C 240 -22.91 -1.79 16.22
N LEU C 241 -22.96 -2.36 17.43
CA LEU C 241 -24.17 -2.38 18.24
C LEU C 241 -24.09 -1.45 19.44
N VAL C 242 -23.07 -0.60 19.50
CA VAL C 242 -22.79 0.25 20.66
C VAL C 242 -22.61 1.69 20.19
N GLU C 243 -23.09 2.64 20.98
CA GLU C 243 -22.78 4.05 20.78
C GLU C 243 -22.25 4.67 22.06
N PHE C 244 -21.41 5.67 21.92
CA PHE C 244 -20.86 6.41 23.05
C PHE C 244 -21.42 7.82 23.08
N GLY C 245 -21.92 8.24 24.25
CA GLY C 245 -22.35 9.60 24.43
C GLY C 245 -21.19 10.58 24.43
N ALA C 246 -21.53 11.86 24.26
CA ALA C 246 -20.52 12.91 24.30
C ALA C 246 -19.85 12.95 25.66
N PRO C 247 -18.54 13.16 25.72
CA PRO C 247 -17.84 13.16 27.00
C PRO C 247 -18.17 14.41 27.81
N HIS C 248 -18.25 14.25 29.13
CA HIS C 248 -18.66 15.32 30.03
C HIS C 248 -17.80 15.22 31.29
N ALA C 249 -16.87 16.17 31.44
CA ALA C 249 -15.82 16.13 32.46
C ALA C 249 -15.08 14.80 32.47
N VAL C 250 -15.11 14.10 33.60
CA VAL C 250 -14.45 12.80 33.73
C VAL C 250 -15.32 11.65 33.26
N LYS C 251 -16.51 11.91 32.72
CA LYS C 251 -17.54 10.90 32.54
C LYS C 251 -17.90 10.75 31.07
N MET C 252 -18.19 9.51 30.68
CA MET C 252 -18.64 9.18 29.34
C MET C 252 -19.56 7.97 29.44
N ASP C 253 -20.56 7.92 28.56
CA ASP C 253 -21.68 7.00 28.72
C ASP C 253 -21.83 6.10 27.50
N VAL C 254 -22.27 4.87 27.74
CA VAL C 254 -22.36 3.83 26.72
C VAL C 254 -23.81 3.42 26.55
N TYR C 255 -24.30 3.46 25.31
CA TYR C 255 -25.68 3.13 24.98
C TYR C 255 -25.72 1.90 24.09
N ASN C 256 -26.42 0.86 24.54
CA ASN C 256 -26.71 -0.33 23.75
C ASN C 256 -27.82 -0.03 22.74
N LEU C 257 -27.54 -0.24 21.45
CA LEU C 257 -28.54 -0.01 20.41
C LEU C 257 -29.64 -1.06 20.37
N GLY C 258 -29.50 -2.15 21.11
CA GLY C 258 -30.55 -3.14 21.25
C GLY C 258 -30.72 -4.07 20.06
N ASP C 259 -31.83 -4.81 20.10
CA ASP C 259 -32.05 -5.95 19.21
C ASP C 259 -32.29 -5.49 17.77
N HIS C 260 -31.39 -5.91 16.87
CA HIS C 260 -31.45 -5.60 15.44
C HIS C 260 -32.23 -6.63 14.62
N THR C 261 -32.85 -7.61 15.26
CA THR C 261 -33.68 -8.59 14.54
C THR C 261 -34.74 -7.95 13.66
N GLY C 262 -35.41 -6.91 14.16
CA GLY C 262 -36.44 -6.24 13.36
C GLY C 262 -35.95 -5.65 12.05
N VAL C 263 -34.81 -4.96 12.07
CA VAL C 263 -34.29 -4.40 10.82
C VAL C 263 -33.76 -5.49 9.89
N LEU C 264 -33.33 -6.62 10.43
CA LEU C 264 -32.98 -7.75 9.57
C LEU C 264 -34.23 -8.31 8.89
N LEU C 265 -35.24 -8.68 9.67
CA LEU C 265 -36.43 -9.29 9.08
C LEU C 265 -37.10 -8.33 8.10
N LYS C 266 -37.13 -7.03 8.42
CA LYS C 266 -37.64 -6.05 7.47
C LYS C 266 -36.72 -5.89 6.26
N SER C 267 -35.44 -6.27 6.37
CA SER C 267 -34.57 -6.28 5.20
C SER C 267 -34.71 -7.56 4.40
N LEU C 268 -35.04 -8.68 5.05
CA LEU C 268 -35.40 -9.92 4.38
C LEU C 268 -36.79 -9.85 3.77
N ALA C 269 -36.95 -9.00 2.75
CA ALA C 269 -38.21 -8.84 2.04
C ALA C 269 -37.96 -8.94 0.54
N GLY C 270 -38.87 -9.60 -0.17
CA GLY C 270 -38.58 -10.01 -1.53
C GLY C 270 -37.59 -11.15 -1.65
N VAL C 271 -37.35 -11.87 -0.58
CA VAL C 271 -36.29 -12.88 -0.50
C VAL C 271 -36.95 -14.25 -0.44
N PRO C 272 -36.52 -15.23 -1.24
CA PRO C 272 -37.16 -16.56 -1.20
C PRO C 272 -36.86 -17.28 0.10
N VAL C 273 -37.93 -17.77 0.72
CA VAL C 273 -37.82 -18.67 1.87
C VAL C 273 -37.16 -19.99 1.45
N ALA C 274 -36.40 -20.59 2.38
CA ALA C 274 -35.81 -21.91 2.25
C ALA C 274 -36.48 -22.85 3.24
N HIS C 275 -35.93 -24.06 3.38
CA HIS C 275 -36.55 -24.97 4.35
C HIS C 275 -35.49 -25.87 4.98
N ILE C 276 -35.83 -26.39 6.16
CA ILE C 276 -34.95 -27.29 6.90
C ILE C 276 -35.79 -28.46 7.41
N ASP C 277 -35.24 -29.67 7.28
CA ASP C 277 -35.96 -30.90 7.67
C ASP C 277 -34.97 -31.79 8.41
N GLY C 278 -34.92 -31.61 9.73
CA GLY C 278 -33.83 -32.19 10.50
C GLY C 278 -32.50 -31.62 10.04
N THR C 279 -31.66 -32.52 9.53
CA THR C 279 -30.35 -32.16 9.02
C THR C 279 -30.36 -31.78 7.53
N LYS C 280 -31.45 -32.06 6.82
CA LYS C 280 -31.49 -31.76 5.39
C LYS C 280 -31.89 -30.31 5.17
N TYR C 281 -31.03 -29.55 4.50
CA TYR C 281 -31.33 -28.16 4.17
C TYR C 281 -31.80 -28.08 2.73
N HIS C 282 -33.03 -27.62 2.53
CA HIS C 282 -33.70 -27.60 1.24
C HIS C 282 -33.71 -26.19 0.68
N LEU C 283 -33.46 -26.08 -0.63
CA LEU C 283 -33.84 -24.92 -1.43
C LEU C 283 -35.33 -24.95 -1.77
N LYS C 284 -35.83 -23.80 -2.24
CA LYS C 284 -37.19 -23.69 -2.74
C LYS C 284 -37.25 -23.04 -4.14
N SER C 285 -36.10 -22.81 -4.76
CA SER C 285 -36.06 -22.13 -6.06
C SER C 285 -34.85 -22.64 -6.83
N GLY C 286 -35.09 -23.30 -7.96
CA GLY C 286 -34.00 -23.90 -8.69
C GLY C 286 -34.50 -24.79 -9.82
N HIS C 287 -33.54 -25.31 -10.56
CA HIS C 287 -33.82 -26.05 -11.80
C HIS C 287 -32.66 -27.00 -12.07
N VAL C 288 -32.92 -27.95 -12.97
CA VAL C 288 -31.90 -28.88 -13.45
C VAL C 288 -32.25 -29.29 -14.88
N THR C 289 -31.24 -29.72 -15.63
CA THR C 289 -31.41 -30.16 -17.01
C THR C 289 -31.34 -31.68 -17.04
N CYS C 290 -32.34 -32.31 -17.66
CA CYS C 290 -32.42 -33.77 -17.69
C CYS C 290 -32.72 -34.26 -19.10
N GLU C 291 -32.46 -35.56 -19.32
CA GLU C 291 -32.44 -36.16 -20.65
C GLU C 291 -33.22 -37.48 -20.66
N VAL C 292 -34.53 -37.38 -20.81
CA VAL C 292 -35.45 -38.50 -20.62
C VAL C 292 -35.39 -39.46 -21.80
N GLY C 293 -35.31 -40.75 -21.51
CA GLY C 293 -35.18 -41.78 -22.54
C GLY C 293 -36.41 -42.67 -22.69
N LEU C 294 -37.24 -42.40 -23.69
CA LEU C 294 -38.47 -43.12 -23.98
C LEU C 294 -38.27 -44.41 -24.79
N GLU C 295 -37.04 -44.94 -24.82
CA GLU C 295 -36.74 -46.07 -25.70
C GLU C 295 -37.58 -47.32 -25.38
N LYS C 296 -37.69 -47.66 -24.09
CA LYS C 296 -38.22 -48.95 -23.66
C LYS C 296 -39.61 -48.89 -23.05
N LEU C 297 -40.23 -47.71 -22.98
CA LEU C 297 -41.64 -47.65 -22.58
C LEU C 297 -42.53 -48.38 -23.58
N LYS C 298 -43.58 -49.00 -23.06
CA LYS C 298 -44.56 -49.73 -23.87
C LYS C 298 -45.92 -49.58 -23.22
N MET C 299 -46.96 -49.98 -23.95
CA MET C 299 -48.34 -49.72 -23.55
C MET C 299 -49.04 -50.99 -23.11
N LYS C 300 -49.66 -50.93 -21.93
CA LYS C 300 -50.48 -52.03 -21.41
C LYS C 300 -51.77 -52.20 -22.21
N GLY C 301 -52.15 -53.46 -22.42
CA GLY C 301 -53.52 -53.74 -22.84
C GLY C 301 -53.90 -53.28 -24.23
N LEU C 302 -52.95 -53.24 -25.16
CA LEU C 302 -53.28 -53.04 -26.57
C LEU C 302 -54.03 -54.23 -27.16
N THR C 303 -53.89 -55.41 -26.57
CA THR C 303 -54.65 -56.59 -26.96
C THR C 303 -55.96 -56.76 -26.21
N TYR C 304 -56.26 -55.91 -25.24
CA TYR C 304 -57.51 -56.05 -24.48
C TYR C 304 -58.73 -55.78 -25.37
N THR C 305 -59.84 -56.40 -24.98
CA THR C 305 -61.12 -56.28 -25.69
C THR C 305 -61.81 -54.95 -25.41
N MET C 306 -62.64 -54.54 -26.36
CA MET C 306 -63.50 -53.36 -26.18
C MET C 306 -64.56 -53.61 -25.11
N CYS C 307 -64.79 -52.59 -24.28
CA CYS C 307 -65.82 -52.66 -23.24
C CYS C 307 -67.22 -52.72 -23.84
N ASP C 308 -68.19 -53.11 -23.01
CA ASP C 308 -69.60 -52.94 -23.33
C ASP C 308 -69.92 -51.45 -23.36
N LYS C 309 -70.48 -50.99 -24.48
CA LYS C 309 -70.83 -49.59 -24.63
C LYS C 309 -71.89 -49.11 -23.65
N THR C 310 -72.71 -50.00 -23.10
CA THR C 310 -73.90 -49.60 -22.36
C THR C 310 -73.68 -49.42 -20.86
N LYS C 311 -72.56 -49.88 -20.31
CA LYS C 311 -72.43 -50.04 -18.86
C LYS C 311 -71.64 -48.93 -18.19
N PHE C 312 -71.29 -47.87 -18.92
CA PHE C 312 -70.56 -46.76 -18.31
C PHE C 312 -71.50 -45.87 -17.48
N THR C 313 -70.89 -45.09 -16.59
CA THR C 313 -71.59 -44.09 -15.80
C THR C 313 -70.57 -43.06 -15.34
N TRP C 314 -70.95 -41.78 -15.38
CA TRP C 314 -70.07 -40.73 -14.89
C TRP C 314 -69.88 -40.82 -13.39
N LYS C 315 -68.62 -40.89 -12.95
CA LYS C 315 -68.29 -40.67 -11.56
C LYS C 315 -67.88 -39.23 -11.29
N ARG C 316 -67.02 -38.69 -12.16
CA ARG C 316 -66.72 -37.26 -12.24
C ARG C 316 -67.01 -36.81 -13.66
N ILE C 317 -67.95 -35.87 -13.80
CA ILE C 317 -68.33 -35.38 -15.13
C ILE C 317 -67.21 -34.53 -15.73
N PRO C 318 -67.17 -34.38 -17.05
CA PRO C 318 -66.18 -33.51 -17.69
C PRO C 318 -66.15 -32.10 -17.09
N THR C 319 -64.95 -31.64 -16.76
CA THR C 319 -64.79 -30.29 -16.23
C THR C 319 -63.45 -29.74 -16.69
N ASP C 320 -63.33 -28.41 -16.62
CA ASP C 320 -62.14 -27.72 -17.10
C ASP C 320 -60.99 -27.89 -16.11
N SER C 321 -59.83 -28.29 -16.62
CA SER C 321 -58.62 -28.39 -15.80
C SER C 321 -57.98 -27.02 -15.55
N GLY C 322 -58.34 -26.01 -16.32
CA GLY C 322 -57.60 -24.76 -16.34
C GLY C 322 -56.33 -24.80 -17.17
N HIS C 323 -56.01 -25.94 -17.77
CA HIS C 323 -54.93 -26.06 -18.75
C HIS C 323 -55.47 -26.19 -20.18
N ASP C 324 -56.71 -25.74 -20.41
CA ASP C 324 -57.41 -25.99 -21.68
C ASP C 324 -57.56 -27.48 -21.97
N THR C 325 -57.66 -28.30 -20.92
CA THR C 325 -57.93 -29.71 -21.07
C THR C 325 -59.12 -30.11 -20.20
N VAL C 326 -59.80 -31.17 -20.62
CA VAL C 326 -60.98 -31.68 -19.94
C VAL C 326 -60.60 -32.93 -19.18
N VAL C 327 -60.99 -33.01 -17.91
CA VAL C 327 -60.70 -34.16 -17.06
C VAL C 327 -62.02 -34.78 -16.62
N MET C 328 -62.04 -36.11 -16.54
CA MET C 328 -63.28 -36.82 -16.25
C MET C 328 -62.93 -38.17 -15.64
N GLU C 329 -63.94 -38.81 -15.06
CA GLU C 329 -63.77 -40.17 -14.56
C GLU C 329 -65.08 -40.93 -14.71
N VAL C 330 -65.00 -42.12 -15.29
CA VAL C 330 -66.16 -43.00 -15.47
C VAL C 330 -66.01 -44.21 -14.56
N ALA C 331 -67.10 -44.60 -13.93
CA ALA C 331 -67.22 -45.95 -13.40
C ALA C 331 -67.59 -46.92 -14.52
N PHE C 332 -67.34 -48.21 -14.27
CA PHE C 332 -67.77 -49.25 -15.20
C PHE C 332 -68.22 -50.47 -14.41
N SER C 333 -69.18 -51.21 -14.98
CA SER C 333 -69.91 -52.22 -14.22
C SER C 333 -70.05 -53.54 -14.97
N GLY C 334 -69.35 -53.73 -16.09
CA GLY C 334 -69.32 -55.01 -16.78
C GLY C 334 -68.20 -55.92 -16.32
N THR C 335 -68.00 -56.97 -17.11
CA THR C 335 -66.83 -57.82 -16.96
C THR C 335 -65.57 -57.08 -17.42
N LYS C 336 -64.45 -57.41 -16.79
CA LYS C 336 -63.21 -56.67 -16.90
C LYS C 336 -62.07 -57.64 -17.19
N PRO C 337 -60.91 -57.14 -17.63
CA PRO C 337 -60.58 -55.78 -18.07
C PRO C 337 -60.93 -55.51 -19.53
N CYS C 338 -60.99 -54.23 -19.91
CA CYS C 338 -61.40 -53.86 -21.26
C CYS C 338 -60.90 -52.46 -21.59
N ARG C 339 -60.90 -52.13 -22.88
CA ARG C 339 -60.54 -50.81 -23.37
C ARG C 339 -61.75 -49.87 -23.44
N ILE C 340 -61.57 -48.66 -22.90
CA ILE C 340 -62.66 -47.68 -22.83
C ILE C 340 -62.89 -47.08 -24.21
N PRO C 341 -64.12 -47.09 -24.74
CA PRO C 341 -64.45 -46.53 -26.05
C PRO C 341 -64.53 -45.00 -26.11
N VAL C 342 -63.46 -44.33 -25.68
CA VAL C 342 -63.47 -42.87 -25.68
C VAL C 342 -63.42 -42.34 -27.12
N ARG C 343 -64.26 -41.36 -27.41
CA ARG C 343 -64.13 -40.56 -28.63
C ARG C 343 -64.82 -39.23 -28.41
N ALA C 344 -64.52 -38.26 -29.27
CA ALA C 344 -65.20 -36.97 -29.23
C ALA C 344 -65.37 -36.47 -30.65
N VAL C 345 -66.44 -35.69 -30.87
CA VAL C 345 -66.71 -35.13 -32.19
C VAL C 345 -67.04 -33.65 -32.07
N ALA C 346 -66.63 -32.87 -33.06
CA ALA C 346 -67.15 -31.52 -33.20
C ALA C 346 -68.64 -31.58 -33.57
N HIS C 347 -69.36 -30.51 -33.25
CA HIS C 347 -70.78 -30.49 -33.54
C HIS C 347 -71.01 -30.48 -35.06
N GLY C 348 -72.21 -30.88 -35.46
CA GLY C 348 -72.43 -31.34 -36.81
C GLY C 348 -72.04 -32.79 -37.03
N SER C 349 -71.49 -33.45 -36.01
CA SER C 349 -71.26 -34.89 -35.95
C SER C 349 -70.67 -35.47 -37.24
N PRO C 350 -69.50 -34.97 -37.69
CA PRO C 350 -68.94 -35.48 -38.95
C PRO C 350 -68.44 -36.91 -38.85
N ASP C 351 -68.45 -37.49 -37.65
CA ASP C 351 -67.84 -38.80 -37.37
C ASP C 351 -66.35 -38.80 -37.71
N VAL C 352 -65.67 -37.70 -37.40
CA VAL C 352 -64.21 -37.64 -37.41
C VAL C 352 -63.73 -37.32 -36.00
N ASN C 353 -62.90 -38.20 -35.44
CA ASN C 353 -62.47 -38.04 -34.05
C ASN C 353 -61.63 -36.77 -33.90
N VAL C 354 -61.91 -36.01 -32.84
CA VAL C 354 -61.14 -34.81 -32.52
C VAL C 354 -60.62 -34.84 -31.09
N ALA C 355 -60.79 -35.97 -30.41
CA ALA C 355 -60.18 -36.13 -29.08
C ALA C 355 -58.68 -36.26 -29.18
N MET C 356 -57.96 -35.32 -28.55
CA MET C 356 -56.53 -35.44 -28.24
C MET C 356 -56.40 -36.08 -26.87
N LEU C 357 -56.41 -37.41 -26.82
CA LEU C 357 -56.22 -38.09 -25.55
C LEU C 357 -54.81 -37.89 -25.03
N ILE C 358 -54.69 -37.36 -23.81
CA ILE C 358 -53.42 -37.41 -23.09
C ILE C 358 -53.24 -38.75 -22.39
N THR C 359 -54.31 -39.34 -21.91
CA THR C 359 -54.26 -40.67 -21.31
C THR C 359 -54.07 -41.73 -22.38
N PRO C 360 -53.01 -42.53 -22.33
CA PRO C 360 -52.82 -43.57 -23.34
C PRO C 360 -53.84 -44.69 -23.18
N ASN C 361 -54.35 -45.16 -24.32
CA ASN C 361 -55.16 -46.35 -24.52
C ASN C 361 -56.04 -46.68 -23.31
N PRO C 362 -57.06 -45.87 -23.03
CA PRO C 362 -57.71 -45.93 -21.72
C PRO C 362 -58.34 -47.28 -21.46
N ILE C 363 -58.13 -47.80 -20.26
CA ILE C 363 -58.51 -49.17 -19.91
C ILE C 363 -59.22 -49.14 -18.55
N ILE C 364 -60.25 -49.97 -18.41
CA ILE C 364 -60.74 -50.36 -17.10
C ILE C 364 -60.03 -51.65 -16.70
N GLU C 365 -59.20 -51.55 -15.67
CA GLU C 365 -58.51 -52.72 -15.13
C GLU C 365 -59.42 -53.47 -14.16
N ASN C 366 -58.93 -54.63 -13.71
CA ASN C 366 -59.68 -55.42 -12.75
C ASN C 366 -59.96 -54.65 -11.46
N ASN C 367 -59.15 -53.65 -11.14
CA ASN C 367 -59.37 -52.88 -9.92
C ASN C 367 -59.03 -51.39 -10.09
N GLY C 368 -59.06 -50.86 -11.30
CA GLY C 368 -58.62 -49.50 -11.50
C GLY C 368 -58.91 -49.02 -12.90
N GLY C 369 -58.34 -47.85 -13.23
CA GLY C 369 -58.65 -47.17 -14.46
C GLY C 369 -59.92 -46.34 -14.38
N GLY C 370 -60.21 -45.64 -15.47
CA GLY C 370 -61.43 -44.88 -15.63
C GLY C 370 -61.26 -43.38 -15.58
N PHE C 371 -60.14 -42.87 -15.08
CA PHE C 371 -59.83 -41.45 -15.26
C PHE C 371 -59.38 -41.20 -16.69
N ILE C 372 -59.83 -40.07 -17.27
CA ILE C 372 -59.50 -39.71 -18.64
C ILE C 372 -59.21 -38.22 -18.70
N GLU C 373 -58.24 -37.85 -19.54
CA GLU C 373 -57.86 -36.46 -19.76
C GLU C 373 -57.72 -36.22 -21.26
N MET C 374 -58.33 -35.14 -21.75
CA MET C 374 -58.47 -34.90 -23.18
C MET C 374 -58.17 -33.44 -23.47
N GLN C 375 -57.72 -33.16 -24.69
CA GLN C 375 -57.80 -31.83 -25.25
C GLN C 375 -58.72 -31.85 -26.48
N LEU C 376 -59.40 -30.74 -26.72
CA LEU C 376 -60.44 -30.69 -27.74
C LEU C 376 -60.33 -29.42 -28.56
N PRO C 377 -60.78 -29.45 -29.82
CA PRO C 377 -60.78 -28.23 -30.62
C PRO C 377 -61.80 -27.23 -30.10
N PRO C 378 -61.57 -25.93 -30.33
CA PRO C 378 -62.48 -24.90 -29.82
C PRO C 378 -63.92 -25.07 -30.29
N GLY C 379 -64.84 -24.48 -29.54
CA GLY C 379 -66.25 -24.50 -29.89
C GLY C 379 -67.01 -25.70 -29.36
N ASP C 380 -68.12 -26.00 -30.04
CA ASP C 380 -69.08 -26.98 -29.54
C ASP C 380 -68.70 -28.39 -29.97
N ASN C 381 -68.63 -29.29 -29.00
CA ASN C 381 -68.23 -30.67 -29.18
C ASN C 381 -69.18 -31.56 -28.39
N ILE C 382 -69.22 -32.84 -28.76
CA ILE C 382 -69.90 -33.85 -27.96
C ILE C 382 -68.91 -34.97 -27.66
N ILE C 383 -68.67 -35.22 -26.37
CA ILE C 383 -67.80 -36.28 -25.89
C ILE C 383 -68.63 -37.55 -25.77
N TYR C 384 -68.04 -38.70 -26.14
CA TYR C 384 -68.69 -39.98 -26.00
C TYR C 384 -67.76 -40.97 -25.32
N VAL C 385 -68.36 -41.78 -24.44
CA VAL C 385 -67.70 -42.90 -23.77
C VAL C 385 -68.69 -44.05 -23.86
N GLY C 386 -68.55 -44.89 -24.89
CA GLY C 386 -69.64 -45.77 -25.23
C GLY C 386 -70.87 -44.97 -25.60
N GLU C 387 -72.01 -45.36 -25.03
CA GLU C 387 -73.23 -44.59 -25.21
C GLU C 387 -73.28 -43.35 -24.34
N LEU C 388 -72.50 -43.32 -23.25
CA LEU C 388 -72.51 -42.17 -22.36
C LEU C 388 -71.96 -40.95 -23.09
N SER C 389 -72.63 -39.81 -22.98
CA SER C 389 -72.18 -38.67 -23.77
C SER C 389 -72.45 -37.37 -23.04
N HIS C 390 -71.72 -36.33 -23.45
CA HIS C 390 -71.77 -35.05 -22.74
C HIS C 390 -71.37 -33.91 -23.67
N GLN C 391 -72.24 -32.93 -23.81
CA GLN C 391 -71.95 -31.75 -24.62
C GLN C 391 -70.92 -30.85 -23.92
N TRP C 392 -69.85 -30.49 -24.64
CA TRP C 392 -68.79 -29.65 -24.08
C TRP C 392 -68.55 -28.47 -25.01
N PHE C 393 -68.42 -27.28 -24.46
CA PHE C 393 -68.05 -26.10 -25.24
C PHE C 393 -66.68 -25.59 -24.81
N GLN C 394 -65.74 -25.57 -25.75
CA GLN C 394 -64.33 -25.30 -25.45
C GLN C 394 -64.02 -23.84 -25.74
N LYS C 395 -63.43 -23.16 -24.75
CA LYS C 395 -63.53 -21.71 -24.65
C LYS C 395 -62.71 -20.98 -25.70
N GLY C 396 -61.39 -21.16 -25.67
CA GLY C 396 -60.49 -20.25 -26.36
C GLY C 396 -60.42 -20.46 -27.86
N SER C 397 -60.22 -19.34 -28.57
CA SER C 397 -59.96 -19.36 -30.00
C SER C 397 -58.57 -19.92 -30.29
N SER C 398 -58.41 -20.46 -31.51
CA SER C 398 -57.14 -21.03 -31.92
C SER C 398 -56.00 -20.02 -31.87
N ILE C 399 -56.22 -18.81 -32.41
CA ILE C 399 -55.22 -17.76 -32.30
C ILE C 399 -54.98 -17.36 -30.85
N GLY C 400 -56.02 -17.41 -30.02
CA GLY C 400 -55.81 -17.17 -28.60
C GLY C 400 -54.94 -18.22 -27.94
N ARG C 401 -55.13 -19.49 -28.29
CA ARG C 401 -54.28 -20.55 -27.78
C ARG C 401 -52.83 -20.42 -28.28
N VAL C 402 -52.64 -20.08 -29.56
CA VAL C 402 -51.30 -19.84 -30.08
C VAL C 402 -50.61 -18.70 -29.34
N PHE C 403 -51.29 -17.57 -29.18
CA PHE C 403 -50.74 -16.47 -28.40
C PHE C 403 -50.42 -16.90 -26.98
N GLN C 404 -51.35 -17.60 -26.33
CA GLN C 404 -51.14 -18.04 -24.95
C GLN C 404 -49.92 -18.95 -24.82
N LYS C 405 -49.74 -19.87 -25.78
CA LYS C 405 -48.54 -20.70 -25.80
C LYS C 405 -47.26 -19.88 -25.96
N THR C 406 -47.28 -18.85 -26.82
CA THR C 406 -46.14 -17.95 -26.89
C THR C 406 -45.91 -17.17 -25.60
N ARG C 407 -47.00 -16.77 -24.94
CA ARG C 407 -46.88 -16.08 -23.65
C ARG C 407 -46.29 -16.97 -22.56
N LYS C 408 -46.73 -18.22 -22.50
CA LYS C 408 -46.08 -19.21 -21.63
C LYS C 408 -44.60 -19.39 -21.97
N GLY C 409 -44.27 -19.48 -23.26
CA GLY C 409 -42.88 -19.54 -23.66
C GLY C 409 -42.06 -18.37 -23.16
N ILE C 410 -42.56 -17.15 -23.38
CA ILE C 410 -41.90 -15.95 -22.88
C ILE C 410 -41.78 -15.96 -21.36
N GLU C 411 -42.84 -16.37 -20.67
CA GLU C 411 -42.84 -16.43 -19.21
C GLU C 411 -41.75 -17.34 -18.67
N ARG C 412 -41.60 -18.53 -19.25
CA ARG C 412 -40.47 -19.38 -18.84
C ARG C 412 -39.13 -18.85 -19.36
N LEU C 413 -39.14 -18.19 -20.51
CA LEU C 413 -37.91 -17.82 -21.21
C LEU C 413 -36.97 -16.96 -20.39
N THR C 414 -37.46 -16.14 -19.47
CA THR C 414 -36.51 -15.34 -18.68
C THR C 414 -35.70 -16.21 -17.73
N VAL C 415 -36.35 -17.05 -16.94
CA VAL C 415 -35.65 -17.90 -15.98
C VAL C 415 -34.89 -19.01 -16.69
N ILE C 416 -35.55 -19.74 -17.58
CA ILE C 416 -34.88 -20.88 -18.21
C ILE C 416 -33.82 -20.39 -19.19
N GLY C 417 -34.18 -19.48 -20.09
CA GLY C 417 -33.24 -18.99 -21.09
C GLY C 417 -32.03 -18.30 -20.50
N GLU C 418 -32.17 -17.62 -19.36
CA GLU C 418 -30.97 -17.13 -18.71
C GLU C 418 -30.06 -18.29 -18.28
N HIS C 419 -30.65 -19.40 -17.84
CA HIS C 419 -29.86 -20.61 -17.68
C HIS C 419 -29.53 -21.26 -19.02
N ALA C 420 -30.55 -21.49 -19.86
CA ALA C 420 -30.33 -22.28 -21.07
C ALA C 420 -31.48 -22.04 -22.05
N TRP C 421 -31.14 -21.79 -23.31
CA TRP C 421 -32.14 -21.53 -24.34
C TRP C 421 -32.89 -22.80 -24.76
N ASP C 422 -32.25 -23.96 -24.62
CA ASP C 422 -32.77 -25.20 -25.22
C ASP C 422 -33.68 -25.95 -24.27
N PHE C 423 -34.85 -25.35 -24.02
CA PHE C 423 -35.97 -26.12 -23.47
C PHE C 423 -36.65 -26.95 -24.56
N GLY C 424 -36.81 -26.37 -25.75
CA GLY C 424 -37.65 -26.92 -26.78
C GLY C 424 -37.12 -28.10 -27.57
N SER C 425 -36.69 -29.15 -26.87
CA SER C 425 -36.34 -30.44 -27.47
C SER C 425 -35.42 -30.31 -28.68
N ALA C 426 -34.41 -29.44 -28.56
CA ALA C 426 -33.30 -29.36 -29.52
C ALA C 426 -33.78 -29.08 -30.94
N GLY C 427 -34.41 -27.92 -31.11
CA GLY C 427 -34.58 -27.32 -32.44
C GLY C 427 -33.28 -26.78 -32.98
N GLY C 428 -32.25 -27.62 -32.94
CA GLY C 428 -30.88 -27.14 -32.82
C GLY C 428 -30.45 -26.09 -33.84
N PHE C 429 -30.89 -26.25 -35.09
CA PHE C 429 -30.44 -25.29 -36.11
C PHE C 429 -30.93 -23.87 -35.83
N LEU C 430 -32.19 -23.72 -35.40
CA LEU C 430 -32.65 -22.45 -34.86
C LEU C 430 -32.12 -22.21 -33.44
N THR C 431 -32.29 -23.21 -32.57
CA THR C 431 -32.09 -23.02 -31.14
C THR C 431 -30.65 -22.64 -30.79
N SER C 432 -29.65 -23.22 -31.46
CA SER C 432 -28.27 -22.85 -31.18
C SER C 432 -27.97 -21.41 -31.55
N VAL C 433 -28.54 -20.92 -32.65
CA VAL C 433 -28.36 -19.52 -33.03
C VAL C 433 -29.03 -18.61 -32.02
N GLY C 434 -30.27 -18.94 -31.65
CA GLY C 434 -30.95 -18.18 -30.60
C GLY C 434 -30.19 -18.18 -29.29
N LYS C 435 -29.66 -19.33 -28.89
CA LYS C 435 -28.86 -19.43 -27.68
C LYS C 435 -27.61 -18.56 -27.74
N ALA C 436 -26.91 -18.58 -28.89
CA ALA C 436 -25.70 -17.77 -29.01
C ALA C 436 -26.02 -16.28 -28.92
N LEU C 437 -27.01 -15.83 -29.70
CA LEU C 437 -27.43 -14.43 -29.63
C LEU C 437 -27.86 -14.02 -28.23
N HIS C 438 -28.71 -14.84 -27.59
CA HIS C 438 -29.14 -14.54 -26.23
C HIS C 438 -27.99 -14.57 -25.23
N THR C 439 -27.01 -15.45 -25.43
CA THR C 439 -25.85 -15.50 -24.56
C THR C 439 -25.04 -14.22 -24.63
N VAL C 440 -24.72 -13.76 -25.83
CA VAL C 440 -23.94 -12.53 -25.96
C VAL C 440 -24.74 -11.31 -25.54
N LEU C 441 -26.05 -11.30 -25.82
CA LEU C 441 -26.92 -10.23 -25.36
C LEU C 441 -26.96 -10.16 -23.83
N GLY C 442 -27.14 -11.32 -23.17
CA GLY C 442 -27.11 -11.35 -21.72
C GLY C 442 -25.77 -10.96 -21.14
N GLY C 443 -24.67 -11.38 -21.79
CA GLY C 443 -23.36 -10.92 -21.38
C GLY C 443 -23.24 -9.40 -21.37
N ALA C 444 -23.65 -8.76 -22.46
CA ALA C 444 -23.65 -7.30 -22.50
C ALA C 444 -24.59 -6.72 -21.44
N PHE C 445 -25.85 -7.12 -21.46
CA PHE C 445 -26.89 -6.52 -20.63
C PHE C 445 -26.74 -6.85 -19.15
N ASN C 446 -25.83 -7.75 -18.79
CA ASN C 446 -25.47 -8.00 -17.40
C ASN C 446 -24.16 -7.36 -17.00
N SER C 447 -23.20 -7.21 -17.92
CA SER C 447 -21.97 -6.52 -17.56
C SER C 447 -22.22 -5.02 -17.44
N LEU C 448 -22.95 -4.44 -18.38
CA LEU C 448 -23.67 -3.20 -18.14
C LEU C 448 -24.91 -3.45 -17.27
N PHE C 449 -25.33 -2.40 -16.56
CA PHE C 449 -26.54 -2.39 -15.74
C PHE C 449 -26.57 -3.47 -14.66
N GLY C 450 -25.48 -4.22 -14.46
CA GLY C 450 -25.45 -5.25 -13.46
C GLY C 450 -25.71 -4.73 -12.06
N GLY C 451 -26.76 -5.23 -11.41
CA GLY C 451 -27.10 -4.81 -10.06
C GLY C 451 -27.76 -3.45 -9.97
N VAL C 452 -28.06 -2.80 -11.11
CA VAL C 452 -28.63 -1.46 -11.09
C VAL C 452 -30.11 -1.50 -10.67
N GLY C 453 -30.80 -2.61 -10.93
CA GLY C 453 -32.20 -2.72 -10.61
C GLY C 453 -33.13 -2.05 -11.61
N PHE C 454 -34.38 -2.56 -11.67
CA PHE C 454 -35.26 -2.23 -12.79
C PHE C 454 -35.58 -0.75 -12.88
N LEU C 455 -35.94 -0.12 -11.76
CA LEU C 455 -36.28 1.31 -11.81
C LEU C 455 -35.10 2.20 -12.18
N PRO C 456 -33.92 2.08 -11.55
CA PRO C 456 -32.77 2.86 -12.03
C PRO C 456 -32.35 2.53 -13.46
N LYS C 457 -32.47 1.26 -13.86
CA LYS C 457 -32.29 0.86 -15.25
C LYS C 457 -33.19 1.67 -16.18
N ILE C 458 -34.49 1.69 -15.89
CA ILE C 458 -35.45 2.41 -16.73
C ILE C 458 -35.15 3.91 -16.74
N LEU C 459 -34.83 4.47 -15.57
CA LEU C 459 -34.45 5.89 -15.49
C LEU C 459 -33.26 6.22 -16.38
N VAL C 460 -32.18 5.42 -16.30
CA VAL C 460 -31.05 5.61 -17.21
C VAL C 460 -31.42 5.37 -18.67
N GLY C 461 -32.34 4.44 -18.93
CA GLY C 461 -32.92 4.33 -20.26
C GLY C 461 -33.60 5.59 -20.76
N VAL C 462 -34.34 6.27 -19.89
CA VAL C 462 -34.95 7.55 -20.25
C VAL C 462 -33.90 8.62 -20.47
N VAL C 463 -32.85 8.64 -19.65
CA VAL C 463 -31.71 9.53 -19.89
C VAL C 463 -31.09 9.26 -21.27
N LEU C 464 -30.93 7.99 -21.62
CA LEU C 464 -30.43 7.63 -22.94
C LEU C 464 -31.40 8.00 -24.07
N ALA C 465 -32.71 7.93 -23.82
CA ALA C 465 -33.67 8.45 -24.79
C ALA C 465 -33.55 9.95 -25.00
N TRP C 466 -33.36 10.71 -23.92
CA TRP C 466 -33.07 12.13 -24.06
C TRP C 466 -31.77 12.38 -24.83
N LEU C 467 -30.74 11.57 -24.59
CA LEU C 467 -29.57 11.62 -25.45
C LEU C 467 -29.90 11.30 -26.90
N GLY C 468 -30.82 10.35 -27.12
CA GLY C 468 -31.37 10.14 -28.45
C GLY C 468 -31.91 11.41 -29.07
N LEU C 469 -32.67 12.17 -28.28
CA LEU C 469 -33.14 13.46 -28.74
C LEU C 469 -31.98 14.44 -28.96
N ASN C 470 -30.82 14.16 -28.36
CA ASN C 470 -29.64 14.99 -28.50
C ASN C 470 -28.64 14.46 -29.53
N MET C 471 -28.92 13.32 -30.18
CA MET C 471 -27.98 12.71 -31.11
C MET C 471 -27.76 13.61 -32.33
N ARG C 472 -26.53 14.11 -32.47
CA ARG C 472 -26.22 15.10 -33.50
C ARG C 472 -26.13 14.49 -34.91
N ASN C 473 -25.78 13.22 -35.01
CA ASN C 473 -25.47 12.60 -36.30
C ASN C 473 -25.96 11.16 -36.35
N PRO C 474 -26.08 10.58 -37.55
CA PRO C 474 -26.74 9.27 -37.65
C PRO C 474 -26.08 8.17 -36.83
N THR C 475 -24.74 8.10 -36.80
CA THR C 475 -24.08 7.11 -35.97
C THR C 475 -24.47 7.27 -34.50
N MET C 476 -24.57 8.52 -34.05
CA MET C 476 -25.05 8.76 -32.69
C MET C 476 -26.46 8.24 -32.52
N SER C 477 -27.32 8.47 -33.53
CA SER C 477 -28.66 7.87 -33.48
C SER C 477 -28.62 6.35 -33.41
N MET C 478 -27.63 5.69 -34.04
CA MET C 478 -27.49 4.25 -33.90
C MET C 478 -27.12 3.86 -32.48
N SER C 479 -26.27 4.68 -31.84
CA SER C 479 -25.96 4.48 -30.42
C SER C 479 -27.22 4.64 -29.56
N PHE C 480 -28.07 5.60 -29.92
CA PHE C 480 -29.37 5.68 -29.27
C PHE C 480 -30.22 4.44 -29.56
N LEU C 481 -30.19 3.93 -30.78
CA LEU C 481 -30.95 2.73 -31.10
C LEU C 481 -30.54 1.56 -30.20
N LEU C 482 -29.24 1.42 -29.97
CA LEU C 482 -28.72 0.47 -28.98
C LEU C 482 -29.27 0.74 -27.57
N ALA C 483 -29.27 2.02 -27.15
CA ALA C 483 -29.88 2.35 -25.87
C ALA C 483 -31.39 2.08 -25.85
N GLY C 484 -32.05 2.25 -26.99
CA GLY C 484 -33.45 1.85 -27.11
C GLY C 484 -33.68 0.37 -26.86
N GLY C 485 -32.87 -0.46 -27.49
CA GLY C 485 -32.91 -1.88 -27.22
C GLY C 485 -32.64 -2.22 -25.76
N LEU C 486 -31.67 -1.52 -25.15
CA LEU C 486 -31.41 -1.71 -23.73
C LEU C 486 -32.61 -1.34 -22.87
N VAL C 487 -33.19 -0.15 -23.09
CA VAL C 487 -34.31 0.29 -22.26
C VAL C 487 -35.56 -0.57 -22.50
N LEU C 488 -35.77 -1.06 -23.72
CA LEU C 488 -36.81 -2.06 -23.96
C LEU C 488 -36.58 -3.33 -23.15
N ALA C 489 -35.35 -3.87 -23.20
CA ALA C 489 -35.04 -5.08 -22.46
C ALA C 489 -35.20 -4.89 -20.95
N MET C 490 -34.84 -3.72 -20.43
CA MET C 490 -35.03 -3.44 -19.01
C MET C 490 -36.48 -3.18 -18.62
N THR C 491 -37.28 -2.56 -19.50
CA THR C 491 -38.69 -2.38 -19.20
C THR C 491 -39.46 -3.70 -19.29
N LEU C 492 -39.10 -4.54 -20.25
CA LEU C 492 -39.69 -5.87 -20.36
C LEU C 492 -39.30 -6.75 -19.17
N VAL D 1 28.22 10.21 1.14
CA VAL D 1 27.10 10.15 2.06
C VAL D 1 25.94 9.38 1.44
N LEU D 2 25.46 9.85 0.31
CA LEU D 2 24.26 9.30 -0.30
C LEU D 2 24.52 7.90 -0.84
N ILE D 3 23.50 7.06 -0.81
CA ILE D 3 23.49 5.76 -1.46
C ILE D 3 22.34 5.71 -2.45
N PRO D 4 22.58 5.39 -3.72
CA PRO D 4 21.49 5.37 -4.69
C PRO D 4 20.64 4.12 -4.55
N SER D 5 19.35 4.27 -4.84
CA SER D 5 18.45 3.13 -4.83
C SER D 5 18.72 2.19 -6.01
N HIS D 6 18.88 0.91 -5.71
CA HIS D 6 19.07 -0.14 -6.71
C HIS D 6 17.75 -0.68 -7.27
N ALA D 7 16.60 -0.14 -6.86
CA ALA D 7 15.36 -0.92 -6.85
C ALA D 7 15.03 -1.48 -8.23
N GLN D 8 15.03 -0.63 -9.26
CA GLN D 8 14.90 -1.09 -10.64
C GLN D 8 16.18 -1.72 -11.17
N GLY D 9 17.34 -1.24 -10.72
CA GLY D 9 18.55 -1.30 -11.53
C GLY D 9 18.95 -2.66 -12.05
N GLU D 10 18.67 -3.73 -11.29
CA GLU D 10 19.06 -5.06 -11.78
C GLU D 10 18.03 -5.70 -12.69
N LEU D 11 16.83 -5.15 -12.81
CA LEU D 11 15.81 -5.62 -13.77
C LEU D 11 15.54 -7.12 -13.66
N THR D 12 15.81 -7.75 -12.51
CA THR D 12 15.90 -9.20 -12.45
C THR D 12 14.52 -9.81 -12.24
N GLY D 13 14.33 -11.01 -12.80
CA GLY D 13 13.04 -11.67 -12.89
C GLY D 13 12.52 -12.41 -11.67
N ARG D 14 11.98 -13.60 -11.94
CA ARG D 14 11.22 -14.36 -10.94
C ARG D 14 12.09 -14.76 -9.75
N GLY D 15 11.49 -14.75 -8.57
CA GLY D 15 12.17 -15.05 -7.34
C GLY D 15 11.47 -14.39 -6.16
N HIS D 16 12.27 -13.98 -5.18
CA HIS D 16 11.78 -13.29 -4.00
C HIS D 16 12.54 -11.98 -3.86
N LYS D 17 11.83 -10.89 -3.63
CA LYS D 17 12.43 -9.56 -3.69
C LYS D 17 12.16 -8.79 -2.41
N TRP D 18 13.21 -8.12 -1.93
CA TRP D 18 13.19 -7.32 -0.71
C TRP D 18 12.41 -6.02 -0.90
N LEU D 19 11.33 -5.83 -0.12
CA LEU D 19 10.71 -4.52 0.10
C LEU D 19 10.27 -3.80 -1.18
N GLU D 20 9.86 -4.54 -2.22
CA GLU D 20 9.80 -3.95 -3.57
C GLU D 20 8.74 -2.86 -3.66
N GLY D 21 7.51 -3.16 -3.25
CA GLY D 21 6.37 -2.31 -3.60
C GLY D 21 6.37 -0.96 -2.89
N ASP D 22 6.71 -0.96 -1.60
CA ASP D 22 6.84 0.29 -0.84
C ASP D 22 7.93 1.20 -1.38
N SER D 23 8.95 0.66 -2.05
CA SER D 23 9.95 1.52 -2.69
C SER D 23 9.30 2.43 -3.73
N LEU D 24 8.50 1.84 -4.63
CA LEU D 24 7.79 2.64 -5.62
C LEU D 24 6.75 3.55 -4.96
N ARG D 25 5.95 3.00 -4.04
CA ARG D 25 4.87 3.75 -3.40
C ARG D 25 5.36 4.98 -2.63
N THR D 26 6.46 4.88 -1.88
CA THR D 26 6.87 5.99 -1.03
C THR D 26 7.18 7.27 -1.79
N HIS D 27 7.72 7.20 -3.00
CA HIS D 27 7.86 8.42 -3.82
C HIS D 27 6.51 9.12 -4.01
N LEU D 28 5.49 8.37 -4.39
CA LEU D 28 4.16 8.94 -4.55
C LEU D 28 3.63 9.50 -3.23
N THR D 29 3.85 8.79 -2.12
CA THR D 29 3.46 9.35 -0.83
C THR D 29 4.19 10.65 -0.51
N ARG D 30 5.44 10.78 -0.95
CA ARG D 30 6.16 12.05 -0.79
C ARG D 30 5.46 13.16 -1.54
N VAL D 31 5.14 12.91 -2.80
CA VAL D 31 4.43 13.92 -3.61
C VAL D 31 3.08 14.26 -3.02
N GLU D 32 2.33 13.25 -2.57
CA GLU D 32 1.02 13.48 -1.97
C GLU D 32 1.10 14.33 -0.70
N GLY D 33 2.08 14.06 0.17
CA GLY D 33 2.23 14.88 1.37
C GLY D 33 2.68 16.29 1.07
N TRP D 34 3.60 16.45 0.11
CA TRP D 34 4.02 17.78 -0.32
C TRP D 34 2.85 18.58 -0.88
N VAL D 35 2.07 17.98 -1.78
CA VAL D 35 0.84 18.60 -2.28
C VAL D 35 -0.09 18.97 -1.13
N TRP D 36 -0.31 18.05 -0.19
CA TRP D 36 -1.23 18.30 0.92
C TRP D 36 -0.84 19.52 1.72
N LYS D 37 0.44 19.64 2.07
CA LYS D 37 0.88 20.87 2.76
C LYS D 37 0.84 22.08 1.85
N ASN D 38 1.14 21.92 0.56
CA ASN D 38 1.15 23.01 -0.40
C ASN D 38 -0.22 23.58 -0.75
N ARG D 39 -1.33 22.85 -0.55
CA ARG D 39 -2.51 23.05 -1.40
C ARG D 39 -2.95 24.50 -1.55
N LEU D 40 -2.82 25.34 -0.53
CA LEU D 40 -3.06 26.78 -0.71
C LEU D 40 -2.18 27.39 -1.79
N LEU D 41 -0.87 27.15 -1.71
CA LEU D 41 0.07 27.63 -2.71
C LEU D 41 -0.10 26.92 -4.04
N ALA D 42 -0.38 25.62 -3.98
CA ALA D 42 -0.58 24.84 -5.19
C ALA D 42 -1.76 25.36 -5.99
N LEU D 43 -2.90 25.59 -5.34
CA LEU D 43 -4.06 26.18 -6.01
C LEU D 43 -3.76 27.59 -6.52
N ALA D 44 -3.00 28.38 -5.76
CA ALA D 44 -2.58 29.68 -6.25
C ALA D 44 -1.78 29.57 -7.53
N MET D 45 -0.75 28.72 -7.54
CA MET D 45 0.07 28.52 -8.73
C MET D 45 -0.73 27.91 -9.88
N VAL D 46 -1.70 27.05 -9.59
CA VAL D 46 -2.64 26.57 -10.60
C VAL D 46 -3.36 27.73 -11.28
N THR D 47 -3.91 28.66 -10.49
CA THR D 47 -4.59 29.80 -11.10
C THR D 47 -3.62 30.73 -11.82
N VAL D 48 -2.38 30.85 -11.33
CA VAL D 48 -1.36 31.60 -12.06
C VAL D 48 -1.10 30.96 -13.41
N VAL D 49 -0.96 29.63 -13.45
CA VAL D 49 -0.80 28.94 -14.72
C VAL D 49 -2.02 29.13 -15.60
N TRP D 50 -3.22 29.20 -14.99
CA TRP D 50 -4.41 29.59 -15.74
C TRP D 50 -4.27 30.97 -16.39
N LEU D 51 -3.49 31.86 -15.77
CA LEU D 51 -3.19 33.13 -16.43
C LEU D 51 -2.39 32.94 -17.72
N THR D 52 -1.99 31.71 -18.02
CA THR D 52 -1.16 31.38 -19.17
C THR D 52 -1.83 30.26 -19.94
N LEU D 53 -1.63 30.24 -21.27
CA LEU D 53 -2.09 29.10 -22.06
C LEU D 53 -1.33 29.05 -23.38
N GLU D 54 -0.27 28.22 -23.43
CA GLU D 54 0.11 27.65 -24.71
C GLU D 54 -0.75 26.44 -25.04
N SER D 55 -0.98 25.58 -24.05
CA SER D 55 -1.94 24.48 -24.14
C SER D 55 -2.22 23.97 -22.73
N VAL D 56 -3.36 23.29 -22.58
CA VAL D 56 -3.70 22.70 -21.29
C VAL D 56 -2.77 21.55 -20.93
N VAL D 57 -2.28 20.80 -21.94
CA VAL D 57 -1.26 19.79 -21.68
C VAL D 57 0.02 20.42 -21.18
N THR D 58 0.34 21.63 -21.65
CA THR D 58 1.48 22.36 -21.09
C THR D 58 1.22 22.71 -19.64
N ARG D 59 0.00 23.14 -19.32
CA ARG D 59 -0.35 23.48 -17.94
C ARG D 59 -0.13 22.31 -17.01
N VAL D 60 -0.68 21.14 -17.37
CA VAL D 60 -0.52 19.98 -16.50
C VAL D 60 0.91 19.46 -16.50
N ALA D 61 1.63 19.59 -17.62
CA ALA D 61 3.04 19.21 -17.65
C ALA D 61 3.84 20.05 -16.66
N VAL D 62 3.66 21.36 -16.68
CA VAL D 62 4.37 22.25 -15.76
C VAL D 62 3.99 21.95 -14.31
N LEU D 63 2.70 21.71 -14.05
CA LEU D 63 2.29 21.37 -12.68
C LEU D 63 2.94 20.08 -12.19
N VAL D 64 2.87 19.02 -13.00
CA VAL D 64 3.50 17.75 -12.64
C VAL D 64 5.00 17.93 -12.45
N VAL D 65 5.66 18.63 -13.37
CA VAL D 65 7.10 18.88 -13.25
C VAL D 65 7.43 19.57 -11.94
N LEU D 66 6.68 20.61 -11.60
CA LEU D 66 6.92 21.33 -10.35
C LEU D 66 6.74 20.42 -9.13
N LEU D 67 5.64 19.66 -9.10
CA LEU D 67 5.36 18.77 -7.97
C LEU D 67 6.38 17.63 -7.84
N CYS D 68 6.94 17.18 -8.96
CA CYS D 68 8.02 16.19 -8.93
C CYS D 68 9.39 16.78 -8.60
N LEU D 69 9.64 18.04 -8.97
CA LEU D 69 10.90 18.68 -8.62
C LEU D 69 10.99 18.95 -7.12
N ALA D 70 9.95 19.54 -6.54
CA ALA D 70 9.92 19.70 -5.10
C ALA D 70 9.63 18.38 -4.42
N PRO D 71 9.96 18.23 -3.13
CA PRO D 71 9.70 16.97 -2.43
C PRO D 71 8.21 16.66 -2.31
N VAL E 1 8.36 4.96 7.22
CA VAL E 1 9.47 4.54 6.39
C VAL E 1 10.60 5.56 6.45
N LEU E 2 10.26 6.80 6.09
CA LEU E 2 11.25 7.81 5.74
C LEU E 2 11.17 8.97 6.72
N ILE E 3 12.30 9.60 6.99
CA ILE E 3 12.38 10.79 7.82
C ILE E 3 12.75 11.97 6.93
N PRO E 4 11.90 12.97 6.80
CA PRO E 4 12.29 14.19 6.07
C PRO E 4 13.17 15.10 6.92
N SER E 5 13.89 15.98 6.22
CA SER E 5 14.57 17.08 6.89
C SER E 5 13.59 18.24 7.10
N HIS E 6 14.08 19.32 7.72
CA HIS E 6 13.36 20.57 7.81
C HIS E 6 14.27 21.75 7.48
N ALA E 7 13.65 22.86 7.11
CA ALA E 7 14.36 23.99 6.52
C ALA E 7 15.37 24.60 7.47
N GLN E 8 16.52 24.98 6.91
CA GLN E 8 17.65 25.49 7.69
C GLN E 8 17.31 26.83 8.34
N GLY E 9 16.50 27.66 7.70
CA GLY E 9 16.17 29.01 8.12
C GLY E 9 15.14 29.15 9.21
N GLU E 10 14.64 28.04 9.76
CA GLU E 10 13.51 28.10 10.67
C GLU E 10 13.89 28.74 12.01
N LEU E 11 14.91 28.20 12.68
CA LEU E 11 15.28 28.68 14.01
C LEU E 11 16.54 29.56 14.01
N THR E 12 17.61 29.13 13.34
CA THR E 12 18.81 29.95 13.15
C THR E 12 19.36 30.35 14.51
N GLY E 13 19.67 31.63 14.74
CA GLY E 13 20.49 32.08 15.85
C GLY E 13 21.97 31.88 15.61
N ARG E 14 22.75 32.17 16.66
CA ARG E 14 24.20 32.18 16.56
C ARG E 14 24.86 30.95 17.17
N GLY E 15 24.09 29.95 17.57
CA GLY E 15 24.67 28.77 18.17
C GLY E 15 25.35 27.88 17.15
N HIS E 16 26.21 26.99 17.65
CA HIS E 16 26.80 25.97 16.79
C HIS E 16 25.70 25.12 16.18
N LYS E 17 25.87 24.78 14.90
CA LYS E 17 24.90 23.97 14.18
C LYS E 17 25.49 22.63 13.78
N TRP E 18 24.69 21.58 13.95
CA TRP E 18 25.08 20.22 13.60
C TRP E 18 25.21 20.07 12.09
N LEU E 19 26.40 19.68 11.62
CA LEU E 19 26.68 19.48 10.19
C LEU E 19 26.39 20.73 9.35
N GLU E 20 26.78 21.89 9.88
CA GLU E 20 26.24 23.18 9.44
C GLU E 20 26.24 23.34 7.92
N GLY E 21 27.31 22.90 7.25
CA GLY E 21 27.43 23.05 5.82
C GLY E 21 26.80 22.00 4.93
N ASP E 22 26.35 20.88 5.49
CA ASP E 22 25.97 19.71 4.70
C ASP E 22 24.55 19.81 4.12
N SER E 23 23.82 20.88 4.43
CA SER E 23 22.42 20.98 4.06
C SER E 23 22.17 21.26 2.58
N LEU E 24 23.13 21.80 1.84
CA LEU E 24 22.79 22.40 0.55
C LEU E 24 23.65 21.93 -0.62
N ARG E 25 24.91 22.38 -0.67
CA ARG E 25 25.76 22.12 -1.83
C ARG E 25 25.96 20.63 -2.09
N THR E 26 25.87 19.81 -1.04
CA THR E 26 25.95 18.36 -1.18
C THR E 26 24.94 17.81 -2.19
N HIS E 27 23.76 18.43 -2.29
CA HIS E 27 22.75 17.96 -3.24
C HIS E 27 23.21 18.05 -4.69
N LEU E 28 24.18 18.91 -4.99
CA LEU E 28 24.70 18.95 -6.36
C LEU E 28 25.52 17.71 -6.71
N THR E 29 26.11 17.05 -5.70
CA THR E 29 27.01 15.94 -5.99
C THR E 29 26.32 14.79 -6.72
N ARG E 30 25.09 14.47 -6.32
CA ARG E 30 24.37 13.39 -6.98
C ARG E 30 24.10 13.73 -8.43
N VAL E 31 23.89 15.00 -8.74
CA VAL E 31 23.68 15.39 -10.12
C VAL E 31 24.95 15.18 -10.94
N GLU E 32 26.09 15.64 -10.42
CA GLU E 32 27.34 15.45 -11.16
C GLU E 32 27.68 13.98 -11.34
N GLY E 33 27.54 13.18 -10.28
CA GLY E 33 27.76 11.76 -10.42
C GLY E 33 26.78 11.13 -11.40
N TRP E 34 25.53 11.62 -11.38
CA TRP E 34 24.56 11.20 -12.38
C TRP E 34 25.04 11.50 -13.79
N VAL E 35 25.54 12.71 -14.01
CA VAL E 35 26.09 13.02 -15.33
C VAL E 35 27.18 12.03 -15.68
N TRP E 36 28.10 11.77 -14.74
CA TRP E 36 29.20 10.86 -15.01
C TRP E 36 28.78 9.44 -15.29
N LYS E 37 27.54 9.07 -14.97
CA LYS E 37 27.01 7.81 -15.49
C LYS E 37 26.28 7.99 -16.82
N ASN E 38 25.33 8.93 -16.85
CA ASN E 38 24.45 9.18 -17.98
C ASN E 38 25.15 9.61 -19.27
N ARG E 39 26.42 9.97 -19.25
CA ARG E 39 27.00 10.93 -20.19
C ARG E 39 26.62 10.81 -21.67
N LEU E 40 26.61 9.59 -22.21
CA LEU E 40 26.21 9.40 -23.61
C LEU E 40 24.77 9.83 -23.85
N LEU E 41 23.86 9.33 -23.02
CA LEU E 41 22.48 9.78 -23.08
C LEU E 41 22.38 11.26 -22.73
N ALA E 42 23.12 11.70 -21.71
CA ALA E 42 23.01 13.09 -21.27
C ALA E 42 23.36 14.06 -22.38
N LEU E 43 24.50 13.87 -23.04
CA LEU E 43 24.83 14.75 -24.16
C LEU E 43 23.80 14.60 -25.26
N ALA E 44 23.37 13.36 -25.52
CA ALA E 44 22.33 13.14 -26.51
C ALA E 44 21.09 13.90 -26.12
N MET E 45 20.66 13.76 -24.85
CA MET E 45 19.47 14.46 -24.40
C MET E 45 19.65 15.95 -24.56
N VAL E 46 20.81 16.47 -24.16
CA VAL E 46 21.10 17.88 -24.35
C VAL E 46 20.97 18.26 -25.82
N THR E 47 21.60 17.48 -26.69
CA THR E 47 21.56 17.82 -28.11
C THR E 47 20.16 17.67 -28.67
N VAL E 48 19.40 16.69 -28.16
CA VAL E 48 17.99 16.59 -28.56
C VAL E 48 17.28 17.90 -28.26
N VAL E 49 17.43 18.40 -27.04
CA VAL E 49 16.81 19.68 -26.71
C VAL E 49 17.43 20.80 -27.55
N TRP E 50 18.77 20.81 -27.64
CA TRP E 50 19.48 21.86 -28.36
C TRP E 50 19.03 21.96 -29.81
N LEU E 51 18.87 20.83 -30.48
CA LEU E 51 18.44 20.88 -31.87
C LEU E 51 16.98 21.29 -31.99
N THR E 52 16.12 20.78 -31.10
CA THR E 52 14.69 21.12 -31.22
C THR E 52 14.39 22.56 -30.78
N LEU E 53 14.84 22.94 -29.59
CA LEU E 53 14.73 24.32 -29.11
C LEU E 53 15.76 25.24 -29.78
N GLU E 54 15.52 25.53 -31.06
CA GLU E 54 16.22 26.64 -31.68
C GLU E 54 15.81 27.98 -31.07
N SER E 55 14.69 28.01 -30.35
CA SER E 55 14.38 29.08 -29.40
C SER E 55 15.32 29.01 -28.20
N VAL E 56 16.40 29.81 -28.27
CA VAL E 56 17.60 29.57 -27.48
C VAL E 56 17.28 29.59 -25.98
N VAL E 57 16.65 30.66 -25.51
CA VAL E 57 16.59 30.94 -24.08
C VAL E 57 15.90 29.82 -23.32
N THR E 58 14.81 29.27 -23.87
CA THR E 58 14.10 28.21 -23.15
C THR E 58 14.85 26.88 -23.11
N ARG E 59 15.96 26.75 -23.87
CA ARG E 59 16.84 25.61 -23.66
C ARG E 59 17.29 25.54 -22.21
N VAL E 60 17.68 26.68 -21.65
CA VAL E 60 18.28 26.68 -20.32
C VAL E 60 17.25 26.20 -19.30
N ALA E 61 16.06 26.82 -19.31
CA ALA E 61 15.00 26.46 -18.39
C ALA E 61 14.63 24.98 -18.50
N VAL E 62 14.49 24.48 -19.73
CA VAL E 62 14.13 23.07 -19.93
C VAL E 62 15.22 22.15 -19.40
N LEU E 63 16.48 22.42 -19.72
CA LEU E 63 17.56 21.55 -19.26
C LEU E 63 17.79 21.64 -17.76
N VAL E 64 17.62 22.83 -17.17
CA VAL E 64 17.64 22.96 -15.70
C VAL E 64 16.55 22.10 -15.07
N VAL E 65 15.33 22.16 -15.61
CA VAL E 65 14.26 21.31 -15.12
C VAL E 65 14.63 19.83 -15.21
N LEU E 66 15.15 19.41 -16.37
CA LEU E 66 15.52 18.01 -16.54
C LEU E 66 16.63 17.56 -15.60
N LEU E 67 17.66 18.40 -15.44
CA LEU E 67 18.75 18.09 -14.51
C LEU E 67 18.27 18.03 -13.06
N CYS E 68 17.38 18.93 -12.66
CA CYS E 68 16.88 18.91 -11.28
C CYS E 68 15.92 17.75 -11.05
N LEU E 69 15.20 17.31 -12.08
CA LEU E 69 14.43 16.08 -11.95
C LEU E 69 15.34 14.86 -11.95
N ALA E 70 16.49 14.94 -12.59
CA ALA E 70 17.44 13.83 -12.66
C ALA E 70 17.93 13.46 -11.26
N PRO E 71 17.72 12.22 -10.80
CA PRO E 71 18.13 11.76 -9.47
C PRO E 71 19.64 11.88 -9.24
N VAL F 1 -44.58 0.41 7.96
CA VAL F 1 -43.29 -0.14 7.60
C VAL F 1 -42.18 0.93 7.62
N LEU F 2 -42.32 1.98 6.81
CA LEU F 2 -41.40 3.10 6.89
C LEU F 2 -41.63 3.87 8.19
N ILE F 3 -40.54 4.43 8.73
CA ILE F 3 -40.59 5.45 9.76
C ILE F 3 -39.96 6.72 9.19
N PRO F 4 -40.68 7.84 9.14
CA PRO F 4 -40.10 9.06 8.58
C PRO F 4 -38.97 9.59 9.45
N SER F 5 -37.90 10.02 8.79
CA SER F 5 -36.73 10.53 9.49
C SER F 5 -37.04 11.86 10.17
N HIS F 6 -36.69 11.96 11.45
CA HIS F 6 -37.06 13.12 12.26
C HIS F 6 -36.38 14.40 11.78
N ALA F 7 -35.24 14.29 11.09
CA ALA F 7 -34.57 15.45 10.52
C ALA F 7 -35.44 16.22 9.53
N GLN F 8 -36.52 15.61 9.03
CA GLN F 8 -37.46 16.38 8.23
C GLN F 8 -38.29 17.32 9.10
N GLY F 9 -38.52 16.94 10.35
CA GLY F 9 -39.23 17.78 11.30
C GLY F 9 -38.30 18.57 12.18
N GLU F 10 -37.37 17.88 12.85
CA GLU F 10 -36.26 18.48 13.58
C GLU F 10 -36.77 19.59 14.51
N LEU F 11 -37.61 19.18 15.46
CA LEU F 11 -38.50 20.11 16.15
C LEU F 11 -37.74 21.21 16.89
N THR F 12 -36.49 20.96 17.29
CA THR F 12 -35.61 22.01 17.76
C THR F 12 -34.21 21.82 17.23
N GLY F 13 -33.62 22.89 16.69
CA GLY F 13 -32.28 22.85 16.15
C GLY F 13 -31.19 22.77 17.20
N ARG F 14 -31.54 22.95 18.47
CA ARG F 14 -30.59 22.96 19.57
C ARG F 14 -30.21 21.56 20.03
N GLY F 15 -30.79 20.53 19.42
CA GLY F 15 -30.75 19.20 19.97
C GLY F 15 -29.44 18.47 19.76
N HIS F 16 -29.24 17.44 20.57
CA HIS F 16 -27.99 16.68 20.62
C HIS F 16 -28.27 15.22 20.91
N LYS F 17 -29.47 14.74 20.56
CA LYS F 17 -29.97 13.45 21.01
C LYS F 17 -29.28 12.25 20.36
N TRP F 18 -28.59 12.43 19.24
CA TRP F 18 -27.84 11.32 18.65
C TRP F 18 -26.66 11.84 17.86
N LEU F 19 -25.74 10.92 17.55
CA LEU F 19 -24.76 11.08 16.48
C LEU F 19 -25.40 11.41 15.13
N GLU F 20 -26.67 11.06 14.94
CA GLU F 20 -27.28 10.91 13.62
C GLU F 20 -27.06 12.10 12.68
N GLY F 21 -26.94 13.32 13.20
CA GLY F 21 -26.66 14.47 12.34
C GLY F 21 -25.38 14.36 11.55
N ASP F 22 -24.32 13.85 12.17
CA ASP F 22 -23.12 13.50 11.42
C ASP F 22 -23.32 12.25 10.57
N SER F 23 -24.08 11.28 11.08
CA SER F 23 -24.38 10.08 10.30
C SER F 23 -25.02 10.37 8.95
N LEU F 24 -25.83 11.43 8.87
CA LEU F 24 -26.40 11.81 7.58
C LEU F 24 -25.33 12.08 6.53
N ARG F 25 -24.20 12.66 6.94
CA ARG F 25 -23.09 12.84 6.02
C ARG F 25 -22.45 11.49 5.68
N THR F 26 -22.33 10.62 6.66
CA THR F 26 -21.86 9.27 6.36
C THR F 26 -22.77 8.58 5.36
N HIS F 27 -24.07 8.89 5.37
CA HIS F 27 -24.95 8.28 4.37
C HIS F 27 -24.66 8.72 2.94
N LEU F 28 -23.84 9.76 2.73
CA LEU F 28 -23.35 10.03 1.38
C LEU F 28 -22.48 8.90 0.82
N THR F 29 -22.00 7.99 1.67
CA THR F 29 -21.41 6.75 1.19
C THR F 29 -22.32 5.96 0.25
N ARG F 30 -23.63 6.22 0.30
CA ARG F 30 -24.52 5.66 -0.73
C ARG F 30 -24.21 6.21 -2.12
N VAL F 31 -24.13 7.53 -2.25
CA VAL F 31 -23.77 8.12 -3.54
C VAL F 31 -22.33 7.77 -3.94
N GLU F 32 -21.39 7.93 -3.01
CA GLU F 32 -19.99 7.64 -3.31
C GLU F 32 -19.78 6.19 -3.71
N GLY F 33 -20.45 5.27 -3.00
CA GLY F 33 -20.36 3.87 -3.39
C GLY F 33 -20.96 3.65 -4.77
N TRP F 34 -22.11 4.26 -5.04
CA TRP F 34 -22.69 4.20 -6.37
C TRP F 34 -21.72 4.75 -7.40
N VAL F 35 -21.00 5.83 -7.04
CA VAL F 35 -19.91 6.29 -7.91
C VAL F 35 -18.86 5.20 -8.05
N TRP F 36 -18.31 4.73 -6.93
CA TRP F 36 -17.23 3.74 -6.97
C TRP F 36 -17.62 2.47 -7.69
N LYS F 37 -18.85 1.99 -7.50
CA LYS F 37 -19.29 0.80 -8.20
C LYS F 37 -19.51 1.01 -9.70
N ASN F 38 -19.73 2.25 -10.16
CA ASN F 38 -20.11 2.46 -11.55
C ASN F 38 -19.23 3.49 -12.23
N ARG F 39 -17.99 3.62 -11.78
CA ARG F 39 -17.09 4.66 -12.30
C ARG F 39 -17.02 4.67 -13.83
N LEU F 40 -16.94 3.48 -14.44
CA LEU F 40 -16.87 3.39 -15.90
C LEU F 40 -18.13 3.93 -16.55
N LEU F 41 -19.28 3.67 -15.95
CA LEU F 41 -20.50 4.26 -16.48
C LEU F 41 -20.52 5.76 -16.18
N ALA F 42 -20.09 6.16 -14.99
CA ALA F 42 -19.98 7.58 -14.68
C ALA F 42 -19.01 8.27 -15.64
N LEU F 43 -17.85 7.67 -15.86
CA LEU F 43 -16.92 8.25 -16.82
C LEU F 43 -17.52 8.24 -18.21
N ALA F 44 -18.30 7.20 -18.53
CA ALA F 44 -19.07 7.23 -19.76
C ALA F 44 -20.00 8.43 -19.78
N MET F 45 -20.78 8.58 -18.71
CA MET F 45 -21.65 9.75 -18.59
C MET F 45 -20.80 11.00 -18.65
N VAL F 46 -19.62 10.98 -18.03
CA VAL F 46 -18.72 12.12 -18.13
C VAL F 46 -18.36 12.37 -19.60
N THR F 47 -17.80 11.35 -20.26
CA THR F 47 -17.35 11.52 -21.63
C THR F 47 -18.50 11.88 -22.56
N VAL F 48 -19.67 11.30 -22.33
CA VAL F 48 -20.86 11.75 -23.06
C VAL F 48 -21.13 13.22 -22.77
N VAL F 49 -21.41 13.55 -21.50
CA VAL F 49 -21.94 14.87 -21.19
C VAL F 49 -20.90 15.96 -21.38
N TRP F 50 -19.62 15.66 -21.15
CA TRP F 50 -18.59 16.65 -21.44
C TRP F 50 -18.52 16.97 -22.93
N LEU F 51 -18.86 16.01 -23.79
CA LEU F 51 -18.89 16.25 -25.22
C LEU F 51 -20.23 16.76 -25.74
N THR F 52 -21.35 16.23 -25.24
CA THR F 52 -22.64 16.57 -25.84
C THR F 52 -23.10 17.99 -25.45
N LEU F 53 -22.88 18.41 -24.21
CA LEU F 53 -23.29 19.74 -23.81
C LEU F 53 -22.30 20.80 -24.24
N GLU F 54 -22.82 21.95 -24.67
CA GLU F 54 -22.01 23.14 -24.91
C GLU F 54 -21.81 23.96 -23.64
N SER F 55 -22.85 24.06 -22.81
CA SER F 55 -22.76 24.78 -21.55
C SER F 55 -21.73 24.13 -20.65
N VAL F 56 -20.95 24.96 -19.95
CA VAL F 56 -19.84 24.48 -19.15
C VAL F 56 -20.25 24.12 -17.73
N VAL F 57 -21.15 24.90 -17.12
CA VAL F 57 -21.56 24.61 -15.75
C VAL F 57 -22.46 23.37 -15.69
N THR F 58 -23.34 23.20 -16.69
CA THR F 58 -24.17 22.01 -16.74
C THR F 58 -23.32 20.74 -16.86
N ARG F 59 -22.19 20.83 -17.55
CA ARG F 59 -21.20 19.75 -17.62
C ARG F 59 -20.51 19.47 -16.29
N VAL F 60 -20.89 20.14 -15.21
CA VAL F 60 -20.68 19.65 -13.86
C VAL F 60 -22.02 19.38 -13.20
N ALA F 61 -22.85 20.44 -13.13
CA ALA F 61 -24.04 20.43 -12.27
C ALA F 61 -25.01 19.31 -12.63
N VAL F 62 -25.19 19.04 -13.93
CA VAL F 62 -26.12 17.98 -14.32
C VAL F 62 -25.62 16.61 -13.87
N LEU F 63 -24.32 16.35 -14.02
CA LEU F 63 -23.77 15.07 -13.58
C LEU F 63 -23.84 14.93 -12.06
N VAL F 64 -23.52 16.00 -11.34
CA VAL F 64 -23.69 16.01 -9.89
C VAL F 64 -25.13 15.70 -9.50
N VAL F 65 -26.09 16.38 -10.12
CA VAL F 65 -27.51 16.12 -9.85
C VAL F 65 -27.88 14.67 -10.11
N LEU F 66 -27.47 14.14 -11.26
CA LEU F 66 -27.75 12.74 -11.58
C LEU F 66 -27.14 11.77 -10.58
N LEU F 67 -25.88 11.97 -10.20
CA LEU F 67 -25.25 11.11 -9.20
C LEU F 67 -25.89 11.25 -7.82
N CYS F 68 -26.44 12.41 -7.49
CA CYS F 68 -27.18 12.54 -6.25
C CYS F 68 -28.58 11.93 -6.32
N LEU F 69 -29.19 11.91 -7.50
CA LEU F 69 -30.46 11.20 -7.66
C LEU F 69 -30.27 9.70 -7.67
N ALA F 70 -29.13 9.22 -8.16
CA ALA F 70 -28.84 7.80 -8.10
C ALA F 70 -28.79 7.34 -6.64
N PRO F 71 -29.49 6.26 -6.29
CA PRO F 71 -29.65 5.87 -4.88
C PRO F 71 -28.37 5.27 -4.29
C1 NAG G . 42.86 29.01 34.28
C2 NAG G . 44.37 29.14 34.18
C3 NAG G . 45.04 28.42 35.35
C4 NAG G . 44.42 28.85 36.68
C5 NAG G . 42.91 28.70 36.63
C6 NAG G . 42.22 29.23 37.88
C7 NAG G . 46.03 28.94 32.38
C8 NAG G . 46.37 28.29 31.07
N2 NAG G . 44.86 28.61 32.91
O3 NAG G . 46.43 28.72 35.36
O4 NAG G . 44.93 28.04 37.74
O5 NAG G . 42.42 29.48 35.54
O6 NAG G . 40.91 29.69 37.59
O7 NAG G . 46.79 29.73 32.92
C1 NAG H . 4.99 -34.58 5.89
C2 NAG H . 5.44 -35.58 6.96
C3 NAG H . 4.23 -36.30 7.53
C4 NAG H . 3.22 -35.30 8.05
C5 NAG H . 2.83 -34.30 6.96
C6 NAG H . 1.94 -33.19 7.46
C7 NAG H . 7.72 -36.28 6.35
C8 NAG H . 8.55 -37.37 5.76
N2 NAG H . 6.40 -36.53 6.41
O3 NAG H . 4.65 -37.17 8.58
O4 NAG H . 2.05 -35.98 8.49
O5 NAG H . 4.02 -33.68 6.45
O6 NAG H . 0.58 -33.62 7.55
O7 NAG H . 8.20 -35.22 6.75
C1 NAG I . -56.94 -36.85 2.30
C2 NAG I . -57.23 -37.85 3.41
C3 NAG I . -58.71 -38.16 3.43
C4 NAG I . -59.50 -36.87 3.62
C5 NAG I . -59.11 -35.84 2.56
C6 NAG I . -59.73 -34.48 2.82
C7 NAG I . -55.22 -39.24 3.71
C8 NAG I . -54.57 -40.56 3.42
N2 NAG I . -56.45 -39.07 3.22
O3 NAG I . -58.98 -39.06 4.49
O4 NAG I . -60.89 -37.15 3.53
O5 NAG I . -57.69 -35.65 2.55
O6 NAG I . -58.93 -33.73 3.73
O7 NAG I . -54.66 -38.37 4.38
#